data_6SKA
#
_entry.id   6SKA
#
_cell.length_a   96.260
_cell.length_b   96.260
_cell.length_c   809.220
_cell.angle_alpha   90.00
_cell.angle_beta   90.00
_cell.angle_gamma   90.00
#
_symmetry.space_group_name_H-M   'P 43 2 2'
#
loop_
_entity.id
_entity.type
_entity.pdbx_description
1 polymer Teneurin-2
2 polymer 'Adhesion G protein-coupled receptor L1'
3 branched alpha-D-mannopyranose-(1-2)-alpha-D-mannopyranose-(1-2)-alpha-D-mannopyranose-(1-3)-[alpha-D-mannopyranose-(1-3)-alpha-D-mannopyranose-(1-6)]beta-D-mannopyranose-(1-4)-2-acetamido-2-deoxy-beta-D-glucopyranose-(1-4)-2-acetamido-2-deoxy-beta-D-glucopyranose
4 branched 2-acetamido-2-deoxy-beta-D-glucopyranose-(1-4)-2-acetamido-2-deoxy-beta-D-glucopyranose
5 non-polymer 2-acetamido-2-deoxy-beta-D-glucopyranose
6 non-polymer 'CALCIUM ION'
#
loop_
_entity_poly.entity_id
_entity_poly.type
_entity_poly.pdbx_seq_one_letter_code
_entity_poly.pdbx_strand_id
1 'polypeptide(L)'
;LVSLIRGQVVTTDGTPLVGVNVSFVKYPKYGYTITRQDGMFDLVANGGSSLTLHFERAPFMSQERTVWLPWNSFYAMDTL
VMPSCDLSGFVRPDPVIISSPLSTFFSDAPGRNPIVPETQVLHEEIEVPGSSIKLIYLSSRTAGYKSLLKIIMTQSLVPL
NLIKVHLMVAVEGHLFQKSFLASPNLAYTFIWDKTDAYGQKVYGLSDAVVSVGFEYETCPSLILWEKRTALLQGFELDPS
NLGGWSLDKHHVLNVKSGILHKGNGENQFLTQQPAVITSIMGNGRRRSISCPSCNGLAEGNKLLAPVALAVGIDGSLFVG
DFNYIRRIFPSRNVTSILELRNKEFKHSNNPAHKYYLAVDPVSGSLYVSDTNSRRIYKVKSLTGTKDLAGNSEVVAGTGE
QCLPFDEARCGDGGKAVDATLMSPRGIAVDKYGLMYFVDATMIRKVDQNGIISTLLGSNDLTAVRPLSCDSSMDVSQVRL
EWPTDLAVDPMDNSLYVLENNVILRITENHQVSIIAGRPMHCQVPGIDYSLSKLAIHSALESASAIAISHTGVLYISETD
EKKINRLRQVTTNGEICLLAGAASDCDCKNDVNCNCYSGDDGYATDAILNSPSSLAVAPDGTIYIADLGNIRIRAVSKNR
PILNSFNQYEAASPGEQELYVFNADGIHQYTLSLVTGEYLYNFTYSSDNDVTEVMDSNGNSLKVRRDASGMPRHLLMPDN
QIVTLAVGTNGGLKLVSTQTLELGLMTYNGNSGLLATKSDETGWTTFYDYDHEGRLTNVTRPTGVVTSLHREMEKSITID
IENSNRDDDVTVITNLSSVEASYTVVQDQVRNSYQLCNNGTLRVMYANGMSISFHSEPHVLAGTVTPTIGRCNISLPMEN
GLNSIEWRLRKEQIKGKVTVFGRKLRVHGRNLLSIDYDRNIRTEKIYDDHRKFTLRIIYDQLGRPFLWLPSSGLAAVNVS
YFFNGRLAGLQRGAMSERTDIDKQGRIISRMFADGKVWSYTYLEKSMVLLLQSQRQYIFEYDSSDRLHAVTMPSVARHSM
STHTSVGYIRNIYNPPESNASVIFDYSDDGRILKTSFLGTGRQVFYKYGKLSKLSEIVYDSTAVTFGYDETTGVLKMVNL
QSGGFSCTIRYRKIGPLVDKQIYRFSEEGMVNARFDYTYHDNSFRIASIKPIISETPLPVDLYRYDEISGKVEHFGKFGV
IYYDINQIITTAVMTLSKHFDTHGRIKEVQYEMFRSLMYWMTVQYDSMGRVTKRELKLGPYANTTKYTYDYDGDGQLQSV
AVNDRPTWRYSYDLNGNLHLLNPGNSVRLMPLRYDLRDRITRLGDIPYKIDDDGFLCQRGSDVFEYNSKGLLTRAYNKAN
GWNVQYRYDGLGRRASCKTNLGHHLQYFYADLHNPTRVTHVYNHSNSEITSLYYDLQGHLFAMESSSGEEYYVASDNTGT
PLAVFSINGLMIKQLQYTAYGEIYYDSNPDFQLVIGFHGGLYDPLTKLVHFTQRDYDVLAGRWTSPDYTMWKNIGREPAP
FNLYMFKSNNPLSNELDLKNYVTDVKSWLVMFGFQLSNIIPGFPRAKMYFVSPPYELTESQACENGQLITGVQQTTERHN
QAFMALEGQVISKRLHASIREKAGHWFATSTPIIGKGIMFAVKKGRVTTGISSIATDDSRKIASVLNSAHYLEKMHYSIE
GKDTHYFVKIGSADSDLVTLAMTSGRKVLDSGVNVTVSQPTLLINGRTRRFTNIEFQYSTLLINIRYGLTADTLDEEKAR
VLDQARQRALGSAWAKEQQKARDGREGSRVWTDGEKQQLLNTGRVQGYEGYYVLPVEQYPELADSSSNIQFLRQNE
;
A
2 'polypeptide(L)'
;MRRELACEGYPIELRCPGSDVIMVENANYGRTDDKICDADPFQMENVQCYLPDAFKIMSQRCNNRTQCVVVAGSDAFPDP
CPGTYKYLEVQYDCVPYVFVCPGTLQKVLEPTSTHESEHQSGAWCKDPLQAGDRIYVMPWIPYRTDTLTEYASWEDYVAA
RHTTTYRLPNRVDGTGFVVYDGAVFYNKERTRNIVKYDLRTRIKSGETVINTANYHDTSPYRWGGKTDIDLAVDENGLWV
IYATEGNNGRLVVSQLNPYTLRFEGTWETGYDKRSASNAFMVCGVLYVLRSGNRVDYAFNTNANREEPVSLAFPNPYQFV
SSVDYNPRDNQLYVWNNYFVVRYSLEF
;
D
#
loop_
_chem_comp.id
_chem_comp.type
_chem_comp.name
_chem_comp.formula
BMA D-saccharide, beta linking beta-D-mannopyranose 'C6 H12 O6'
CA non-polymer 'CALCIUM ION' 'Ca 2'
MAN D-saccharide, alpha linking alpha-D-mannopyranose 'C6 H12 O6'
NAG D-saccharide, beta linking 2-acetamido-2-deoxy-beta-D-glucopyranose 'C8 H15 N O6'
#
# COMPACT_ATOMS: atom_id res chain seq x y z
N LEU A 1 -31.76 -35.06 0.62
CA LEU A 1 -32.99 -35.39 1.32
C LEU A 1 -34.09 -35.76 0.32
N VAL A 2 -34.69 -34.75 -0.34
CA VAL A 2 -35.78 -34.93 -1.32
C VAL A 2 -35.42 -34.29 -2.66
N SER A 3 -35.60 -35.04 -3.76
CA SER A 3 -35.33 -34.60 -5.13
C SER A 3 -36.61 -34.44 -5.97
N LEU A 4 -36.49 -33.71 -7.11
CA LEU A 4 -37.58 -33.47 -8.06
C LEU A 4 -37.22 -34.03 -9.43
N ILE A 5 -38.16 -34.73 -10.10
CA ILE A 5 -37.94 -35.32 -11.42
C ILE A 5 -38.81 -34.62 -12.46
N ARG A 6 -38.24 -34.37 -13.66
CA ARG A 6 -38.93 -33.76 -14.79
C ARG A 6 -38.38 -34.28 -16.11
N GLY A 7 -39.28 -34.76 -16.96
CA GLY A 7 -38.95 -35.28 -18.29
C GLY A 7 -40.10 -35.22 -19.27
N GLN A 8 -39.81 -35.53 -20.55
CA GLN A 8 -40.80 -35.54 -21.62
C GLN A 8 -40.94 -36.93 -22.22
N VAL A 9 -42.18 -37.31 -22.59
CA VAL A 9 -42.50 -38.58 -23.24
C VAL A 9 -43.03 -38.25 -24.64
N VAL A 10 -42.32 -38.69 -25.69
CA VAL A 10 -42.67 -38.44 -27.08
C VAL A 10 -42.88 -39.74 -27.88
N THR A 11 -43.40 -39.62 -29.12
CA THR A 11 -43.62 -40.75 -30.04
C THR A 11 -42.36 -40.96 -30.91
N THR A 12 -42.48 -41.73 -32.02
CA THR A 12 -41.38 -42.02 -32.94
C THR A 12 -40.93 -40.74 -33.69
N ASP A 13 -41.91 -39.94 -34.17
CA ASP A 13 -41.66 -38.69 -34.89
C ASP A 13 -41.14 -37.56 -33.98
N GLY A 14 -41.72 -37.45 -32.78
CA GLY A 14 -41.35 -36.44 -31.79
C GLY A 14 -42.51 -35.64 -31.24
N THR A 15 -43.71 -36.24 -31.17
CA THR A 15 -44.91 -35.59 -30.67
C THR A 15 -45.19 -36.02 -29.22
N PRO A 16 -45.39 -35.06 -28.28
CA PRO A 16 -45.63 -35.46 -26.87
C PRO A 16 -46.99 -36.09 -26.64
N LEU A 17 -47.03 -37.17 -25.81
CA LEU A 17 -48.25 -37.92 -25.47
C LEU A 17 -49.10 -37.25 -24.40
N VAL A 18 -50.42 -37.22 -24.64
CA VAL A 18 -51.42 -36.58 -23.78
C VAL A 18 -51.94 -37.51 -22.65
N GLY A 19 -51.45 -38.75 -22.57
CA GLY A 19 -51.89 -39.67 -21.54
C GLY A 19 -50.95 -40.79 -21.18
N VAL A 20 -49.98 -40.53 -20.28
CA VAL A 20 -49.01 -41.53 -19.80
C VAL A 20 -49.09 -41.60 -18.26
N ASN A 21 -49.36 -42.81 -17.70
CA ASN A 21 -49.42 -43.01 -16.25
C ASN A 21 -48.03 -43.40 -15.74
N VAL A 22 -47.26 -42.39 -15.28
CA VAL A 22 -45.91 -42.57 -14.76
C VAL A 22 -46.01 -43.03 -13.30
N SER A 23 -45.59 -44.28 -13.03
CA SER A 23 -45.65 -44.91 -11.71
C SER A 23 -44.29 -45.24 -11.12
N PHE A 24 -44.19 -45.30 -9.78
CA PHE A 24 -42.96 -45.66 -9.09
C PHE A 24 -43.23 -46.47 -7.82
N VAL A 25 -42.46 -47.56 -7.65
CA VAL A 25 -42.56 -48.50 -6.53
C VAL A 25 -41.22 -48.52 -5.77
N LYS A 26 -41.22 -48.00 -4.52
CA LYS A 26 -40.02 -47.96 -3.68
C LYS A 26 -40.41 -47.84 -2.20
N TYR A 27 -40.19 -48.92 -1.42
CA TYR A 27 -40.50 -49.02 0.02
C TYR A 27 -41.97 -48.62 0.33
N PRO A 28 -42.39 -47.86 1.39
CA PRO A 28 -43.81 -47.53 1.51
C PRO A 28 -44.24 -46.34 0.64
N LYS A 29 -43.26 -45.67 -0.02
CA LYS A 29 -43.48 -44.50 -0.89
C LYS A 29 -44.09 -44.89 -2.23
N TYR A 30 -45.29 -44.36 -2.52
CA TYR A 30 -46.02 -44.59 -3.76
C TYR A 30 -46.60 -43.29 -4.27
N GLY A 31 -46.67 -43.16 -5.58
CA GLY A 31 -47.18 -42.00 -6.27
C GLY A 31 -47.27 -42.18 -7.76
N TYR A 32 -48.14 -41.40 -8.41
CA TYR A 32 -48.36 -41.46 -9.86
C TYR A 32 -48.74 -40.11 -10.44
N THR A 33 -48.38 -39.89 -11.72
CA THR A 33 -48.69 -38.66 -12.45
C THR A 33 -49.16 -38.98 -13.88
N ILE A 34 -50.13 -38.18 -14.38
CA ILE A 34 -50.69 -38.33 -15.73
C ILE A 34 -50.30 -37.11 -16.57
N THR A 35 -49.60 -37.35 -17.69
CA THR A 35 -49.12 -36.32 -18.62
C THR A 35 -50.27 -35.56 -19.27
N ARG A 36 -50.05 -34.26 -19.55
CA ARG A 36 -51.03 -33.39 -20.20
C ARG A 36 -50.64 -33.19 -21.68
N GLN A 37 -51.23 -32.16 -22.36
CA GLN A 37 -50.96 -31.81 -23.76
C GLN A 37 -49.45 -31.67 -24.07
N ASP A 38 -48.70 -31.04 -23.13
CA ASP A 38 -47.25 -30.82 -23.21
C ASP A 38 -46.41 -32.10 -23.14
N GLY A 39 -46.99 -33.17 -22.60
CA GLY A 39 -46.34 -34.47 -22.44
C GLY A 39 -45.25 -34.49 -21.38
N MET A 40 -45.41 -33.66 -20.33
CA MET A 40 -44.46 -33.53 -19.22
C MET A 40 -44.92 -34.24 -17.96
N PHE A 41 -43.98 -34.90 -17.28
CA PHE A 41 -44.22 -35.58 -16.02
C PHE A 41 -43.37 -34.97 -14.91
N ASP A 42 -44.01 -34.66 -13.77
CA ASP A 42 -43.35 -34.05 -12.61
C ASP A 42 -43.61 -34.89 -11.37
N LEU A 43 -42.53 -35.42 -10.76
CA LEU A 43 -42.62 -36.26 -9.57
C LEU A 43 -41.62 -35.90 -8.47
N VAL A 44 -42.03 -36.18 -7.22
CA VAL A 44 -41.24 -35.94 -6.00
C VAL A 44 -40.82 -37.31 -5.44
N ALA A 45 -39.51 -37.49 -5.20
CA ALA A 45 -38.94 -38.73 -4.66
C ALA A 45 -37.73 -38.48 -3.77
N ASN A 46 -37.36 -39.47 -2.94
CA ASN A 46 -36.21 -39.39 -2.05
C ASN A 46 -34.92 -39.59 -2.86
N GLY A 47 -34.00 -38.66 -2.71
CA GLY A 47 -32.73 -38.64 -3.42
C GLY A 47 -31.66 -39.56 -2.86
N GLY A 48 -30.64 -39.80 -3.68
CA GLY A 48 -29.49 -40.64 -3.35
C GLY A 48 -29.59 -42.04 -3.90
N SER A 49 -30.70 -42.71 -3.57
CA SER A 49 -31.02 -44.08 -4.00
C SER A 49 -31.52 -44.11 -5.44
N SER A 50 -31.35 -45.27 -6.13
CA SER A 50 -31.82 -45.46 -7.51
C SER A 50 -33.31 -45.78 -7.55
N LEU A 51 -34.05 -45.03 -8.38
CA LEU A 51 -35.50 -45.18 -8.54
C LEU A 51 -35.83 -45.70 -9.93
N THR A 52 -36.76 -46.67 -9.99
CA THR A 52 -37.24 -47.25 -11.24
C THR A 52 -38.65 -46.72 -11.54
N LEU A 53 -38.86 -46.25 -12.77
CA LEU A 53 -40.14 -45.67 -13.17
C LEU A 53 -40.82 -46.43 -14.30
N HIS A 54 -42.12 -46.74 -14.12
CA HIS A 54 -42.95 -47.45 -15.09
C HIS A 54 -43.84 -46.45 -15.83
N PHE A 55 -44.02 -46.66 -17.14
CA PHE A 55 -44.83 -45.80 -18.00
C PHE A 55 -45.99 -46.60 -18.60
N GLU A 56 -47.22 -46.10 -18.43
CA GLU A 56 -48.44 -46.75 -18.93
C GLU A 56 -49.16 -45.95 -20.01
N ARG A 57 -49.22 -46.53 -21.22
CA ARG A 57 -49.92 -45.95 -22.38
C ARG A 57 -50.74 -47.04 -23.06
N ALA A 58 -51.90 -46.66 -23.61
CA ALA A 58 -52.83 -47.60 -24.24
C ALA A 58 -52.29 -48.31 -25.51
N PRO A 59 -51.95 -47.64 -26.64
CA PRO A 59 -51.47 -48.41 -27.81
C PRO A 59 -49.96 -48.59 -27.90
N PHE A 60 -49.21 -48.19 -26.86
CA PHE A 60 -47.76 -48.32 -26.85
C PHE A 60 -47.27 -49.30 -25.80
N MET A 61 -46.12 -49.94 -26.10
CA MET A 61 -45.47 -50.94 -25.25
C MET A 61 -45.04 -50.27 -23.93
N SER A 62 -45.53 -50.79 -22.79
CA SER A 62 -45.22 -50.25 -21.46
C SER A 62 -43.75 -50.45 -21.12
N GLN A 63 -43.00 -49.34 -21.03
CA GLN A 63 -41.57 -49.34 -20.75
C GLN A 63 -41.22 -48.94 -19.33
N GLU A 64 -40.05 -49.40 -18.86
CA GLU A 64 -39.50 -49.13 -17.53
C GLU A 64 -38.10 -48.52 -17.67
N ARG A 65 -37.82 -47.49 -16.86
CA ARG A 65 -36.53 -46.81 -16.85
C ARG A 65 -36.05 -46.55 -15.43
N THR A 66 -34.84 -47.02 -15.10
CA THR A 66 -34.20 -46.87 -13.78
C THR A 66 -33.20 -45.72 -13.87
N VAL A 67 -33.17 -44.84 -12.84
CA VAL A 67 -32.28 -43.66 -12.77
C VAL A 67 -31.63 -43.48 -11.39
N TRP A 68 -30.37 -43.01 -11.38
CA TRP A 68 -29.59 -42.69 -10.18
C TRP A 68 -30.02 -41.27 -9.79
N LEU A 69 -30.72 -41.13 -8.65
CA LEU A 69 -31.21 -39.82 -8.20
C LEU A 69 -30.19 -39.00 -7.41
N PRO A 70 -30.02 -37.67 -7.68
CA PRO A 70 -29.12 -36.86 -6.84
C PRO A 70 -29.76 -36.65 -5.47
N TRP A 71 -28.94 -36.42 -4.43
CA TRP A 71 -29.41 -36.30 -3.03
C TRP A 71 -30.48 -35.24 -2.79
N ASN A 72 -30.23 -33.96 -3.16
CA ASN A 72 -31.18 -32.86 -2.93
C ASN A 72 -31.09 -31.86 -4.10
N SER A 73 -31.44 -32.33 -5.32
CA SER A 73 -31.37 -31.53 -6.54
C SER A 73 -32.58 -31.75 -7.46
N PHE A 74 -32.72 -30.89 -8.49
CA PHE A 74 -33.78 -30.96 -9.51
C PHE A 74 -33.23 -31.77 -10.69
N TYR A 75 -33.58 -33.07 -10.75
CA TYR A 75 -33.16 -34.01 -11.79
C TYR A 75 -33.99 -33.89 -13.06
N ALA A 76 -33.31 -33.66 -14.20
CA ALA A 76 -33.92 -33.55 -15.52
C ALA A 76 -33.73 -34.90 -16.24
N MET A 77 -34.79 -35.72 -16.24
CA MET A 77 -34.81 -37.06 -16.84
C MET A 77 -34.84 -37.02 -18.38
N ASP A 78 -34.11 -37.96 -19.01
CA ASP A 78 -33.98 -38.14 -20.46
C ASP A 78 -35.34 -38.33 -21.12
N THR A 79 -35.48 -37.87 -22.38
CA THR A 79 -36.71 -37.97 -23.16
C THR A 79 -36.97 -39.44 -23.54
N LEU A 80 -38.23 -39.90 -23.32
CA LEU A 80 -38.67 -41.27 -23.60
C LEU A 80 -39.41 -41.37 -24.94
N VAL A 81 -38.93 -42.25 -25.84
CA VAL A 81 -39.53 -42.50 -27.15
C VAL A 81 -40.32 -43.81 -27.06
N MET A 82 -41.66 -43.72 -27.28
CA MET A 82 -42.57 -44.86 -27.20
C MET A 82 -42.65 -45.63 -28.53
N PRO A 83 -28.65 -52.50 -31.16
CA PRO A 83 -27.99 -53.20 -30.05
C PRO A 83 -26.94 -54.22 -30.51
N SER A 84 -27.01 -54.62 -31.79
CA SER A 84 -26.12 -55.61 -32.40
C SER A 84 -24.68 -55.12 -32.60
N CYS A 85 -24.51 -53.85 -33.05
CA CYS A 85 -23.21 -53.23 -33.34
C CYS A 85 -22.29 -53.11 -32.11
N ASP A 86 -20.97 -53.20 -32.33
CA ASP A 86 -19.94 -53.10 -31.29
C ASP A 86 -18.85 -52.12 -31.72
N LEU A 87 -18.74 -50.99 -30.99
CA LEU A 87 -17.76 -49.93 -31.27
C LEU A 87 -16.57 -50.05 -30.32
N SER A 88 -15.43 -50.53 -30.85
CA SER A 88 -14.22 -50.74 -30.07
C SER A 88 -13.05 -49.93 -30.65
N GLY A 89 -12.39 -49.16 -29.78
CA GLY A 89 -11.27 -48.30 -30.14
C GLY A 89 -11.66 -47.00 -30.79
N PHE A 90 -12.99 -46.72 -30.86
CA PHE A 90 -13.57 -45.52 -31.45
C PHE A 90 -13.31 -44.29 -30.60
N VAL A 91 -13.14 -43.13 -31.28
CA VAL A 91 -12.86 -41.83 -30.65
C VAL A 91 -14.06 -41.36 -29.81
N ARG A 92 -13.83 -41.23 -28.50
CA ARG A 92 -14.83 -40.78 -27.54
C ARG A 92 -14.94 -39.26 -27.56
N PRO A 93 -16.12 -38.65 -27.27
CA PRO A 93 -16.20 -37.18 -27.27
C PRO A 93 -15.48 -36.59 -26.06
N ASP A 94 -14.56 -35.64 -26.32
CA ASP A 94 -13.83 -34.95 -25.26
C ASP A 94 -14.20 -33.46 -25.31
N PRO A 95 -15.34 -33.06 -24.71
CA PRO A 95 -15.75 -31.66 -24.80
C PRO A 95 -15.03 -30.73 -23.84
N VAL A 96 -14.88 -29.47 -24.26
CA VAL A 96 -14.27 -28.40 -23.48
C VAL A 96 -15.44 -27.51 -23.08
N ILE A 97 -15.80 -27.52 -21.78
CA ILE A 97 -16.91 -26.75 -21.25
C ILE A 97 -16.37 -25.54 -20.48
N ILE A 98 -16.69 -24.34 -20.99
CA ILE A 98 -16.25 -23.07 -20.43
C ILE A 98 -17.47 -22.32 -19.92
N SER A 99 -17.58 -22.18 -18.59
CA SER A 99 -18.67 -21.47 -17.94
C SER A 99 -18.27 -20.03 -17.71
N SER A 100 -19.26 -19.10 -17.75
CA SER A 100 -19.02 -17.68 -17.50
C SER A 100 -18.49 -17.50 -16.06
N PRO A 101 -17.41 -16.70 -15.85
CA PRO A 101 -16.87 -16.55 -14.49
C PRO A 101 -17.85 -15.94 -13.48
N LEU A 102 -17.70 -16.32 -12.20
CA LEU A 102 -18.53 -15.81 -11.11
C LEU A 102 -18.22 -14.34 -10.88
N SER A 103 -19.24 -13.55 -10.55
CA SER A 103 -19.10 -12.12 -10.31
C SER A 103 -18.40 -11.85 -8.96
N THR A 104 -17.09 -12.11 -8.90
CA THR A 104 -16.24 -11.94 -7.72
C THR A 104 -15.55 -10.58 -7.71
N PHE A 105 -15.38 -9.98 -8.91
CA PHE A 105 -14.72 -8.70 -9.07
C PHE A 105 -15.67 -7.52 -8.96
N PHE A 106 -15.18 -6.46 -8.30
CA PHE A 106 -15.87 -5.20 -8.06
C PHE A 106 -14.85 -4.06 -8.13
N SER A 107 -15.33 -2.81 -8.14
CA SER A 107 -14.48 -1.63 -8.22
C SER A 107 -14.24 -1.01 -6.85
N ASP A 108 -12.98 -0.59 -6.61
CA ASP A 108 -12.57 0.07 -5.37
C ASP A 108 -13.16 1.48 -5.30
N ALA A 109 -13.24 2.15 -6.47
CA ALA A 109 -13.80 3.49 -6.63
C ALA A 109 -14.81 3.50 -7.80
N PRO A 110 -16.09 3.11 -7.56
CA PRO A 110 -17.09 3.09 -8.64
C PRO A 110 -17.33 4.44 -9.32
N GLY A 111 -17.03 5.54 -8.62
CA GLY A 111 -17.17 6.89 -9.14
C GLY A 111 -16.09 7.22 -10.16
N ARG A 112 -14.87 6.69 -9.95
CA ARG A 112 -13.71 6.90 -10.83
C ARG A 112 -13.73 5.92 -12.00
N ASN A 113 -13.86 4.61 -11.71
CA ASN A 113 -13.90 3.56 -12.71
C ASN A 113 -15.08 2.61 -12.49
N PRO A 114 -16.21 2.78 -13.22
CA PRO A 114 -17.36 1.89 -13.03
C PRO A 114 -17.26 0.55 -13.78
N ILE A 115 -16.27 0.42 -14.68
CA ILE A 115 -16.06 -0.75 -15.53
C ILE A 115 -15.23 -1.85 -14.85
N VAL A 116 -15.82 -3.06 -14.80
CA VAL A 116 -15.22 -4.29 -14.30
C VAL A 116 -15.01 -5.14 -15.56
N PRO A 117 -13.79 -5.15 -16.15
CA PRO A 117 -13.58 -5.81 -17.44
C PRO A 117 -13.82 -7.33 -17.54
N GLU A 118 -13.23 -8.15 -16.65
CA GLU A 118 -13.30 -9.62 -16.68
C GLU A 118 -14.73 -10.17 -16.70
N THR A 119 -15.61 -9.68 -15.82
CA THR A 119 -16.99 -10.14 -15.77
C THR A 119 -17.93 -9.27 -16.62
N GLN A 120 -17.41 -8.17 -17.21
CA GLN A 120 -18.14 -7.18 -18.03
C GLN A 120 -19.35 -6.66 -17.23
N VAL A 121 -19.05 -6.18 -16.01
CA VAL A 121 -20.02 -5.67 -15.04
C VAL A 121 -19.91 -4.16 -14.89
N LEU A 122 -21.05 -3.50 -14.69
CA LEU A 122 -21.11 -2.09 -14.41
C LEU A 122 -21.31 -1.94 -12.91
N HIS A 123 -20.38 -1.23 -12.26
CA HIS A 123 -20.41 -0.99 -10.83
C HIS A 123 -20.55 0.52 -10.62
N GLU A 124 -21.78 0.99 -10.35
CA GLU A 124 -22.02 2.41 -10.16
C GLU A 124 -22.42 2.77 -8.73
N GLU A 125 -22.33 4.07 -8.40
CA GLU A 125 -22.64 4.62 -7.08
C GLU A 125 -23.32 5.99 -7.12
N ILE A 126 -24.04 6.33 -6.04
CA ILE A 126 -24.68 7.63 -5.81
C ILE A 126 -24.38 8.03 -4.37
N GLU A 127 -23.61 9.12 -4.21
CA GLU A 127 -23.27 9.66 -2.90
C GLU A 127 -24.45 10.51 -2.43
N VAL A 128 -24.87 10.34 -1.17
CA VAL A 128 -26.00 11.09 -0.60
C VAL A 128 -25.55 12.03 0.53
N PRO A 129 -26.07 13.29 0.60
CA PRO A 129 -25.64 14.21 1.69
C PRO A 129 -26.27 13.87 3.04
N GLY A 130 -25.49 14.02 4.10
CA GLY A 130 -25.90 13.76 5.47
C GLY A 130 -25.44 12.42 6.02
N SER A 131 -24.87 11.57 5.15
CA SER A 131 -24.39 10.24 5.51
C SER A 131 -23.21 9.80 4.64
N SER A 132 -22.39 8.90 5.18
CA SER A 132 -21.24 8.30 4.50
C SER A 132 -21.66 7.05 3.70
N ILE A 133 -22.91 6.60 3.91
CA ILE A 133 -23.51 5.44 3.24
C ILE A 133 -23.90 5.86 1.81
N LYS A 134 -23.45 5.08 0.81
CA LYS A 134 -23.69 5.29 -0.61
C LYS A 134 -24.73 4.31 -1.17
N LEU A 135 -25.30 4.63 -2.35
CA LEU A 135 -26.23 3.76 -3.07
C LEU A 135 -25.42 3.09 -4.17
N ILE A 136 -25.42 1.75 -4.19
CA ILE A 136 -24.60 0.98 -5.13
C ILE A 136 -25.42 0.20 -6.14
N TYR A 137 -24.92 0.16 -7.38
CA TYR A 137 -25.49 -0.61 -8.48
C TYR A 137 -24.43 -1.55 -9.02
N LEU A 138 -24.79 -2.83 -9.19
CA LEU A 138 -23.94 -3.86 -9.77
C LEU A 138 -24.77 -4.55 -10.85
N SER A 139 -24.31 -4.47 -12.11
CA SER A 139 -25.01 -5.00 -13.29
C SER A 139 -25.22 -6.52 -13.28
N SER A 140 -24.46 -7.27 -12.45
CA SER A 140 -24.60 -8.72 -12.34
C SER A 140 -25.79 -9.10 -11.43
N ARG A 141 -26.29 -8.12 -10.63
CA ARG A 141 -27.43 -8.29 -9.72
C ARG A 141 -28.76 -7.93 -10.43
N THR A 142 -28.88 -8.34 -11.71
CA THR A 142 -30.03 -8.08 -12.59
C THR A 142 -30.45 -9.36 -13.34
N ALA A 143 -31.68 -9.36 -13.89
CA ALA A 143 -32.24 -10.47 -14.67
C ALA A 143 -31.56 -10.62 -16.04
N GLY A 144 -31.14 -9.49 -16.62
CA GLY A 144 -30.48 -9.42 -17.92
C GLY A 144 -29.10 -10.06 -17.97
N TYR A 145 -28.41 -10.12 -16.82
CA TYR A 145 -27.08 -10.72 -16.70
C TYR A 145 -27.22 -12.24 -16.65
N LYS A 146 -27.21 -12.87 -17.83
CA LYS A 146 -27.37 -14.31 -18.02
C LYS A 146 -26.13 -15.14 -17.66
N SER A 147 -26.30 -16.47 -17.55
CA SER A 147 -25.22 -17.43 -17.26
C SER A 147 -24.85 -18.11 -18.57
N LEU A 148 -23.56 -18.12 -18.91
CA LEU A 148 -23.08 -18.67 -20.17
C LEU A 148 -22.34 -19.99 -20.04
N LEU A 149 -22.47 -20.84 -21.07
CA LEU A 149 -21.84 -22.15 -21.10
C LEU A 149 -21.40 -22.48 -22.52
N LYS A 150 -20.13 -22.21 -22.83
CA LYS A 150 -19.56 -22.49 -24.15
C LYS A 150 -19.08 -23.94 -24.16
N ILE A 151 -19.68 -24.76 -25.03
CA ILE A 151 -19.37 -26.19 -25.14
C ILE A 151 -18.70 -26.49 -26.49
N ILE A 152 -17.37 -26.68 -26.48
CA ILE A 152 -16.60 -27.03 -27.68
C ILE A 152 -16.56 -28.56 -27.72
N MET A 153 -17.41 -29.16 -28.56
CA MET A 153 -17.53 -30.62 -28.68
C MET A 153 -16.61 -31.26 -29.72
N THR A 154 -16.11 -30.48 -30.70
CA THR A 154 -15.21 -30.98 -31.74
C THR A 154 -14.02 -30.04 -31.94
N GLN A 155 -12.85 -30.61 -32.26
CA GLN A 155 -11.63 -29.86 -32.52
C GLN A 155 -11.40 -29.73 -34.04
N SER A 156 -10.21 -29.25 -34.43
CA SER A 156 -9.80 -29.07 -35.83
C SER A 156 -9.77 -30.40 -36.61
N LEU A 157 -9.57 -31.53 -35.89
CA LEU A 157 -9.54 -32.88 -36.48
C LEU A 157 -10.83 -33.62 -36.13
N VAL A 158 -11.52 -34.13 -37.17
CA VAL A 158 -12.79 -34.87 -37.04
C VAL A 158 -12.58 -36.36 -37.39
N PRO A 159 -13.00 -37.31 -36.52
CA PRO A 159 -12.82 -38.74 -36.86
C PRO A 159 -13.55 -39.13 -38.15
N LEU A 160 -12.88 -39.94 -38.98
CA LEU A 160 -13.29 -40.39 -40.32
C LEU A 160 -14.75 -40.85 -40.44
N ASN A 161 -15.23 -41.72 -39.52
CA ASN A 161 -16.60 -42.26 -39.60
C ASN A 161 -17.69 -41.40 -38.91
N LEU A 162 -17.31 -40.28 -38.25
CA LEU A 162 -18.27 -39.38 -37.57
C LEU A 162 -19.21 -38.67 -38.55
N ILE A 163 -20.51 -38.73 -38.28
CA ILE A 163 -21.56 -38.13 -39.12
C ILE A 163 -22.47 -37.16 -38.33
N LYS A 164 -22.79 -37.48 -37.06
CA LYS A 164 -23.66 -36.66 -36.21
C LYS A 164 -23.09 -36.47 -34.80
N VAL A 165 -23.33 -35.28 -34.21
CA VAL A 165 -22.92 -34.89 -32.84
C VAL A 165 -24.17 -34.40 -32.08
N HIS A 166 -24.49 -35.04 -30.94
CA HIS A 166 -25.65 -34.69 -30.13
C HIS A 166 -25.27 -33.96 -28.84
N LEU A 167 -26.10 -33.00 -28.41
CA LEU A 167 -25.86 -32.20 -27.21
C LEU A 167 -27.07 -32.15 -26.26
N MET A 168 -26.79 -32.25 -24.96
CA MET A 168 -27.78 -32.18 -23.88
C MET A 168 -27.26 -31.29 -22.76
N VAL A 169 -28.11 -30.39 -22.25
CA VAL A 169 -27.78 -29.49 -21.13
C VAL A 169 -28.92 -29.55 -20.11
N ALA A 170 -28.61 -29.97 -18.86
CA ALA A 170 -29.61 -30.09 -17.79
C ALA A 170 -29.33 -29.14 -16.62
N VAL A 171 -30.15 -28.07 -16.50
CA VAL A 171 -30.00 -27.06 -15.44
C VAL A 171 -31.35 -26.82 -14.76
N GLU A 172 -31.42 -27.07 -13.43
CA GLU A 172 -32.59 -26.84 -12.58
C GLU A 172 -33.95 -27.27 -13.18
N GLY A 173 -34.00 -28.46 -13.77
CA GLY A 173 -35.21 -29.00 -14.38
C GLY A 173 -35.33 -28.79 -15.87
N HIS A 174 -34.61 -27.78 -16.42
CA HIS A 174 -34.61 -27.51 -17.86
C HIS A 174 -33.79 -28.58 -18.58
N LEU A 175 -34.23 -28.96 -19.78
CA LEU A 175 -33.51 -29.93 -20.59
C LEU A 175 -33.42 -29.45 -22.02
N PHE A 176 -32.25 -28.94 -22.41
CA PHE A 176 -31.99 -28.45 -23.76
C PHE A 176 -31.38 -29.57 -24.57
N GLN A 177 -31.92 -29.81 -25.76
CA GLN A 177 -31.43 -30.86 -26.66
C GLN A 177 -31.29 -30.31 -28.07
N LYS A 178 -30.13 -30.58 -28.70
CA LYS A 178 -29.83 -30.14 -30.06
C LYS A 178 -28.93 -31.13 -30.78
N SER A 179 -29.26 -31.42 -32.05
CA SER A 179 -28.50 -32.34 -32.91
C SER A 179 -27.71 -31.52 -33.94
N PHE A 180 -26.45 -31.92 -34.16
CA PHE A 180 -25.54 -31.25 -35.09
C PHE A 180 -24.88 -32.24 -36.05
N LEU A 181 -24.41 -31.73 -37.20
CA LEU A 181 -23.70 -32.54 -38.19
C LEU A 181 -22.20 -32.42 -37.94
N ALA A 182 -21.45 -33.51 -38.20
CA ALA A 182 -20.00 -33.57 -37.99
C ALA A 182 -19.24 -32.50 -38.78
N SER A 183 -18.66 -31.55 -38.04
CA SER A 183 -17.89 -30.43 -38.58
C SER A 183 -16.67 -30.20 -37.70
N PRO A 184 -14.80 -28.80 -39.11
CA PRO A 184 -13.92 -28.78 -37.93
C PRO A 184 -14.38 -27.74 -36.89
N ASN A 185 -13.96 -27.89 -35.62
CA ASN A 185 -14.19 -26.94 -34.51
C ASN A 185 -15.68 -26.59 -34.29
N LEU A 186 -16.51 -27.62 -34.04
CA LEU A 186 -17.94 -27.47 -33.78
C LEU A 186 -18.16 -27.07 -32.32
N ALA A 187 -18.87 -25.95 -32.10
CA ALA A 187 -19.15 -25.43 -30.76
C ALA A 187 -20.52 -24.77 -30.65
N TYR A 188 -21.11 -24.82 -29.45
CA TYR A 188 -22.41 -24.20 -29.12
C TYR A 188 -22.32 -23.51 -27.77
N THR A 189 -22.92 -22.32 -27.65
CA THR A 189 -22.94 -21.58 -26.40
C THR A 189 -24.37 -21.52 -25.83
N PHE A 190 -24.56 -22.20 -24.69
CA PHE A 190 -25.83 -22.28 -23.96
C PHE A 190 -26.00 -21.07 -23.05
N ILE A 191 -27.19 -20.45 -23.10
CA ILE A 191 -27.51 -19.28 -22.30
C ILE A 191 -28.63 -19.64 -21.29
N TRP A 192 -28.35 -19.47 -19.99
CA TRP A 192 -29.31 -19.75 -18.92
C TRP A 192 -29.86 -18.45 -18.33
N ASP A 193 -31.19 -18.35 -18.24
CA ASP A 193 -31.91 -17.18 -17.73
C ASP A 193 -32.05 -17.16 -16.20
N LYS A 194 -31.34 -18.07 -15.50
CA LYS A 194 -31.27 -18.23 -14.04
C LYS A 194 -32.63 -18.61 -13.39
N THR A 195 -33.49 -19.32 -14.15
CA THR A 195 -34.80 -19.79 -13.67
C THR A 195 -34.86 -21.32 -13.67
N ASP A 196 -35.81 -21.89 -12.89
CA ASP A 196 -36.03 -23.33 -12.84
C ASP A 196 -37.03 -23.71 -13.96
N ALA A 197 -37.40 -25.00 -14.03
CA ALA A 197 -38.33 -25.51 -15.03
C ALA A 197 -39.74 -24.91 -14.92
N TYR A 198 -40.12 -24.42 -13.72
CA TYR A 198 -41.42 -23.80 -13.46
C TYR A 198 -41.43 -22.28 -13.66
N GLY A 199 -40.31 -21.74 -14.16
CA GLY A 199 -40.15 -20.31 -14.42
C GLY A 199 -39.90 -19.47 -13.18
N GLN A 200 -39.47 -20.11 -12.08
CA GLN A 200 -39.16 -19.45 -10.80
C GLN A 200 -37.66 -19.14 -10.71
N LYS A 201 -37.31 -18.00 -10.11
CA LYS A 201 -35.93 -17.55 -9.93
C LYS A 201 -35.11 -18.51 -9.08
N VAL A 202 -33.91 -18.87 -9.55
CA VAL A 202 -32.97 -19.75 -8.85
C VAL A 202 -31.86 -18.88 -8.28
N TYR A 203 -31.67 -18.92 -6.96
CA TYR A 203 -30.66 -18.11 -6.26
C TYR A 203 -29.40 -18.88 -5.90
N GLY A 204 -28.27 -18.19 -5.98
CA GLY A 204 -26.97 -18.73 -5.62
C GLY A 204 -26.18 -19.37 -6.74
N LEU A 205 -25.81 -20.65 -6.54
CA LEU A 205 -25.03 -21.42 -7.50
C LEU A 205 -25.78 -22.70 -7.87
N SER A 206 -25.71 -23.06 -9.15
CA SER A 206 -26.36 -24.27 -9.68
C SER A 206 -25.36 -25.15 -10.42
N ASP A 207 -25.67 -26.44 -10.54
CA ASP A 207 -24.86 -27.42 -11.26
C ASP A 207 -25.56 -27.80 -12.56
N ALA A 208 -24.80 -27.77 -13.66
CA ALA A 208 -25.29 -28.11 -15.01
C ALA A 208 -24.69 -29.44 -15.45
N VAL A 209 -25.51 -30.27 -16.08
CA VAL A 209 -25.07 -31.58 -16.60
C VAL A 209 -25.04 -31.47 -18.11
N VAL A 210 -23.84 -31.54 -18.69
CA VAL A 210 -23.63 -31.45 -20.14
C VAL A 210 -23.33 -32.85 -20.69
N SER A 211 -24.10 -33.28 -21.69
CA SER A 211 -23.92 -34.59 -22.33
C SER A 211 -23.61 -34.39 -23.81
N VAL A 212 -22.49 -34.97 -24.26
CA VAL A 212 -22.04 -34.89 -25.66
C VAL A 212 -21.99 -36.30 -26.25
N GLY A 213 -22.77 -36.51 -27.31
CA GLY A 213 -22.87 -37.78 -28.02
C GLY A 213 -22.24 -37.78 -29.40
N PHE A 214 -21.59 -38.89 -29.77
CA PHE A 214 -20.94 -39.09 -31.06
C PHE A 214 -21.59 -40.24 -31.84
N GLU A 215 -22.28 -39.93 -32.95
CA GLU A 215 -22.93 -40.92 -33.80
C GLU A 215 -22.05 -41.21 -35.02
N TYR A 216 -21.65 -42.47 -35.18
CA TYR A 216 -20.79 -42.92 -36.28
C TYR A 216 -21.58 -43.56 -37.42
N GLU A 217 -21.00 -43.54 -38.65
CA GLU A 217 -21.60 -44.09 -39.86
C GLU A 217 -21.73 -45.61 -39.81
N THR A 218 -20.82 -46.29 -39.07
CA THR A 218 -20.81 -47.74 -38.87
C THR A 218 -22.04 -48.24 -38.11
N CYS A 219 -22.53 -47.44 -37.15
CA CYS A 219 -23.73 -47.76 -36.36
C CYS A 219 -24.58 -46.51 -36.10
N PRO A 220 -25.69 -46.32 -36.84
CA PRO A 220 -26.53 -45.12 -36.61
C PRO A 220 -27.43 -45.19 -35.39
N SER A 221 -27.71 -46.41 -34.88
CA SER A 221 -28.56 -46.64 -33.71
C SER A 221 -27.90 -46.22 -32.40
N LEU A 222 -26.63 -46.62 -32.20
CA LEU A 222 -25.87 -46.31 -30.97
C LEU A 222 -25.11 -44.99 -31.06
N ILE A 223 -25.13 -44.22 -29.95
CA ILE A 223 -24.45 -42.92 -29.81
C ILE A 223 -23.50 -43.01 -28.60
N LEU A 224 -22.22 -42.65 -28.81
CA LEU A 224 -21.20 -42.64 -27.76
C LEU A 224 -21.35 -41.38 -26.90
N TRP A 225 -21.91 -41.54 -25.69
CA TRP A 225 -22.17 -40.43 -24.76
C TRP A 225 -21.07 -40.19 -23.74
N GLU A 226 -20.90 -38.92 -23.34
CA GLU A 226 -19.95 -38.48 -22.32
C GLU A 226 -20.60 -37.38 -21.49
N LYS A 227 -20.74 -37.62 -20.17
CA LYS A 227 -21.34 -36.69 -19.22
C LYS A 227 -20.31 -35.89 -18.43
N ARG A 228 -20.48 -34.56 -18.40
CA ARG A 228 -19.60 -33.60 -17.70
C ARG A 228 -20.43 -32.62 -16.87
N THR A 229 -19.89 -32.15 -15.74
CA THR A 229 -20.58 -31.18 -14.89
C THR A 229 -19.94 -29.79 -14.98
N ALA A 230 -20.76 -28.75 -14.84
CA ALA A 230 -20.32 -27.36 -14.87
C ALA A 230 -21.06 -26.52 -13.84
N LEU A 231 -20.41 -25.49 -13.30
CA LEU A 231 -21.00 -24.60 -12.30
C LEU A 231 -21.50 -23.31 -12.95
N LEU A 232 -22.80 -23.02 -12.76
CA LEU A 232 -23.45 -21.83 -13.28
C LEU A 232 -23.95 -20.96 -12.13
N GLN A 233 -23.75 -19.65 -12.24
CA GLN A 233 -24.17 -18.69 -11.22
C GLN A 233 -25.64 -18.32 -11.45
N GLY A 234 -26.43 -18.42 -10.39
CA GLY A 234 -27.84 -18.06 -10.41
C GLY A 234 -28.04 -16.60 -10.03
N PHE A 235 -29.26 -16.27 -9.61
CA PHE A 235 -29.63 -14.92 -9.19
C PHE A 235 -28.95 -14.54 -7.88
N GLU A 236 -28.50 -13.28 -7.80
CA GLU A 236 -27.89 -12.74 -6.59
C GLU A 236 -29.04 -12.11 -5.78
N LEU A 237 -29.00 -12.26 -4.45
CA LEU A 237 -30.04 -11.72 -3.57
C LEU A 237 -29.97 -10.19 -3.47
N ASP A 238 -31.14 -9.53 -3.37
CA ASP A 238 -31.25 -8.06 -3.23
C ASP A 238 -31.56 -7.71 -1.76
N PRO A 239 -30.56 -7.23 -0.97
CA PRO A 239 -30.82 -6.94 0.44
C PRO A 239 -31.67 -5.70 0.74
N SER A 240 -31.31 -4.57 0.13
CA SER A 240 -31.89 -3.26 0.41
C SER A 240 -33.27 -2.96 -0.20
N ASN A 241 -33.62 -3.54 -1.38
CA ASN A 241 -34.90 -3.28 -2.08
C ASN A 241 -35.10 -1.77 -2.32
N LEU A 242 -34.18 -1.19 -3.10
CA LEU A 242 -34.20 0.22 -3.46
C LEU A 242 -34.12 0.36 -4.99
N GLY A 243 -35.08 -0.29 -5.67
CA GLY A 243 -35.18 -0.29 -7.12
C GLY A 243 -33.98 -0.87 -7.86
N GLY A 244 -33.43 -1.94 -7.32
CA GLY A 244 -32.26 -2.61 -7.89
C GLY A 244 -30.93 -2.13 -7.35
N TRP A 245 -30.98 -1.10 -6.49
CA TRP A 245 -29.80 -0.51 -5.85
C TRP A 245 -29.71 -0.98 -4.39
N SER A 246 -28.50 -0.92 -3.82
CA SER A 246 -28.27 -1.34 -2.45
C SER A 246 -27.55 -0.29 -1.60
N LEU A 247 -27.73 -0.37 -0.28
CA LEU A 247 -27.04 0.52 0.65
C LEU A 247 -25.66 -0.09 0.87
N ASP A 248 -24.61 0.75 0.68
CA ASP A 248 -23.18 0.48 0.81
C ASP A 248 -22.80 -0.49 1.96
N LYS A 249 -23.38 -0.27 3.16
CA LYS A 249 -23.10 -1.04 4.38
C LYS A 249 -24.07 -2.22 4.63
N HIS A 250 -25.17 -2.31 3.88
CA HIS A 250 -26.20 -3.35 4.04
C HIS A 250 -25.90 -4.61 3.20
N HIS A 251 -25.67 -5.74 3.88
CA HIS A 251 -25.35 -7.02 3.24
C HIS A 251 -26.45 -8.07 3.41
N VAL A 252 -26.28 -9.22 2.76
CA VAL A 252 -27.19 -10.37 2.79
C VAL A 252 -26.40 -11.68 2.58
N LEU A 253 -26.83 -12.74 3.25
CA LEU A 253 -26.21 -14.05 3.13
C LEU A 253 -27.18 -15.06 2.53
N ASN A 254 -26.73 -15.75 1.46
CA ASN A 254 -27.46 -16.84 0.81
C ASN A 254 -27.03 -18.05 1.62
N VAL A 255 -27.90 -18.48 2.55
CA VAL A 255 -27.62 -19.56 3.48
C VAL A 255 -27.42 -20.92 2.76
N LYS A 256 -28.25 -21.22 1.74
CA LYS A 256 -28.19 -22.48 0.99
C LYS A 256 -26.95 -22.64 0.12
N SER A 257 -26.60 -21.61 -0.67
CA SER A 257 -25.44 -21.65 -1.57
C SER A 257 -24.13 -21.16 -0.94
N GLY A 258 -24.22 -20.59 0.26
CA GLY A 258 -23.06 -20.08 0.99
C GLY A 258 -22.39 -18.90 0.31
N ILE A 259 -23.17 -17.84 0.03
CA ILE A 259 -22.66 -16.62 -0.64
C ILE A 259 -22.96 -15.38 0.18
N LEU A 260 -21.93 -14.55 0.40
CA LEU A 260 -22.06 -13.29 1.09
C LEU A 260 -22.18 -12.20 0.00
N HIS A 261 -23.36 -11.60 -0.12
CA HIS A 261 -23.62 -10.53 -1.07
C HIS A 261 -23.52 -9.21 -0.30
N LYS A 262 -22.40 -8.49 -0.47
CA LYS A 262 -22.20 -7.22 0.23
C LYS A 262 -22.81 -6.07 -0.54
N GLY A 263 -23.35 -5.09 0.18
CA GLY A 263 -23.99 -3.90 -0.38
C GLY A 263 -23.08 -3.02 -1.22
N ASN A 264 -21.76 -3.14 -1.04
CA ASN A 264 -20.76 -2.38 -1.80
C ASN A 264 -20.39 -3.01 -3.16
N GLY A 265 -20.98 -4.17 -3.48
CA GLY A 265 -20.75 -4.89 -4.73
C GLY A 265 -19.85 -6.10 -4.61
N GLU A 266 -19.29 -6.33 -3.41
CA GLU A 266 -18.40 -7.45 -3.14
C GLU A 266 -19.20 -8.75 -2.93
N ASN A 267 -18.88 -9.79 -3.72
CA ASN A 267 -19.49 -11.11 -3.58
C ASN A 267 -18.45 -12.09 -3.07
N GLN A 268 -18.78 -12.80 -1.99
CA GLN A 268 -17.91 -13.80 -1.38
C GLN A 268 -18.57 -15.16 -1.44
N PHE A 269 -18.18 -15.97 -2.44
CA PHE A 269 -18.69 -17.33 -2.64
C PHE A 269 -17.90 -18.21 -1.67
N LEU A 270 -18.43 -18.32 -0.43
CA LEU A 270 -17.81 -19.02 0.69
C LEU A 270 -17.51 -20.50 0.42
N THR A 271 -18.34 -21.20 -0.38
CA THR A 271 -18.11 -22.63 -0.71
C THR A 271 -16.91 -22.81 -1.66
N GLN A 272 -16.54 -21.74 -2.40
CA GLN A 272 -15.41 -21.70 -3.34
C GLN A 272 -14.06 -21.47 -2.64
N GLN A 273 -14.11 -21.19 -1.33
CA GLN A 273 -12.94 -20.96 -0.48
C GLN A 273 -12.32 -22.34 -0.09
N PRO A 274 -11.08 -22.40 0.50
CA PRO A 274 -10.51 -23.72 0.83
C PRO A 274 -11.39 -24.59 1.73
N ALA A 275 -11.44 -25.91 1.41
CA ALA A 275 -12.23 -26.93 2.12
C ALA A 275 -11.74 -27.12 3.56
N VAL A 276 -12.68 -27.41 4.47
CA VAL A 276 -12.43 -27.59 5.90
C VAL A 276 -12.44 -29.07 6.28
N ILE A 277 -11.49 -29.48 7.16
CA ILE A 277 -11.38 -30.85 7.67
C ILE A 277 -11.73 -30.91 9.17
N THR A 278 -12.59 -31.87 9.54
CA THR A 278 -13.04 -32.07 10.93
C THR A 278 -13.04 -33.55 11.29
N SER A 279 -13.01 -33.87 12.60
CA SER A 279 -13.08 -35.26 13.09
C SER A 279 -14.53 -35.54 13.46
N ILE A 280 -15.13 -36.55 12.81
CA ILE A 280 -16.54 -36.90 13.05
C ILE A 280 -16.67 -38.15 13.97
N MET A 281 -15.60 -38.95 14.10
CA MET A 281 -15.55 -40.16 14.94
C MET A 281 -14.10 -40.50 15.30
N GLY A 282 -13.90 -41.02 16.51
CA GLY A 282 -12.59 -41.41 17.02
C GLY A 282 -11.93 -40.34 17.87
N ASN A 283 -10.95 -40.76 18.70
CA ASN A 283 -10.20 -39.85 19.57
C ASN A 283 -8.68 -40.13 19.56
N GLY A 284 -8.23 -40.94 18.59
CA GLY A 284 -6.84 -41.30 18.43
C GLY A 284 -6.38 -42.45 19.32
N ARG A 285 -7.34 -43.07 20.03
CA ARG A 285 -7.10 -44.18 20.94
C ARG A 285 -7.96 -45.40 20.58
N ARG A 286 -7.39 -46.62 20.73
CA ARG A 286 -8.07 -47.88 20.41
C ARG A 286 -9.05 -48.31 21.49
N ARG A 287 -10.19 -48.86 21.07
CA ARG A 287 -11.23 -49.40 21.94
C ARG A 287 -10.95 -50.90 22.18
N SER A 288 -11.57 -51.49 23.20
CA SER A 288 -11.42 -52.92 23.46
C SER A 288 -12.31 -53.67 22.47
N ILE A 289 -11.91 -54.89 22.11
CA ILE A 289 -12.57 -55.76 21.12
C ILE A 289 -14.09 -56.00 21.40
N SER A 290 -14.50 -56.03 22.69
CA SER A 290 -15.88 -56.27 23.14
C SER A 290 -16.88 -55.14 22.80
N CYS A 291 -16.38 -53.94 22.43
CA CYS A 291 -17.13 -52.72 22.11
C CYS A 291 -18.05 -52.24 23.27
N PRO A 292 -17.48 -51.84 24.43
CA PRO A 292 -18.34 -51.34 25.53
C PRO A 292 -18.69 -49.87 25.31
N SER A 293 -20.00 -49.53 25.45
CA SER A 293 -20.59 -48.20 25.26
C SER A 293 -20.30 -47.62 23.86
N CYS A 294 -20.40 -48.50 22.83
CA CYS A 294 -20.19 -48.17 21.42
C CYS A 294 -21.45 -47.53 20.83
N ASN A 295 -22.59 -47.62 21.55
CA ASN A 295 -23.88 -47.06 21.16
C ASN A 295 -24.19 -45.74 21.89
N GLY A 296 -23.78 -44.65 21.24
CA GLY A 296 -23.96 -43.28 21.73
C GLY A 296 -23.69 -42.25 20.65
N LEU A 297 -23.02 -41.15 21.00
CA LEU A 297 -22.65 -40.09 20.05
C LEU A 297 -21.39 -40.45 19.27
N ALA A 298 -21.35 -40.09 17.98
CA ALA A 298 -20.24 -40.37 17.06
C ALA A 298 -18.95 -39.65 17.42
N GLU A 299 -19.02 -38.34 17.75
CA GLU A 299 -17.87 -37.51 18.08
C GLU A 299 -17.18 -37.98 19.37
N GLY A 300 -15.88 -38.27 19.25
CA GLY A 300 -15.04 -38.74 20.36
C GLY A 300 -15.17 -40.22 20.70
N ASN A 301 -16.10 -40.93 20.03
CA ASN A 301 -16.36 -42.37 20.25
C ASN A 301 -15.20 -43.20 19.69
N LYS A 302 -14.52 -43.95 20.59
CA LYS A 302 -13.36 -44.80 20.30
C LYS A 302 -13.60 -45.82 19.18
N LEU A 303 -12.63 -45.89 18.24
CA LEU A 303 -12.61 -46.84 17.12
C LEU A 303 -11.45 -47.83 17.35
N LEU A 304 -11.38 -48.89 16.53
CA LEU A 304 -10.31 -49.88 16.62
C LEU A 304 -9.42 -49.77 15.38
N ALA A 305 -10.00 -50.00 14.19
CA ALA A 305 -9.31 -49.92 12.91
C ALA A 305 -10.33 -49.69 11.79
N PRO A 306 -10.57 -48.42 11.35
CA PRO A 306 -11.53 -48.21 10.25
C PRO A 306 -10.90 -48.56 8.90
N VAL A 307 -11.31 -49.71 8.31
CA VAL A 307 -10.77 -50.23 7.06
C VAL A 307 -11.70 -50.04 5.85
N ALA A 308 -13.02 -49.89 6.09
CA ALA A 308 -14.02 -49.71 5.04
C ALA A 308 -15.07 -48.66 5.37
N LEU A 309 -15.55 -47.94 4.34
CA LEU A 309 -16.59 -46.91 4.45
C LEU A 309 -17.57 -47.02 3.30
N ALA A 310 -18.87 -46.81 3.60
CA ALA A 310 -19.98 -46.84 2.63
C ALA A 310 -21.15 -45.98 3.10
N VAL A 311 -21.68 -45.12 2.21
CA VAL A 311 -22.83 -44.26 2.52
C VAL A 311 -24.11 -44.96 2.07
N GLY A 312 -25.04 -45.12 3.01
CA GLY A 312 -26.34 -45.74 2.80
C GLY A 312 -27.30 -44.83 2.08
N ILE A 313 -28.44 -45.40 1.63
CA ILE A 313 -29.53 -44.69 0.94
C ILE A 313 -30.23 -43.66 1.85
N ASP A 314 -30.11 -43.87 3.17
CA ASP A 314 -30.65 -43.07 4.27
C ASP A 314 -29.81 -41.80 4.51
N GLY A 315 -28.53 -41.87 4.13
CA GLY A 315 -27.56 -40.81 4.32
C GLY A 315 -26.59 -41.19 5.42
N SER A 316 -26.82 -42.39 5.99
CA SER A 316 -26.03 -42.97 7.07
C SER A 316 -24.65 -43.40 6.58
N LEU A 317 -23.63 -43.31 7.45
CA LEU A 317 -22.29 -43.75 7.12
C LEU A 317 -22.00 -45.05 7.83
N PHE A 318 -21.81 -46.12 7.05
CA PHE A 318 -21.47 -47.45 7.55
C PHE A 318 -19.96 -47.53 7.70
N VAL A 319 -19.51 -47.82 8.92
CA VAL A 319 -18.09 -47.89 9.25
C VAL A 319 -17.65 -49.33 9.47
N GLY A 320 -16.65 -49.74 8.71
CA GLY A 320 -16.01 -51.04 8.82
C GLY A 320 -14.93 -50.97 9.86
N ASP A 321 -15.36 -50.82 11.14
CA ASP A 321 -14.46 -50.71 12.30
C ASP A 321 -13.94 -52.09 12.74
N PHE A 322 -13.14 -52.70 11.85
CA PHE A 322 -12.48 -54.02 11.95
C PHE A 322 -13.41 -55.13 12.49
N ASN A 323 -13.50 -55.31 13.83
CA ASN A 323 -14.31 -56.35 14.48
C ASN A 323 -15.81 -56.12 14.34
N TYR A 324 -16.25 -54.85 14.46
CA TYR A 324 -17.66 -54.46 14.39
C TYR A 324 -17.95 -53.52 13.22
N ILE A 325 -19.17 -53.62 12.67
CA ILE A 325 -19.66 -52.73 11.63
C ILE A 325 -20.64 -51.80 12.34
N ARG A 326 -20.27 -50.51 12.42
CA ARG A 326 -21.04 -49.48 13.12
C ARG A 326 -21.68 -48.47 12.16
N ARG A 327 -22.99 -48.22 12.33
CA ARG A 327 -23.77 -47.30 11.50
C ARG A 327 -23.91 -45.93 12.16
N ILE A 328 -23.41 -44.88 11.48
CA ILE A 328 -23.54 -43.49 11.95
C ILE A 328 -24.80 -42.94 11.32
N PHE A 329 -25.83 -42.71 12.14
CA PHE A 329 -27.13 -42.18 11.69
C PHE A 329 -27.03 -40.69 11.33
N PRO A 330 -27.96 -40.12 10.50
CA PRO A 330 -27.90 -38.68 10.19
C PRO A 330 -28.03 -37.80 11.45
N SER A 331 -28.55 -38.38 12.56
CA SER A 331 -28.71 -37.74 13.87
C SER A 331 -27.36 -37.66 14.62
N ARG A 332 -26.26 -38.10 13.97
CA ARG A 332 -24.87 -38.12 14.46
C ARG A 332 -24.68 -39.11 15.65
N ASN A 333 -25.53 -40.14 15.73
CA ASN A 333 -25.46 -41.19 16.74
C ASN A 333 -25.03 -42.52 16.10
N VAL A 334 -24.23 -43.32 16.84
CA VAL A 334 -23.68 -44.59 16.39
C VAL A 334 -24.33 -45.78 17.12
N THR A 335 -24.62 -46.86 16.36
CA THR A 335 -25.15 -48.15 16.86
C THR A 335 -24.46 -49.27 16.08
N SER A 336 -23.94 -50.28 16.79
CA SER A 336 -23.29 -51.44 16.17
C SER A 336 -24.37 -52.30 15.52
N ILE A 337 -24.18 -52.70 14.25
CA ILE A 337 -25.18 -53.47 13.51
C ILE A 337 -24.74 -54.92 13.23
N LEU A 338 -23.41 -55.18 13.11
CA LEU A 338 -22.88 -56.50 12.82
C LEU A 338 -21.51 -56.75 13.46
N GLU A 339 -21.34 -57.93 14.08
CA GLU A 339 -20.08 -58.35 14.68
C GLU A 339 -19.48 -59.45 13.79
N LEU A 340 -18.20 -59.29 13.42
CA LEU A 340 -17.51 -60.26 12.58
C LEU A 340 -16.67 -61.16 13.49
N ARG A 341 -17.09 -62.42 13.64
CA ARG A 341 -16.45 -63.44 14.49
C ARG A 341 -15.04 -63.83 14.05
N ASN A 342 -14.71 -63.64 12.75
CA ASN A 342 -13.40 -63.99 12.18
C ASN A 342 -12.34 -62.87 12.31
N LYS A 343 -12.62 -61.85 13.15
CA LYS A 343 -11.71 -60.73 13.40
C LYS A 343 -11.18 -60.80 14.83
N GLU A 344 -9.85 -60.77 14.97
CA GLU A 344 -9.17 -60.84 16.26
C GLU A 344 -8.25 -59.64 16.40
N PHE A 345 -8.25 -58.98 17.60
CA PHE A 345 -7.46 -57.79 17.97
C PHE A 345 -6.03 -57.79 17.41
N LYS A 346 -5.42 -59.00 17.28
CA LYS A 346 -4.08 -59.25 16.76
C LYS A 346 -3.92 -58.84 15.28
N HIS A 347 -4.96 -59.08 14.46
CA HIS A 347 -4.97 -58.81 13.02
C HIS A 347 -5.60 -57.45 12.64
N SER A 348 -5.67 -56.48 13.57
CA SER A 348 -6.25 -55.15 13.33
C SER A 348 -5.53 -54.37 12.21
N ASN A 349 -4.18 -54.41 12.21
CA ASN A 349 -3.33 -53.75 11.22
C ASN A 349 -2.81 -54.71 10.13
N ASN A 350 -3.49 -55.86 9.95
CA ASN A 350 -3.14 -56.87 8.96
C ASN A 350 -3.85 -56.61 7.62
N PRO A 351 -3.09 -56.46 6.50
CA PRO A 351 -3.73 -56.19 5.19
C PRO A 351 -4.58 -57.33 4.62
N ALA A 352 -4.30 -58.58 5.06
CA ALA A 352 -5.03 -59.79 4.63
C ALA A 352 -6.45 -59.82 5.21
N HIS A 353 -6.64 -59.21 6.39
CA HIS A 353 -7.93 -59.14 7.07
C HIS A 353 -8.72 -57.86 6.72
N LYS A 354 -8.32 -57.15 5.63
CA LYS A 354 -9.03 -55.96 5.17
C LYS A 354 -10.26 -56.36 4.36
N TYR A 355 -11.43 -55.81 4.73
CA TYR A 355 -12.70 -56.05 4.05
C TYR A 355 -13.24 -54.79 3.41
N TYR A 356 -14.20 -54.95 2.48
CA TYR A 356 -14.76 -53.84 1.72
C TYR A 356 -16.29 -53.78 1.86
N LEU A 357 -16.85 -52.56 1.97
CA LEU A 357 -18.29 -52.34 2.11
C LEU A 357 -18.89 -51.76 0.83
N ALA A 358 -20.20 -51.98 0.62
CA ALA A 358 -20.97 -51.49 -0.53
C ALA A 358 -22.45 -51.42 -0.21
N VAL A 359 -23.14 -50.35 -0.65
CA VAL A 359 -24.57 -50.18 -0.43
C VAL A 359 -25.29 -50.27 -1.78
N ASP A 360 -26.31 -51.15 -1.86
CA ASP A 360 -27.15 -51.34 -3.04
C ASP A 360 -28.15 -50.17 -3.13
N PRO A 361 -28.21 -49.42 -4.25
CA PRO A 361 -29.11 -48.26 -4.29
C PRO A 361 -30.61 -48.59 -4.43
N VAL A 362 -30.95 -49.77 -5.00
CA VAL A 362 -32.35 -50.22 -5.17
C VAL A 362 -32.96 -50.43 -3.77
N SER A 363 -32.44 -51.43 -3.04
CA SER A 363 -32.78 -51.75 -1.65
C SER A 363 -31.51 -51.38 -0.89
N GLY A 364 -31.65 -50.63 0.20
CA GLY A 364 -30.52 -50.13 0.99
C GLY A 364 -29.62 -51.14 1.69
N SER A 365 -29.52 -52.37 1.14
CA SER A 365 -28.73 -53.49 1.64
C SER A 365 -27.23 -53.18 1.66
N LEU A 366 -26.57 -53.53 2.78
CA LEU A 366 -25.14 -53.34 2.97
C LEU A 366 -24.44 -54.69 2.76
N TYR A 367 -23.51 -54.72 1.79
CA TYR A 367 -22.73 -55.91 1.43
C TYR A 367 -21.34 -55.83 2.00
N VAL A 368 -20.88 -56.93 2.63
CA VAL A 368 -19.57 -57.05 3.26
C VAL A 368 -18.78 -58.12 2.50
N SER A 369 -17.53 -57.82 2.10
CA SER A 369 -16.72 -58.81 1.41
C SER A 369 -15.36 -58.97 2.07
N ASP A 370 -15.19 -60.10 2.79
CA ASP A 370 -13.95 -60.40 3.49
C ASP A 370 -13.05 -61.27 2.63
N THR A 371 -11.82 -60.78 2.36
CA THR A 371 -10.80 -61.44 1.57
C THR A 371 -10.34 -62.76 2.23
N ASN A 372 -10.20 -62.73 3.55
CA ASN A 372 -9.77 -63.88 4.37
C ASN A 372 -10.78 -65.03 4.41
N SER A 373 -12.09 -64.74 4.57
CA SER A 373 -13.13 -65.76 4.64
C SER A 373 -13.56 -66.30 3.26
N ARG A 374 -13.10 -65.65 2.17
CA ARG A 374 -13.37 -65.98 0.75
C ARG A 374 -14.89 -65.98 0.44
N ARG A 375 -15.66 -65.10 1.11
CA ARG A 375 -17.12 -64.97 0.98
C ARG A 375 -17.61 -63.52 0.97
N ILE A 376 -18.88 -63.33 0.59
CA ILE A 376 -19.59 -62.05 0.54
C ILE A 376 -20.87 -62.20 1.39
N TYR A 377 -21.09 -61.27 2.32
CA TYR A 377 -22.23 -61.25 3.24
C TYR A 377 -23.15 -60.04 3.02
N LYS A 378 -24.39 -60.14 3.51
CA LYS A 378 -25.42 -59.11 3.46
C LYS A 378 -25.98 -58.96 4.87
N VAL A 379 -25.99 -57.73 5.39
CA VAL A 379 -26.52 -57.42 6.73
C VAL A 379 -28.04 -57.57 6.70
N LYS A 380 -28.59 -58.42 7.59
CA LYS A 380 -30.03 -58.69 7.67
C LYS A 380 -30.81 -57.48 8.17
N SER A 381 -30.53 -57.03 9.41
CA SER A 381 -31.19 -55.86 10.00
C SER A 381 -30.19 -54.72 10.15
N LEU A 382 -30.49 -53.56 9.52
CA LEU A 382 -29.62 -52.38 9.58
C LEU A 382 -29.86 -51.54 10.85
N THR A 383 -30.78 -51.99 11.72
CA THR A 383 -31.11 -51.35 12.99
C THR A 383 -30.30 -51.97 14.14
N GLY A 384 -29.84 -53.20 13.94
CA GLY A 384 -29.06 -53.94 14.91
C GLY A 384 -29.93 -54.72 15.89
N THR A 385 -29.88 -56.06 15.80
CA THR A 385 -30.64 -56.96 16.68
C THR A 385 -29.87 -57.26 17.98
N LYS A 386 -30.42 -58.12 18.85
CA LYS A 386 -29.82 -58.54 20.13
C LYS A 386 -28.52 -59.33 19.87
N ASP A 387 -28.58 -60.32 18.95
CA ASP A 387 -27.46 -61.14 18.54
C ASP A 387 -26.82 -60.51 17.29
N LEU A 388 -25.78 -59.70 17.50
CA LEU A 388 -25.08 -58.97 16.44
C LEU A 388 -24.12 -59.84 15.62
N ALA A 389 -23.60 -60.93 16.22
CA ALA A 389 -22.66 -61.85 15.58
C ALA A 389 -23.27 -62.64 14.41
N GLY A 390 -24.58 -62.87 14.46
CA GLY A 390 -25.32 -63.59 13.43
C GLY A 390 -26.37 -62.76 12.73
N ASN A 391 -26.01 -61.52 12.37
CA ASN A 391 -26.89 -60.58 11.67
C ASN A 391 -26.51 -60.47 10.16
N SER A 392 -25.80 -61.50 9.64
CA SER A 392 -25.38 -61.56 8.24
C SER A 392 -25.85 -62.82 7.53
N GLU A 393 -26.02 -62.74 6.20
CA GLU A 393 -26.46 -63.82 5.31
C GLU A 393 -25.50 -63.88 4.11
N VAL A 394 -25.05 -65.10 3.75
CA VAL A 394 -24.11 -65.32 2.63
C VAL A 394 -24.76 -65.03 1.28
N VAL A 395 -24.10 -64.19 0.47
CA VAL A 395 -24.54 -63.78 -0.88
C VAL A 395 -23.78 -64.60 -1.92
N ALA A 396 -22.44 -64.66 -1.79
CA ALA A 396 -21.55 -65.37 -2.70
C ALA A 396 -20.38 -66.02 -1.97
N GLY A 397 -19.97 -67.20 -2.44
CA GLY A 397 -18.87 -67.96 -1.88
C GLY A 397 -19.30 -69.03 -0.90
N THR A 398 -18.51 -70.12 -0.81
CA THR A 398 -18.75 -71.23 0.12
C THR A 398 -17.81 -71.11 1.32
N GLY A 399 -16.64 -70.53 1.09
CA GLY A 399 -15.61 -70.33 2.10
C GLY A 399 -14.24 -70.83 1.66
N GLU A 400 -14.20 -71.63 0.59
CA GLU A 400 -12.97 -72.22 0.05
C GLU A 400 -12.41 -71.46 -1.15
N GLN A 401 -11.08 -71.29 -1.17
CA GLN A 401 -10.33 -70.61 -2.22
C GLN A 401 -10.16 -71.55 -3.41
N CYS A 402 -10.68 -71.16 -4.58
CA CYS A 402 -10.56 -71.98 -5.80
C CYS A 402 -9.26 -71.71 -6.55
N LEU A 403 -8.72 -72.76 -7.19
CA LEU A 403 -7.48 -72.75 -7.97
C LEU A 403 -7.51 -71.77 -9.16
N PRO A 404 -6.35 -71.19 -9.57
CA PRO A 404 -6.36 -70.23 -10.69
C PRO A 404 -6.88 -70.75 -12.03
N PHE A 405 -6.66 -72.05 -12.30
CA PHE A 405 -7.09 -72.68 -13.56
C PHE A 405 -8.19 -73.73 -13.33
N ASP A 406 -9.35 -73.25 -12.84
CA ASP A 406 -10.54 -74.05 -12.55
C ASP A 406 -11.29 -74.37 -13.84
N GLU A 407 -11.71 -75.64 -13.99
CA GLU A 407 -12.44 -76.13 -15.16
C GLU A 407 -13.88 -75.61 -15.19
N ALA A 408 -14.59 -75.69 -14.03
CA ALA A 408 -15.97 -75.23 -13.84
C ALA A 408 -16.06 -73.69 -13.69
N ARG A 409 -14.88 -73.02 -13.76
CA ARG A 409 -14.68 -71.56 -13.66
C ARG A 409 -15.17 -71.00 -12.31
N CYS A 410 -14.79 -71.67 -11.20
CA CYS A 410 -15.12 -71.33 -9.80
C CYS A 410 -16.64 -71.20 -9.53
N GLY A 411 -17.44 -71.98 -10.25
CA GLY A 411 -18.90 -72.00 -10.10
C GLY A 411 -19.68 -70.99 -10.93
N ASP A 412 -19.06 -70.45 -12.01
CA ASP A 412 -19.69 -69.48 -12.90
C ASP A 412 -20.83 -70.10 -13.72
N GLY A 413 -21.91 -69.34 -13.84
CA GLY A 413 -23.12 -69.76 -14.55
C GLY A 413 -24.24 -70.19 -13.61
N GLY A 414 -23.85 -70.67 -12.43
CA GLY A 414 -24.77 -71.13 -11.40
C GLY A 414 -24.98 -70.12 -10.30
N LYS A 415 -25.63 -70.55 -9.20
CA LYS A 415 -25.92 -69.72 -8.03
C LYS A 415 -24.65 -69.27 -7.32
N ALA A 416 -24.60 -67.98 -6.94
CA ALA A 416 -23.47 -67.33 -6.27
C ALA A 416 -23.12 -67.95 -4.92
N VAL A 417 -24.15 -68.36 -4.13
CA VAL A 417 -24.02 -69.00 -2.82
C VAL A 417 -23.22 -70.32 -2.93
N ASP A 418 -23.53 -71.12 -3.97
CA ASP A 418 -22.90 -72.41 -4.25
C ASP A 418 -21.50 -72.29 -4.88
N ALA A 419 -21.19 -71.13 -5.49
CA ALA A 419 -19.91 -70.85 -6.14
C ALA A 419 -18.76 -70.65 -5.14
N THR A 420 -17.50 -70.65 -5.64
CA THR A 420 -16.28 -70.47 -4.84
C THR A 420 -15.55 -69.20 -5.28
N LEU A 421 -14.92 -68.49 -4.33
CA LEU A 421 -14.20 -67.24 -4.62
C LEU A 421 -12.69 -67.36 -4.37
N MET A 422 -11.88 -66.68 -5.20
CA MET A 422 -10.42 -66.68 -5.08
C MET A 422 -9.96 -65.82 -3.90
N SER A 423 -10.30 -64.51 -3.92
CA SER A 423 -10.01 -63.51 -2.87
C SER A 423 -10.85 -62.24 -3.11
N PRO A 424 -12.11 -62.18 -2.57
CA PRO A 424 -12.95 -60.99 -2.81
C PRO A 424 -12.42 -59.70 -2.20
N ARG A 425 -12.31 -58.64 -3.02
CA ARG A 425 -11.82 -57.32 -2.61
C ARG A 425 -12.93 -56.27 -2.72
N GLY A 426 -12.69 -55.15 -3.42
CA GLY A 426 -13.64 -54.05 -3.57
C GLY A 426 -14.97 -54.46 -4.18
N ILE A 427 -16.09 -53.95 -3.59
CA ILE A 427 -17.46 -54.20 -4.04
C ILE A 427 -18.17 -52.92 -4.44
N ALA A 428 -18.99 -52.99 -5.51
CA ALA A 428 -19.79 -51.88 -6.02
C ALA A 428 -21.11 -52.39 -6.60
N VAL A 429 -22.23 -51.72 -6.28
CA VAL A 429 -23.55 -52.12 -6.75
C VAL A 429 -24.12 -51.08 -7.74
N ASP A 430 -24.50 -51.56 -8.93
CA ASP A 430 -25.08 -50.81 -10.06
C ASP A 430 -26.44 -50.19 -9.71
N LYS A 431 -26.92 -49.31 -10.61
CA LYS A 431 -28.21 -48.61 -10.57
C LYS A 431 -29.36 -49.63 -10.65
N TYR A 432 -29.18 -50.69 -11.48
CA TYR A 432 -30.15 -51.77 -11.71
C TYR A 432 -30.15 -52.85 -10.62
N GLY A 433 -29.21 -52.75 -9.68
CA GLY A 433 -29.07 -53.68 -8.57
C GLY A 433 -28.01 -54.75 -8.76
N LEU A 434 -27.27 -54.68 -9.89
CA LEU A 434 -26.20 -55.63 -10.23
C LEU A 434 -24.98 -55.43 -9.34
N MET A 435 -24.57 -56.49 -8.64
CA MET A 435 -23.42 -56.44 -7.73
C MET A 435 -22.13 -56.88 -8.43
N TYR A 436 -21.10 -56.02 -8.36
CA TYR A 436 -19.78 -56.24 -8.96
C TYR A 436 -18.71 -56.32 -7.89
N PHE A 437 -17.71 -57.20 -8.07
CA PHE A 437 -16.62 -57.35 -7.11
C PHE A 437 -15.31 -57.84 -7.73
N VAL A 438 -14.18 -57.44 -7.12
CA VAL A 438 -12.83 -57.83 -7.54
C VAL A 438 -12.52 -59.20 -6.91
N ASP A 439 -12.24 -60.22 -7.74
CA ASP A 439 -11.89 -61.56 -7.30
C ASP A 439 -10.49 -61.88 -7.81
N ALA A 440 -9.47 -61.64 -6.96
CA ALA A 440 -8.03 -61.81 -7.21
C ALA A 440 -7.50 -60.89 -8.34
N THR A 441 -7.79 -61.21 -9.62
CA THR A 441 -7.34 -60.42 -10.79
C THR A 441 -8.45 -60.26 -11.85
N MET A 442 -9.72 -60.45 -11.45
CA MET A 442 -10.88 -60.32 -12.34
C MET A 442 -12.09 -59.67 -11.66
N ILE A 443 -13.07 -59.22 -12.46
CA ILE A 443 -14.30 -58.61 -11.95
C ILE A 443 -15.45 -59.58 -12.19
N ARG A 444 -16.19 -59.93 -11.13
CA ARG A 444 -17.30 -60.88 -11.20
C ARG A 444 -18.65 -60.22 -10.88
N LYS A 445 -19.72 -60.66 -11.57
CA LYS A 445 -21.08 -60.14 -11.39
C LYS A 445 -21.95 -61.11 -10.57
N VAL A 446 -22.93 -60.56 -9.85
CA VAL A 446 -23.94 -61.30 -9.08
C VAL A 446 -25.27 -60.58 -9.39
N ASP A 447 -26.04 -61.12 -10.35
CA ASP A 447 -27.29 -60.50 -10.82
C ASP A 447 -28.45 -60.60 -9.80
N GLN A 448 -29.62 -60.01 -10.17
CA GLN A 448 -30.86 -59.95 -9.40
C GLN A 448 -31.40 -61.33 -9.01
N ASN A 449 -31.22 -62.33 -9.89
CA ASN A 449 -31.66 -63.72 -9.69
C ASN A 449 -30.76 -64.48 -8.72
N GLY A 450 -29.51 -64.03 -8.57
CA GLY A 450 -28.52 -64.64 -7.69
C GLY A 450 -27.49 -65.48 -8.41
N ILE A 451 -27.43 -65.35 -9.75
CA ILE A 451 -26.52 -66.09 -10.63
C ILE A 451 -25.17 -65.33 -10.74
N ILE A 452 -24.06 -66.06 -10.54
CA ILE A 452 -22.71 -65.50 -10.63
C ILE A 452 -22.15 -65.65 -12.06
N SER A 453 -21.40 -64.65 -12.52
CA SER A 453 -20.75 -64.61 -13.84
C SER A 453 -19.44 -63.80 -13.74
N THR A 454 -18.69 -63.66 -14.85
CA THR A 454 -17.45 -62.90 -14.87
C THR A 454 -17.50 -61.82 -15.95
N LEU A 455 -17.34 -60.55 -15.52
CA LEU A 455 -17.33 -59.38 -16.40
C LEU A 455 -15.99 -59.32 -17.14
N LEU A 456 -14.88 -59.22 -16.39
CA LEU A 456 -13.52 -59.18 -16.94
C LEU A 456 -12.95 -60.61 -16.88
N GLY A 457 -13.40 -61.43 -17.83
CA GLY A 457 -13.03 -62.84 -17.95
C GLY A 457 -11.56 -63.09 -18.19
N SER A 458 -10.88 -63.71 -17.20
CA SER A 458 -9.47 -64.06 -17.27
C SER A 458 -9.27 -65.42 -17.97
N ASN A 459 -8.00 -65.90 -18.05
CA ASN A 459 -7.55 -67.16 -18.66
C ASN A 459 -7.69 -67.20 -20.21
N ASP A 460 -8.14 -66.09 -20.83
CA ASP A 460 -8.26 -65.96 -22.29
C ASP A 460 -7.05 -65.15 -22.83
N LEU A 461 -5.83 -65.63 -22.47
CA LEU A 461 -4.50 -65.08 -22.78
C LEU A 461 -4.28 -64.77 -24.28
N THR A 462 -4.97 -65.50 -25.19
CA THR A 462 -4.89 -65.35 -26.65
C THR A 462 -5.48 -64.02 -27.12
N ALA A 463 -6.71 -63.70 -26.66
CA ALA A 463 -7.43 -62.49 -27.02
C ALA A 463 -6.93 -61.24 -26.28
N VAL A 464 -6.19 -61.44 -25.16
CA VAL A 464 -5.64 -60.36 -24.32
C VAL A 464 -4.53 -59.58 -25.06
N ARG A 465 -4.68 -58.23 -25.08
CA ARG A 465 -3.76 -57.27 -25.70
C ARG A 465 -3.34 -56.23 -24.63
N PRO A 466 -2.05 -55.78 -24.57
CA PRO A 466 -1.65 -54.79 -23.54
C PRO A 466 -2.42 -53.48 -23.56
N LEU A 467 -2.56 -52.85 -22.36
CA LEU A 467 -3.30 -51.61 -22.11
C LEU A 467 -2.93 -50.44 -23.05
N SER A 468 -3.92 -50.00 -23.84
CA SER A 468 -3.78 -48.88 -24.77
C SER A 468 -3.92 -47.56 -24.02
N CYS A 469 -2.94 -46.66 -24.19
CA CYS A 469 -2.90 -45.34 -23.52
C CYS A 469 -3.99 -44.38 -24.01
N ASP A 470 -4.26 -44.33 -25.32
CA ASP A 470 -5.24 -43.42 -25.92
C ASP A 470 -6.63 -44.04 -26.13
N SER A 471 -6.72 -45.10 -26.96
CA SER A 471 -7.99 -45.77 -27.29
C SER A 471 -8.58 -46.59 -26.14
N SER A 472 -9.88 -46.93 -26.25
CA SER A 472 -10.62 -47.72 -25.26
C SER A 472 -10.99 -49.09 -25.84
N MET A 473 -10.57 -50.18 -25.17
CA MET A 473 -10.84 -51.55 -25.61
C MET A 473 -11.87 -52.28 -24.74
N ASP A 474 -12.47 -53.37 -25.28
CA ASP A 474 -13.48 -54.20 -24.61
C ASP A 474 -12.86 -54.99 -23.44
N VAL A 475 -13.72 -55.42 -22.49
CA VAL A 475 -13.38 -56.19 -21.28
C VAL A 475 -12.54 -57.45 -21.56
N SER A 476 -12.83 -58.14 -22.68
CA SER A 476 -12.17 -59.37 -23.12
C SER A 476 -10.67 -59.20 -23.41
N GLN A 477 -10.27 -58.01 -23.88
CA GLN A 477 -8.88 -57.67 -24.22
C GLN A 477 -8.07 -57.17 -23.02
N VAL A 478 -8.71 -56.98 -21.86
CA VAL A 478 -8.08 -56.42 -20.66
C VAL A 478 -7.68 -57.49 -19.63
N ARG A 479 -6.45 -57.35 -19.11
CA ARG A 479 -5.85 -58.18 -18.07
C ARG A 479 -5.51 -57.28 -16.87
N LEU A 480 -6.00 -57.64 -15.68
CA LEU A 480 -5.79 -56.88 -14.45
C LEU A 480 -4.65 -57.42 -13.59
N GLU A 481 -3.80 -56.51 -13.10
CA GLU A 481 -2.64 -56.80 -12.27
C GLU A 481 -2.77 -56.06 -10.92
N TRP A 482 -3.05 -56.81 -9.84
CA TRP A 482 -3.24 -56.34 -8.46
C TRP A 482 -4.40 -55.30 -8.29
N PRO A 483 -5.68 -55.67 -8.62
CA PRO A 483 -6.78 -54.72 -8.41
C PRO A 483 -7.27 -54.74 -6.96
N THR A 484 -7.66 -53.58 -6.38
CA THR A 484 -8.12 -53.52 -4.99
C THR A 484 -9.55 -52.93 -4.83
N ASP A 485 -9.69 -51.57 -4.76
CA ASP A 485 -10.97 -50.90 -4.58
C ASP A 485 -11.84 -50.86 -5.85
N LEU A 486 -13.17 -50.76 -5.64
CA LEU A 486 -14.18 -50.72 -6.70
C LEU A 486 -15.34 -49.78 -6.30
N ALA A 487 -15.84 -48.98 -7.26
CA ALA A 487 -16.95 -48.04 -7.04
C ALA A 487 -17.72 -47.73 -8.32
N VAL A 488 -19.04 -47.54 -8.19
CA VAL A 488 -19.94 -47.19 -9.31
C VAL A 488 -20.08 -45.65 -9.34
N ASP A 489 -20.02 -45.07 -10.56
CA ASP A 489 -20.18 -43.63 -10.80
C ASP A 489 -21.69 -43.33 -10.81
N PRO A 490 -22.25 -42.59 -9.83
CA PRO A 490 -23.71 -42.34 -9.84
C PRO A 490 -24.25 -41.42 -10.95
N MET A 491 -23.38 -40.96 -11.85
CA MET A 491 -23.77 -40.08 -12.95
C MET A 491 -23.68 -40.82 -14.29
N ASP A 492 -22.64 -41.65 -14.44
CA ASP A 492 -22.32 -42.43 -15.65
C ASP A 492 -22.89 -43.85 -15.59
N ASN A 493 -23.05 -44.40 -14.36
CA ASN A 493 -23.44 -45.77 -14.04
C ASN A 493 -22.32 -46.76 -14.47
N SER A 494 -21.11 -46.21 -14.63
CA SER A 494 -19.90 -46.93 -15.01
C SER A 494 -19.18 -47.46 -13.76
N LEU A 495 -18.34 -48.49 -13.93
CA LEU A 495 -17.59 -49.11 -12.85
C LEU A 495 -16.14 -48.62 -12.85
N TYR A 496 -15.67 -48.15 -11.68
CA TYR A 496 -14.31 -47.66 -11.51
C TYR A 496 -13.48 -48.66 -10.73
N VAL A 497 -12.35 -49.10 -11.31
CA VAL A 497 -11.45 -50.10 -10.72
C VAL A 497 -10.10 -49.47 -10.38
N LEU A 498 -9.62 -49.67 -9.15
CA LEU A 498 -8.31 -49.22 -8.68
C LEU A 498 -7.36 -50.41 -8.89
N GLU A 499 -6.43 -50.29 -9.86
CA GLU A 499 -5.53 -51.38 -10.23
C GLU A 499 -4.07 -50.90 -10.45
N ASN A 500 -3.16 -51.30 -9.54
CA ASN A 500 -1.72 -51.01 -9.56
C ASN A 500 -1.40 -49.54 -9.90
N ASN A 501 -1.86 -48.60 -9.04
CA ASN A 501 -1.69 -47.15 -9.16
C ASN A 501 -2.21 -46.57 -10.50
N VAL A 502 -3.32 -47.14 -11.01
CA VAL A 502 -4.02 -46.76 -12.24
C VAL A 502 -5.52 -47.01 -12.03
N ILE A 503 -6.37 -45.99 -12.28
CA ILE A 503 -7.81 -46.11 -12.17
C ILE A 503 -8.43 -46.25 -13.57
N LEU A 504 -9.14 -47.36 -13.80
CA LEU A 504 -9.79 -47.68 -15.06
C LEU A 504 -11.31 -47.57 -14.96
N ARG A 505 -12.00 -47.34 -16.10
CA ARG A 505 -13.45 -47.22 -16.15
C ARG A 505 -14.08 -48.27 -17.08
N ILE A 506 -15.09 -48.99 -16.57
CA ILE A 506 -15.85 -50.01 -17.28
C ILE A 506 -17.25 -49.40 -17.54
N THR A 507 -17.51 -48.99 -18.78
CA THR A 507 -18.80 -48.39 -19.16
C THR A 507 -19.91 -49.46 -19.24
N GLU A 508 -21.17 -49.04 -19.39
CA GLU A 508 -22.34 -49.92 -19.53
C GLU A 508 -22.26 -50.76 -20.81
N ASN A 509 -21.48 -50.27 -21.81
CA ASN A 509 -21.24 -50.92 -23.10
C ASN A 509 -19.99 -51.82 -23.06
N HIS A 510 -19.47 -52.08 -21.84
CA HIS A 510 -18.31 -52.93 -21.51
C HIS A 510 -16.99 -52.42 -22.14
N GLN A 511 -16.81 -51.07 -22.18
CA GLN A 511 -15.60 -50.43 -22.71
C GLN A 511 -14.68 -49.99 -21.57
N VAL A 512 -13.39 -50.37 -21.64
CA VAL A 512 -12.36 -50.08 -20.64
C VAL A 512 -11.40 -48.98 -21.10
N SER A 513 -11.09 -48.00 -20.20
CA SER A 513 -10.21 -46.87 -20.46
C SER A 513 -9.53 -46.33 -19.19
N ILE A 514 -8.31 -45.75 -19.33
CA ILE A 514 -7.55 -45.16 -18.22
C ILE A 514 -8.15 -43.79 -17.89
N ILE A 515 -8.48 -43.57 -16.61
CA ILE A 515 -9.08 -42.33 -16.12
C ILE A 515 -8.04 -41.50 -15.33
N ALA A 516 -7.19 -42.18 -14.53
CA ALA A 516 -6.15 -41.55 -13.71
C ALA A 516 -4.94 -42.48 -13.56
N GLY A 517 -3.75 -41.90 -13.57
CA GLY A 517 -2.50 -42.64 -13.43
C GLY A 517 -1.77 -42.83 -14.74
N ARG A 518 -0.44 -42.99 -14.66
CA ARG A 518 0.42 -43.19 -15.82
C ARG A 518 1.01 -44.61 -15.82
N PRO A 519 0.56 -45.52 -16.72
CA PRO A 519 1.14 -46.87 -16.75
C PRO A 519 2.52 -46.89 -17.40
N MET A 520 3.25 -48.01 -17.28
CA MET A 520 4.59 -48.15 -17.84
C MET A 520 4.59 -48.25 -19.38
N HIS A 521 3.40 -48.45 -19.99
CA HIS A 521 3.20 -48.53 -21.44
C HIS A 521 3.62 -47.23 -22.15
N CYS A 522 3.38 -46.08 -21.52
CA CYS A 522 3.70 -44.75 -22.06
C CYS A 522 4.28 -43.81 -20.97
N GLN A 523 5.21 -44.35 -20.16
CA GLN A 523 5.85 -43.64 -19.05
C GLN A 523 6.85 -42.57 -19.51
N VAL A 524 7.95 -42.98 -20.17
CA VAL A 524 9.02 -42.08 -20.64
C VAL A 524 9.66 -42.60 -21.96
N PRO A 525 9.71 -41.80 -23.06
CA PRO A 525 9.25 -40.41 -23.20
C PRO A 525 7.82 -40.29 -23.77
N GLY A 526 6.85 -40.77 -23.01
CA GLY A 526 5.43 -40.72 -23.35
C GLY A 526 4.93 -39.30 -23.49
N ILE A 527 5.39 -38.40 -22.59
CA ILE A 527 5.10 -36.96 -22.57
C ILE A 527 6.37 -36.15 -22.26
N ASP A 528 6.84 -35.37 -23.24
CA ASP A 528 8.03 -34.51 -23.10
C ASP A 528 7.70 -33.16 -22.45
N TYR A 529 6.40 -32.78 -22.42
CA TYR A 529 5.87 -31.58 -21.79
C TYR A 529 5.97 -31.68 -20.26
N SER A 530 5.97 -32.93 -19.73
CA SER A 530 6.02 -33.31 -18.32
C SER A 530 4.79 -32.86 -17.51
N LEU A 531 4.87 -31.69 -16.82
CA LEU A 531 3.80 -31.15 -15.98
C LEU A 531 2.59 -30.59 -16.72
N SER A 532 1.40 -31.13 -16.39
CA SER A 532 0.08 -30.73 -16.86
C SER A 532 -0.95 -31.11 -15.79
N LYS A 533 -2.06 -30.37 -15.71
CA LYS A 533 -3.12 -30.58 -14.71
C LYS A 533 -3.94 -31.86 -14.90
N LEU A 534 -3.86 -32.52 -16.07
CA LEU A 534 -4.59 -33.74 -16.41
C LEU A 534 -4.23 -34.96 -15.54
N ALA A 535 -5.23 -35.79 -15.22
CA ALA A 535 -5.10 -37.01 -14.42
C ALA A 535 -4.35 -38.11 -15.17
N ILE A 536 -4.56 -38.19 -16.50
CA ILE A 536 -3.93 -39.17 -17.40
C ILE A 536 -2.39 -39.00 -17.45
N HIS A 537 -1.89 -37.76 -17.27
CA HIS A 537 -0.46 -37.42 -17.29
C HIS A 537 0.20 -37.44 -15.91
N SER A 538 -0.60 -37.57 -14.84
CA SER A 538 -0.09 -37.58 -13.47
C SER A 538 -0.09 -38.99 -12.88
N ALA A 539 1.08 -39.43 -12.39
CA ALA A 539 1.27 -40.75 -11.80
C ALA A 539 0.74 -40.79 -10.37
N LEU A 540 0.12 -41.92 -10.00
CA LEU A 540 -0.43 -42.14 -8.66
C LEU A 540 0.60 -42.77 -7.73
N GLU A 541 0.84 -42.15 -6.56
CA GLU A 541 1.81 -42.61 -5.57
C GLU A 541 1.17 -43.41 -4.45
N SER A 542 1.26 -44.75 -4.55
CA SER A 542 0.75 -45.73 -3.59
C SER A 542 -0.73 -45.46 -3.20
N ALA A 543 -1.63 -45.53 -4.19
CA ALA A 543 -3.07 -45.32 -4.01
C ALA A 543 -3.71 -46.46 -3.22
N SER A 544 -4.67 -46.14 -2.33
CA SER A 544 -5.32 -47.12 -1.47
C SER A 544 -6.84 -47.23 -1.60
N ALA A 545 -7.53 -46.11 -1.84
CA ALA A 545 -9.00 -46.10 -1.95
C ALA A 545 -9.55 -45.11 -2.97
N ILE A 546 -10.80 -45.35 -3.44
CA ILE A 546 -11.52 -44.51 -4.39
C ILE A 546 -12.99 -44.29 -3.97
N ALA A 547 -13.56 -43.14 -4.34
CA ALA A 547 -14.96 -42.74 -4.09
C ALA A 547 -15.44 -41.81 -5.21
N ILE A 548 -16.71 -41.96 -5.61
CA ILE A 548 -17.31 -41.13 -6.67
C ILE A 548 -18.58 -40.46 -6.15
N SER A 549 -18.63 -39.11 -6.27
CA SER A 549 -19.80 -38.31 -5.87
C SER A 549 -20.88 -38.38 -6.96
N HIS A 550 -22.11 -37.94 -6.62
CA HIS A 550 -23.25 -37.93 -7.55
C HIS A 550 -23.04 -36.97 -8.74
N THR A 551 -22.08 -36.03 -8.61
CA THR A 551 -21.68 -35.08 -9.65
C THR A 551 -20.56 -35.65 -10.55
N GLY A 552 -20.25 -36.93 -10.37
CA GLY A 552 -19.24 -37.65 -11.14
C GLY A 552 -17.79 -37.33 -10.80
N VAL A 553 -17.55 -36.73 -9.62
CA VAL A 553 -16.21 -36.36 -9.15
C VAL A 553 -15.54 -37.55 -8.45
N LEU A 554 -14.35 -37.94 -8.93
CA LEU A 554 -13.58 -39.06 -8.38
C LEU A 554 -12.55 -38.58 -7.35
N TYR A 555 -12.56 -39.20 -6.15
CA TYR A 555 -11.63 -38.90 -5.07
C TYR A 555 -10.71 -40.09 -4.86
N ILE A 556 -9.39 -39.85 -4.87
CA ILE A 556 -8.38 -40.90 -4.72
C ILE A 556 -7.55 -40.72 -3.45
N SER A 557 -7.49 -41.77 -2.62
CA SER A 557 -6.71 -41.82 -1.39
C SER A 557 -5.33 -42.36 -1.74
N GLU A 558 -4.27 -41.67 -1.27
CA GLU A 558 -2.89 -42.08 -1.53
C GLU A 558 -2.13 -42.20 -0.22
N THR A 559 -1.67 -43.43 0.13
CA THR A 559 -0.91 -43.62 1.35
C THR A 559 0.34 -44.49 1.14
N ASP A 560 1.48 -43.90 1.51
CA ASP A 560 2.82 -44.47 1.49
C ASP A 560 3.10 -44.97 2.91
N GLU A 561 2.26 -44.50 3.88
CA GLU A 561 2.28 -44.76 5.32
C GLU A 561 3.44 -44.05 6.04
N LYS A 562 4.37 -43.46 5.26
CA LYS A 562 5.56 -42.75 5.74
C LYS A 562 5.35 -41.23 5.68
N LYS A 563 5.45 -40.63 4.48
CA LYS A 563 5.30 -39.20 4.28
C LYS A 563 4.11 -38.85 3.38
N ILE A 564 3.80 -39.71 2.39
CA ILE A 564 2.65 -39.50 1.49
C ILE A 564 1.39 -40.06 2.15
N ASN A 565 0.49 -39.17 2.57
CA ASN A 565 -0.80 -39.47 3.19
C ASN A 565 -1.71 -38.32 2.77
N ARG A 566 -2.30 -38.45 1.57
CA ARG A 566 -3.13 -37.41 0.97
C ARG A 566 -4.36 -37.91 0.21
N LEU A 567 -5.30 -36.99 -0.04
CA LEU A 567 -6.52 -37.22 -0.80
C LEU A 567 -6.53 -36.27 -2.00
N ARG A 568 -6.59 -36.85 -3.21
CA ARG A 568 -6.63 -36.09 -4.46
C ARG A 568 -8.00 -36.14 -5.13
N GLN A 569 -8.34 -35.09 -5.87
CA GLN A 569 -9.63 -34.92 -6.53
C GLN A 569 -9.47 -34.86 -8.06
N VAL A 570 -10.31 -35.62 -8.77
CA VAL A 570 -10.36 -35.68 -10.24
C VAL A 570 -11.75 -35.22 -10.69
N THR A 571 -11.82 -34.00 -11.26
CA THR A 571 -13.06 -33.40 -11.75
C THR A 571 -13.45 -34.01 -13.11
N THR A 572 -14.72 -33.81 -13.52
CA THR A 572 -15.30 -34.34 -14.77
C THR A 572 -14.44 -34.03 -16.02
N ASN A 573 -13.83 -32.83 -16.06
CA ASN A 573 -12.94 -32.38 -17.13
C ASN A 573 -11.63 -33.19 -17.25
N GLY A 574 -11.35 -34.02 -16.25
CA GLY A 574 -10.18 -34.89 -16.19
C GLY A 574 -8.94 -34.29 -15.51
N GLU A 575 -9.13 -33.20 -14.75
CA GLU A 575 -8.05 -32.52 -14.05
C GLU A 575 -7.88 -33.03 -12.61
N ILE A 576 -6.62 -33.27 -12.21
CA ILE A 576 -6.26 -33.76 -10.87
C ILE A 576 -5.65 -32.62 -10.01
N CYS A 577 -6.02 -32.59 -8.72
CA CYS A 577 -5.54 -31.60 -7.74
C CYS A 577 -5.62 -32.16 -6.32
N LEU A 578 -4.80 -31.62 -5.39
CA LEU A 578 -4.78 -32.02 -3.99
C LEU A 578 -6.01 -31.46 -3.27
N LEU A 579 -6.75 -32.32 -2.57
CA LEU A 579 -7.95 -31.93 -1.83
C LEU A 579 -7.67 -31.85 -0.33
N ALA A 580 -6.88 -32.80 0.20
CA ALA A 580 -6.52 -32.89 1.61
C ALA A 580 -5.18 -33.61 1.78
N GLY A 581 -4.49 -33.33 2.88
CA GLY A 581 -3.22 -33.96 3.21
C GLY A 581 -1.97 -33.27 2.72
N ALA A 582 -1.30 -32.53 3.61
CA ALA A 582 -0.04 -31.84 3.33
C ALA A 582 1.09 -32.86 3.42
N ALA A 583 2.22 -32.58 2.73
CA ALA A 583 3.41 -33.44 2.73
C ALA A 583 4.11 -33.34 4.09
N SER A 584 4.03 -34.42 4.89
CA SER A 584 4.60 -34.51 6.23
C SER A 584 6.12 -34.60 6.19
N ASP A 585 6.80 -33.80 7.03
CA ASP A 585 8.25 -33.78 7.16
C ASP A 585 8.73 -34.98 7.97
N CYS A 586 7.83 -35.52 8.81
CA CYS A 586 8.06 -36.66 9.70
C CYS A 586 7.48 -37.96 9.13
N ASP A 587 8.12 -39.11 9.44
CA ASP A 587 7.70 -40.45 9.02
C ASP A 587 6.65 -40.95 10.02
N CYS A 588 5.42 -41.20 9.53
CA CYS A 588 4.29 -41.64 10.35
C CYS A 588 4.41 -43.06 10.92
N LYS A 589 5.04 -43.98 10.15
CA LYS A 589 5.20 -45.39 10.53
C LYS A 589 6.50 -45.71 11.26
N ASN A 590 7.63 -45.13 10.81
CA ASN A 590 8.96 -45.41 11.36
C ASN A 590 9.34 -44.58 12.59
N ASP A 591 9.20 -43.23 12.53
CA ASP A 591 9.54 -42.33 13.64
C ASP A 591 8.61 -42.50 14.84
N VAL A 592 9.17 -42.78 16.03
CA VAL A 592 8.43 -42.97 17.28
C VAL A 592 7.96 -41.61 17.85
N ASN A 593 8.85 -40.60 17.84
CA ASN A 593 8.54 -39.24 18.31
C ASN A 593 7.91 -38.48 17.14
N CYS A 594 6.70 -38.92 16.74
CA CYS A 594 5.96 -38.36 15.61
C CYS A 594 4.48 -38.18 15.88
N ASN A 595 3.93 -37.08 15.37
CA ASN A 595 2.51 -36.76 15.46
C ASN A 595 2.01 -36.43 14.05
N CYS A 596 1.36 -37.42 13.41
CA CYS A 596 0.81 -37.29 12.07
C CYS A 596 -0.70 -36.97 12.09
N TYR A 597 -1.10 -36.19 13.11
CA TYR A 597 -2.47 -35.72 13.30
C TYR A 597 -2.47 -34.23 13.63
N SER A 598 -2.94 -33.42 12.66
CA SER A 598 -3.01 -31.96 12.76
C SER A 598 -3.97 -31.43 11.68
N GLY A 599 -4.23 -30.12 11.74
CA GLY A 599 -5.07 -29.42 10.77
C GLY A 599 -6.57 -29.48 10.96
N ASP A 600 -7.07 -30.27 11.95
CA ASP A 600 -8.51 -30.38 12.24
C ASP A 600 -9.09 -29.04 12.68
N ASP A 601 -10.29 -28.70 12.16
CA ASP A 601 -11.02 -27.44 12.33
C ASP A 601 -10.29 -26.28 11.61
N GLY A 602 -9.47 -26.66 10.63
CA GLY A 602 -8.70 -25.78 9.77
C GLY A 602 -8.83 -26.20 8.32
N TYR A 603 -7.92 -25.74 7.44
CA TYR A 603 -8.00 -26.12 6.02
C TYR A 603 -7.43 -27.50 5.76
N ALA A 604 -8.12 -28.26 4.91
CA ALA A 604 -7.81 -29.63 4.52
C ALA A 604 -6.42 -29.80 3.88
N THR A 605 -6.00 -28.85 3.04
CA THR A 605 -4.69 -28.88 2.36
C THR A 605 -3.50 -28.68 3.32
N ASP A 606 -3.75 -28.09 4.50
CA ASP A 606 -2.75 -27.86 5.54
C ASP A 606 -2.66 -29.01 6.54
N ALA A 607 -3.75 -29.80 6.64
CA ALA A 607 -3.87 -30.96 7.55
C ALA A 607 -2.95 -32.12 7.19
N ILE A 608 -2.50 -32.86 8.20
CA ILE A 608 -1.65 -34.03 8.02
C ILE A 608 -2.46 -35.29 8.36
N LEU A 609 -2.66 -36.16 7.36
CA LEU A 609 -3.38 -37.42 7.49
C LEU A 609 -2.42 -38.57 7.82
N ASN A 610 -2.95 -39.72 8.27
CA ASN A 610 -2.14 -40.90 8.58
C ASN A 610 -2.84 -42.17 8.14
N SER A 611 -2.25 -42.83 7.13
CA SER A 611 -2.68 -44.09 6.51
C SER A 611 -4.19 -44.14 6.10
N PRO A 612 -4.68 -43.23 5.19
CA PRO A 612 -6.09 -43.32 4.77
C PRO A 612 -6.38 -44.63 4.01
N SER A 613 -7.33 -45.43 4.54
CA SER A 613 -7.68 -46.76 4.00
C SER A 613 -8.95 -46.81 3.14
N SER A 614 -9.97 -46.00 3.47
CA SER A 614 -11.24 -45.98 2.74
C SER A 614 -11.88 -44.60 2.63
N LEU A 615 -12.69 -44.38 1.57
CA LEU A 615 -13.40 -43.12 1.29
C LEU A 615 -14.90 -43.33 1.02
N ALA A 616 -15.71 -42.30 1.34
CA ALA A 616 -17.17 -42.27 1.13
C ALA A 616 -17.66 -40.84 0.97
N VAL A 617 -18.61 -40.59 0.04
CA VAL A 617 -19.15 -39.24 -0.20
C VAL A 617 -20.55 -39.08 0.39
N ALA A 618 -20.68 -38.15 1.35
CA ALA A 618 -21.91 -37.81 2.07
C ALA A 618 -22.94 -37.13 1.18
N PRO A 619 -24.25 -37.13 1.57
CA PRO A 619 -25.27 -36.45 0.75
C PRO A 619 -24.99 -34.98 0.39
N ASP A 620 -24.41 -34.21 1.33
CA ASP A 620 -24.08 -32.78 1.14
C ASP A 620 -22.73 -32.56 0.40
N GLY A 621 -22.12 -33.66 -0.08
CA GLY A 621 -20.88 -33.63 -0.85
C GLY A 621 -19.60 -33.76 -0.06
N THR A 622 -19.69 -33.89 1.29
CA THR A 622 -18.50 -34.02 2.14
C THR A 622 -17.85 -35.39 1.97
N ILE A 623 -16.51 -35.43 1.98
CA ILE A 623 -15.77 -36.66 1.78
C ILE A 623 -15.26 -37.19 3.10
N TYR A 624 -15.67 -38.42 3.44
CA TYR A 624 -15.25 -39.12 4.65
C TYR A 624 -13.98 -39.90 4.36
N ILE A 625 -13.03 -39.83 5.29
CA ILE A 625 -11.73 -40.50 5.20
C ILE A 625 -11.56 -41.43 6.39
N ALA A 626 -11.27 -42.72 6.10
CA ALA A 626 -10.98 -43.71 7.14
C ALA A 626 -9.49 -43.51 7.45
N ASP A 627 -9.20 -42.58 8.39
CA ASP A 627 -7.85 -42.22 8.80
C ASP A 627 -7.33 -43.24 9.82
N LEU A 628 -7.08 -44.47 9.32
CA LEU A 628 -6.61 -45.67 10.04
C LEU A 628 -5.46 -45.41 11.01
N GLY A 629 -4.44 -44.66 10.55
CA GLY A 629 -3.26 -44.32 11.33
C GLY A 629 -3.53 -43.46 12.55
N ASN A 630 -4.55 -42.59 12.49
CA ASN A 630 -4.94 -41.73 13.61
C ASN A 630 -6.20 -42.23 14.33
N ILE A 631 -6.67 -43.46 13.98
CA ILE A 631 -7.84 -44.17 14.51
C ILE A 631 -9.06 -43.21 14.59
N ARG A 632 -9.34 -42.54 13.45
CA ARG A 632 -10.39 -41.54 13.31
C ARG A 632 -11.05 -41.58 11.92
N ILE A 633 -12.24 -40.98 11.84
CA ILE A 633 -12.96 -40.77 10.58
C ILE A 633 -13.03 -39.26 10.43
N ARG A 634 -12.36 -38.74 9.40
CA ARG A 634 -12.28 -37.30 9.15
C ARG A 634 -13.10 -36.88 7.94
N ALA A 635 -13.76 -35.71 8.03
CA ALA A 635 -14.62 -35.19 6.96
C ALA A 635 -14.08 -33.93 6.29
N VAL A 636 -13.98 -33.95 4.95
CA VAL A 636 -13.54 -32.81 4.14
C VAL A 636 -14.83 -32.18 3.59
N SER A 637 -15.25 -31.08 4.22
CA SER A 637 -16.49 -30.35 3.91
C SER A 637 -16.26 -29.01 3.22
N LYS A 638 -17.28 -28.52 2.49
CA LYS A 638 -17.26 -27.21 1.81
C LYS A 638 -17.20 -26.12 2.88
N ASN A 639 -16.42 -25.04 2.62
CA ASN A 639 -16.30 -23.93 3.56
C ASN A 639 -17.66 -23.21 3.66
N ARG A 640 -18.26 -23.25 4.86
CA ARG A 640 -19.61 -22.68 5.10
C ARG A 640 -19.74 -22.02 6.48
N PRO A 641 -20.62 -20.98 6.63
CA PRO A 641 -20.85 -20.42 7.97
C PRO A 641 -21.74 -21.35 8.80
N ILE A 642 -21.37 -21.54 10.06
CA ILE A 642 -22.10 -22.43 10.98
C ILE A 642 -22.99 -21.61 11.92
N LEU A 643 -24.21 -22.12 12.20
CA LEU A 643 -25.16 -21.49 13.12
C LEU A 643 -24.59 -21.55 14.53
N ASN A 644 -24.42 -20.39 15.17
CA ASN A 644 -23.90 -20.32 16.53
C ASN A 644 -24.98 -20.62 17.59
N SER A 645 -24.60 -20.52 18.89
CA SER A 645 -25.48 -20.76 20.04
C SER A 645 -26.68 -19.80 20.09
N PHE A 646 -26.58 -18.65 19.41
CA PHE A 646 -27.61 -17.61 19.36
C PHE A 646 -28.49 -17.72 18.09
N ASN A 647 -28.37 -18.85 17.35
CA ASN A 647 -29.10 -19.14 16.09
C ASN A 647 -28.84 -18.04 15.04
N GLN A 648 -27.55 -17.69 14.88
CA GLN A 648 -27.07 -16.65 13.96
C GLN A 648 -25.87 -17.11 13.15
N TYR A 649 -25.67 -16.49 11.97
CA TYR A 649 -24.54 -16.76 11.09
C TYR A 649 -23.56 -15.59 11.13
N GLU A 650 -22.27 -15.89 11.03
CA GLU A 650 -21.21 -14.87 11.06
C GLU A 650 -20.24 -15.01 9.91
N ALA A 651 -19.98 -13.88 9.23
CA ALA A 651 -19.03 -13.72 8.13
C ALA A 651 -18.21 -12.45 8.43
N ALA A 652 -17.02 -12.30 7.84
CA ALA A 652 -16.15 -11.15 8.11
C ALA A 652 -15.31 -10.70 6.93
N SER A 653 -14.90 -9.42 6.96
CA SER A 653 -14.04 -8.80 5.95
C SER A 653 -12.78 -8.29 6.69
N PRO A 654 -11.67 -9.05 6.61
CA PRO A 654 -10.44 -8.65 7.33
C PRO A 654 -9.84 -7.35 6.82
N GLY A 655 -10.00 -7.09 5.52
CA GLY A 655 -9.52 -5.86 4.88
C GLY A 655 -10.20 -4.61 5.41
N GLU A 656 -11.49 -4.72 5.76
CA GLU A 656 -12.30 -3.62 6.30
C GLU A 656 -12.34 -3.69 7.83
N GLN A 657 -11.80 -4.80 8.42
CA GLN A 657 -11.77 -5.10 9.86
C GLN A 657 -13.19 -5.06 10.45
N GLU A 658 -14.11 -5.75 9.77
CA GLU A 658 -15.53 -5.83 10.12
C GLU A 658 -16.02 -7.26 10.24
N LEU A 659 -16.98 -7.48 11.15
CA LEU A 659 -17.64 -8.76 11.39
C LEU A 659 -19.15 -8.54 11.15
N TYR A 660 -19.75 -9.39 10.30
CA TYR A 660 -21.17 -9.28 9.96
C TYR A 660 -21.98 -10.40 10.59
N VAL A 661 -23.08 -10.01 11.26
CA VAL A 661 -24.00 -10.91 11.95
C VAL A 661 -25.33 -11.00 11.18
N PHE A 662 -25.77 -12.22 10.86
CA PHE A 662 -27.00 -12.52 10.13
C PHE A 662 -27.88 -13.44 10.96
N ASN A 663 -29.22 -13.36 10.79
CA ASN A 663 -30.11 -14.28 11.49
C ASN A 663 -30.13 -15.66 10.76
N ALA A 664 -30.99 -16.60 11.19
CA ALA A 664 -31.10 -17.94 10.59
C ALA A 664 -31.48 -17.93 9.09
N ASP A 665 -32.08 -16.81 8.61
CA ASP A 665 -32.50 -16.62 7.22
C ASP A 665 -31.48 -15.83 6.37
N GLY A 666 -30.32 -15.51 6.96
CA GLY A 666 -29.25 -14.77 6.30
C GLY A 666 -29.51 -13.27 6.16
N ILE A 667 -30.42 -12.73 7.00
CA ILE A 667 -30.79 -11.31 7.02
C ILE A 667 -29.85 -10.56 7.98
N HIS A 668 -29.14 -9.55 7.45
CA HIS A 668 -28.15 -8.71 8.15
C HIS A 668 -28.69 -8.02 9.40
N GLN A 669 -28.19 -8.44 10.57
CA GLN A 669 -28.60 -7.89 11.86
C GLN A 669 -27.68 -6.76 12.29
N TYR A 670 -26.37 -7.06 12.42
CA TYR A 670 -25.35 -6.11 12.86
C TYR A 670 -24.05 -6.20 12.07
N THR A 671 -23.23 -5.15 12.18
CA THR A 671 -21.86 -5.04 11.67
C THR A 671 -21.05 -4.59 12.88
N LEU A 672 -20.13 -5.43 13.34
CA LEU A 672 -19.28 -5.16 14.49
C LEU A 672 -17.84 -5.00 14.04
N SER A 673 -16.99 -4.41 14.89
CA SER A 673 -15.57 -4.27 14.59
C SER A 673 -14.90 -5.60 14.88
N LEU A 674 -14.12 -6.11 13.92
CA LEU A 674 -13.40 -7.38 14.05
C LEU A 674 -12.29 -7.28 15.11
N VAL A 675 -11.77 -6.06 15.34
CA VAL A 675 -10.71 -5.75 16.32
C VAL A 675 -11.30 -5.39 17.69
N THR A 676 -12.12 -4.32 17.73
CA THR A 676 -12.73 -3.74 18.92
C THR A 676 -13.89 -4.55 19.53
N GLY A 677 -14.71 -5.15 18.67
CA GLY A 677 -15.88 -5.91 19.10
C GLY A 677 -17.09 -5.03 19.39
N GLU A 678 -16.97 -3.73 19.08
CA GLU A 678 -18.02 -2.73 19.26
C GLU A 678 -18.91 -2.68 18.02
N TYR A 679 -20.22 -2.43 18.23
CA TYR A 679 -21.21 -2.33 17.17
C TYR A 679 -20.97 -1.09 16.32
N LEU A 680 -20.86 -1.29 14.99
CA LEU A 680 -20.64 -0.24 14.00
C LEU A 680 -21.94 0.17 13.33
N TYR A 681 -22.79 -0.84 12.97
CA TYR A 681 -24.09 -0.65 12.34
C TYR A 681 -25.13 -1.64 12.86
N ASN A 682 -26.34 -1.14 13.12
CA ASN A 682 -27.50 -1.91 13.58
C ASN A 682 -28.62 -1.76 12.54
N PHE A 683 -29.13 -2.89 12.01
CA PHE A 683 -30.14 -2.93 10.96
C PHE A 683 -31.51 -3.39 11.47
N THR A 684 -32.54 -2.54 11.32
CA THR A 684 -33.91 -2.84 11.70
C THR A 684 -34.78 -2.95 10.46
N TYR A 685 -35.76 -3.87 10.48
CA TYR A 685 -36.62 -4.19 9.35
C TYR A 685 -38.11 -4.01 9.65
N SER A 686 -38.93 -4.10 8.59
CA SER A 686 -40.39 -4.05 8.67
C SER A 686 -40.89 -5.49 8.79
N SER A 687 -42.23 -5.66 8.95
CA SER A 687 -42.88 -6.97 9.04
C SER A 687 -42.65 -7.85 7.80
N ASP A 688 -42.44 -7.21 6.62
CA ASP A 688 -42.18 -7.88 5.34
C ASP A 688 -40.67 -8.13 5.09
N ASN A 689 -39.82 -7.86 6.11
CA ASN A 689 -38.35 -8.00 6.13
C ASN A 689 -37.62 -7.02 5.17
N ASP A 690 -38.20 -5.82 4.99
CA ASP A 690 -37.63 -4.73 4.19
C ASP A 690 -36.85 -3.83 5.15
N VAL A 691 -35.59 -3.46 4.79
CA VAL A 691 -34.74 -2.61 5.64
C VAL A 691 -35.38 -1.21 5.79
N THR A 692 -35.60 -0.79 7.05
CA THR A 692 -36.23 0.50 7.35
C THR A 692 -35.33 1.47 8.11
N GLU A 693 -34.26 0.97 8.78
CA GLU A 693 -33.32 1.81 9.53
C GLU A 693 -31.92 1.20 9.67
N VAL A 694 -30.90 2.03 9.41
CA VAL A 694 -29.47 1.72 9.55
C VAL A 694 -28.99 2.70 10.63
N MET A 695 -28.63 2.17 11.80
CA MET A 695 -28.18 2.98 12.93
C MET A 695 -26.69 2.75 13.17
N ASP A 696 -25.87 3.81 13.02
CA ASP A 696 -24.43 3.69 13.25
C ASP A 696 -24.08 3.81 14.74
N SER A 697 -22.80 3.56 15.08
CA SER A 697 -22.22 3.61 16.43
C SER A 697 -22.38 4.97 17.15
N ASN A 698 -22.44 6.07 16.38
CA ASN A 698 -22.56 7.45 16.88
C ASN A 698 -24.00 7.92 17.14
N GLY A 699 -24.98 7.09 16.75
CA GLY A 699 -26.39 7.40 16.91
C GLY A 699 -27.01 8.05 15.69
N ASN A 700 -26.32 7.99 14.54
CA ASN A 700 -26.81 8.55 13.29
C ASN A 700 -27.68 7.50 12.59
N SER A 701 -28.98 7.80 12.46
CA SER A 701 -29.92 6.87 11.83
C SER A 701 -30.35 7.30 10.45
N LEU A 702 -30.19 6.41 9.46
CA LEU A 702 -30.61 6.61 8.09
C LEU A 702 -31.88 5.78 7.96
N LYS A 703 -33.04 6.45 7.96
CA LYS A 703 -34.32 5.76 7.84
C LYS A 703 -34.80 5.66 6.40
N VAL A 704 -35.30 4.48 6.03
CA VAL A 704 -35.87 4.22 4.70
C VAL A 704 -37.38 4.24 4.90
N ARG A 705 -38.03 5.36 4.53
CA ARG A 705 -39.48 5.48 4.68
C ARG A 705 -40.16 4.73 3.56
N ARG A 706 -40.92 3.69 3.92
CA ARG A 706 -41.55 2.81 2.95
C ARG A 706 -43.07 2.88 2.91
N ASP A 707 -43.60 2.27 1.86
CA ASP A 707 -45.00 2.09 1.51
C ASP A 707 -45.46 0.77 2.16
N ALA A 708 -46.78 0.52 2.21
CA ALA A 708 -47.37 -0.71 2.78
C ALA A 708 -46.87 -1.98 2.08
N SER A 709 -46.54 -1.88 0.78
CA SER A 709 -46.02 -2.96 -0.06
C SER A 709 -44.48 -3.11 0.06
N GLY A 710 -43.86 -2.15 0.76
CA GLY A 710 -42.41 -2.10 0.97
C GLY A 710 -41.71 -1.21 -0.04
N MET A 711 -42.50 -0.48 -0.85
CA MET A 711 -41.98 0.42 -1.87
C MET A 711 -41.29 1.64 -1.26
N PRO A 712 -40.01 1.88 -1.59
CA PRO A 712 -39.31 3.04 -1.02
C PRO A 712 -39.92 4.37 -1.50
N ARG A 713 -40.09 5.34 -0.58
CA ARG A 713 -40.64 6.66 -0.87
C ARG A 713 -39.52 7.69 -0.82
N HIS A 714 -38.76 7.69 0.29
CA HIS A 714 -37.64 8.59 0.54
C HIS A 714 -36.71 8.07 1.64
N LEU A 715 -35.54 8.71 1.77
CA LEU A 715 -34.55 8.43 2.82
C LEU A 715 -34.52 9.62 3.78
N LEU A 716 -34.68 9.35 5.09
CA LEU A 716 -34.59 10.38 6.12
C LEU A 716 -33.18 10.27 6.72
N MET A 717 -32.31 11.20 6.29
CA MET A 717 -30.90 11.28 6.66
C MET A 717 -30.67 11.59 8.15
N PRO A 718 -29.49 11.23 8.73
CA PRO A 718 -29.25 11.53 10.15
C PRO A 718 -29.47 12.99 10.58
N ASP A 719 -29.31 13.96 9.64
CA ASP A 719 -29.51 15.39 9.86
C ASP A 719 -30.95 15.85 9.55
N ASN A 720 -31.90 14.87 9.46
CA ASN A 720 -33.33 15.01 9.17
C ASN A 720 -33.60 15.64 7.79
N GLN A 721 -32.68 15.41 6.83
CA GLN A 721 -32.79 15.85 5.45
C GLN A 721 -33.52 14.75 4.69
N ILE A 722 -34.42 15.13 3.76
CA ILE A 722 -35.18 14.18 2.96
C ILE A 722 -34.55 13.99 1.58
N VAL A 723 -34.21 12.73 1.25
CA VAL A 723 -33.67 12.35 -0.05
C VAL A 723 -34.77 11.54 -0.76
N THR A 724 -35.45 12.18 -1.71
CA THR A 724 -36.57 11.61 -2.49
C THR A 724 -36.12 10.47 -3.40
N LEU A 725 -36.83 9.34 -3.35
CA LEU A 725 -36.59 8.17 -4.18
C LEU A 725 -37.81 7.88 -5.05
N ALA A 726 -37.61 7.86 -6.37
CA ALA A 726 -38.68 7.59 -7.32
C ALA A 726 -38.33 6.31 -8.07
N VAL A 727 -39.15 5.28 -7.91
CA VAL A 727 -38.97 3.99 -8.60
C VAL A 727 -39.90 4.03 -9.82
N GLY A 728 -39.43 3.48 -10.94
CA GLY A 728 -40.17 3.48 -12.20
C GLY A 728 -41.20 2.37 -12.32
N THR A 729 -41.83 2.28 -13.51
CA THR A 729 -42.83 1.27 -13.84
C THR A 729 -42.18 -0.11 -14.02
N ASN A 730 -40.88 -0.14 -14.39
CA ASN A 730 -40.08 -1.35 -14.58
C ASN A 730 -39.45 -1.82 -13.27
N GLY A 731 -39.71 -1.09 -12.18
CA GLY A 731 -39.20 -1.41 -10.85
C GLY A 731 -37.80 -0.89 -10.53
N GLY A 732 -37.22 -0.14 -11.47
CA GLY A 732 -35.90 0.44 -11.32
C GLY A 732 -35.91 1.85 -10.78
N LEU A 733 -34.96 2.15 -9.87
CA LEU A 733 -34.76 3.46 -9.24
C LEU A 733 -34.45 4.48 -10.33
N LYS A 734 -35.43 5.36 -10.57
CA LYS A 734 -35.46 6.38 -11.60
C LYS A 734 -34.85 7.71 -11.14
N LEU A 735 -35.13 8.14 -9.90
CA LEU A 735 -34.66 9.43 -9.40
C LEU A 735 -34.26 9.42 -7.93
N VAL A 736 -33.12 10.07 -7.62
CA VAL A 736 -32.55 10.27 -6.28
C VAL A 736 -32.32 11.79 -6.21
N SER A 737 -33.03 12.50 -5.32
CA SER A 737 -32.91 13.96 -5.25
C SER A 737 -33.20 14.58 -3.90
N THR A 738 -32.65 15.77 -3.66
CA THR A 738 -32.90 16.58 -2.48
C THR A 738 -33.83 17.73 -2.92
N GLN A 739 -34.15 18.66 -2.02
CA GLN A 739 -35.02 19.81 -2.30
C GLN A 739 -34.41 20.76 -3.35
N THR A 740 -33.06 20.69 -3.53
CA THR A 740 -32.32 21.51 -4.48
C THR A 740 -31.62 20.68 -5.57
N LEU A 741 -30.87 19.64 -5.17
CA LEU A 741 -30.06 18.79 -6.06
C LEU A 741 -30.75 17.56 -6.63
N GLU A 742 -30.38 17.21 -7.87
CA GLU A 742 -30.82 15.99 -8.54
C GLU A 742 -29.59 15.09 -8.53
N LEU A 743 -29.44 14.30 -7.45
CA LEU A 743 -28.29 13.41 -7.21
C LEU A 743 -28.11 12.32 -8.26
N GLY A 744 -29.23 11.79 -8.76
CA GLY A 744 -29.23 10.73 -9.77
C GLY A 744 -30.51 10.63 -10.56
N LEU A 745 -30.38 10.41 -11.87
CA LEU A 745 -31.48 10.23 -12.80
C LEU A 745 -31.12 9.04 -13.69
N MET A 746 -31.83 7.91 -13.50
CA MET A 746 -31.54 6.66 -14.19
C MET A 746 -32.68 6.10 -15.04
N THR A 747 -32.30 5.46 -16.16
CA THR A 747 -33.19 4.74 -17.08
C THR A 747 -32.64 3.32 -17.25
N TYR A 748 -33.50 2.35 -17.61
CA TYR A 748 -33.13 0.95 -17.74
C TYR A 748 -33.56 0.34 -19.07
N ASN A 749 -32.95 -0.80 -19.44
CA ASN A 749 -33.29 -1.52 -20.67
C ASN A 749 -34.42 -2.51 -20.39
N GLY A 750 -35.66 -2.03 -20.56
CA GLY A 750 -36.88 -2.80 -20.32
C GLY A 750 -37.00 -3.26 -18.88
N ASN A 751 -37.25 -4.57 -18.70
CA ASN A 751 -37.38 -5.21 -17.39
C ASN A 751 -36.15 -6.06 -17.03
N SER A 752 -35.05 -5.93 -17.81
CA SER A 752 -33.78 -6.65 -17.60
C SER A 752 -33.06 -6.18 -16.34
N GLY A 753 -33.28 -4.92 -15.98
CA GLY A 753 -32.68 -4.26 -14.82
C GLY A 753 -31.34 -3.62 -15.14
N LEU A 754 -30.88 -3.78 -16.39
CA LEU A 754 -29.61 -3.24 -16.88
C LEU A 754 -29.70 -1.74 -17.07
N LEU A 755 -28.84 -0.99 -16.35
CA LEU A 755 -28.77 0.47 -16.37
C LEU A 755 -28.40 0.99 -17.76
N ALA A 756 -29.32 1.74 -18.38
CA ALA A 756 -29.15 2.31 -19.73
C ALA A 756 -28.44 3.67 -19.65
N THR A 757 -28.93 4.56 -18.76
CA THR A 757 -28.36 5.91 -18.54
C THR A 757 -28.31 6.24 -17.05
N LYS A 758 -27.45 7.21 -16.68
CA LYS A 758 -27.29 7.71 -15.32
C LYS A 758 -26.79 9.15 -15.40
N SER A 759 -27.61 10.10 -14.93
CA SER A 759 -27.31 11.53 -14.92
C SER A 759 -27.15 12.07 -13.51
N ASP A 760 -26.38 13.15 -13.36
CA ASP A 760 -26.21 13.83 -12.08
C ASP A 760 -26.71 15.29 -12.21
N GLU A 761 -26.52 16.10 -11.15
CA GLU A 761 -26.93 17.51 -11.09
C GLU A 761 -26.27 18.42 -12.13
N THR A 762 -25.06 18.05 -12.60
CA THR A 762 -24.28 18.80 -13.59
C THR A 762 -24.84 18.63 -15.02
N GLY A 763 -25.72 17.64 -15.21
CA GLY A 763 -26.33 17.32 -16.49
C GLY A 763 -25.52 16.31 -17.28
N TRP A 764 -24.44 15.78 -16.67
CA TRP A 764 -23.53 14.80 -17.25
C TRP A 764 -24.26 13.45 -17.33
N THR A 765 -24.51 12.97 -18.56
CA THR A 765 -25.19 11.69 -18.78
C THR A 765 -24.25 10.66 -19.36
N THR A 766 -24.13 9.50 -18.67
CA THR A 766 -23.32 8.37 -19.12
C THR A 766 -24.26 7.32 -19.71
N PHE A 767 -23.91 6.79 -20.89
CA PHE A 767 -24.69 5.78 -21.60
C PHE A 767 -24.00 4.43 -21.57
N TYR A 768 -24.75 3.38 -21.26
CA TYR A 768 -24.23 2.02 -21.17
C TYR A 768 -24.93 1.10 -22.14
N ASP A 769 -24.13 0.34 -22.90
CA ASP A 769 -24.63 -0.62 -23.88
C ASP A 769 -24.19 -2.03 -23.49
N TYR A 770 -25.08 -3.00 -23.67
CA TYR A 770 -24.83 -4.40 -23.33
C TYR A 770 -25.14 -5.30 -24.51
N ASP A 771 -24.60 -6.53 -24.50
CA ASP A 771 -24.90 -7.53 -25.52
C ASP A 771 -26.15 -8.29 -25.07
N HIS A 772 -26.65 -9.25 -25.88
CA HIS A 772 -27.85 -10.05 -25.58
C HIS A 772 -27.71 -10.90 -24.30
N GLU A 773 -26.46 -11.14 -23.87
CA GLU A 773 -26.06 -11.91 -22.69
C GLU A 773 -26.05 -11.04 -21.41
N GLY A 774 -26.28 -9.73 -21.57
CA GLY A 774 -26.30 -8.76 -20.48
C GLY A 774 -24.93 -8.32 -19.99
N ARG A 775 -23.90 -8.50 -20.85
CA ARG A 775 -22.50 -8.13 -20.56
C ARG A 775 -22.21 -6.75 -21.16
N LEU A 776 -21.63 -5.85 -20.34
CA LEU A 776 -21.27 -4.48 -20.73
C LEU A 776 -20.31 -4.47 -21.95
N THR A 777 -20.72 -3.77 -23.01
CA THR A 777 -19.95 -3.68 -24.26
C THR A 777 -19.42 -2.28 -24.53
N ASN A 778 -20.20 -1.23 -24.18
CA ASN A 778 -19.79 0.16 -24.41
C ASN A 778 -20.21 1.09 -23.27
N VAL A 779 -19.36 2.09 -22.98
CA VAL A 779 -19.58 3.15 -21.97
C VAL A 779 -19.25 4.48 -22.67
N THR A 780 -20.29 5.29 -22.94
CA THR A 780 -20.17 6.57 -23.64
C THR A 780 -20.40 7.74 -22.69
N ARG A 781 -19.48 8.73 -22.75
CA ARG A 781 -19.49 9.92 -21.89
C ARG A 781 -19.78 11.21 -22.70
N PRO A 782 -20.28 12.31 -22.05
CA PRO A 782 -20.55 13.55 -22.80
C PRO A 782 -19.35 14.20 -23.50
N THR A 783 -18.13 13.74 -23.16
CA THR A 783 -16.87 14.19 -23.76
C THR A 783 -16.68 13.59 -25.16
N GLY A 784 -17.48 12.57 -25.49
CA GLY A 784 -17.41 11.86 -26.76
C GLY A 784 -16.49 10.66 -26.70
N VAL A 785 -16.01 10.35 -25.48
CA VAL A 785 -15.11 9.24 -25.20
C VAL A 785 -15.93 7.97 -24.97
N VAL A 786 -15.57 6.90 -25.70
CA VAL A 786 -16.22 5.58 -25.64
C VAL A 786 -15.21 4.53 -25.20
N THR A 787 -15.57 3.75 -24.18
CA THR A 787 -14.78 2.63 -23.69
C THR A 787 -15.52 1.38 -24.14
N SER A 788 -14.87 0.57 -24.99
CA SER A 788 -15.46 -0.65 -25.55
C SER A 788 -14.84 -1.92 -24.97
N LEU A 789 -15.69 -2.92 -24.72
CA LEU A 789 -15.31 -4.22 -24.19
C LEU A 789 -15.76 -5.30 -25.16
N HIS A 790 -14.81 -6.13 -25.63
CA HIS A 790 -15.09 -7.23 -26.55
C HIS A 790 -14.66 -8.57 -25.95
N ARG A 791 -15.59 -9.53 -25.91
CA ARG A 791 -15.37 -10.86 -25.36
C ARG A 791 -15.22 -11.92 -26.45
N GLU A 792 -14.21 -12.78 -26.27
CA GLU A 792 -13.92 -13.93 -27.13
C GLU A 792 -13.83 -15.13 -26.19
N MET A 793 -14.94 -15.88 -26.11
CA MET A 793 -15.10 -17.03 -25.23
C MET A 793 -14.71 -18.33 -25.93
N GLU A 794 -13.46 -18.77 -25.73
CA GLU A 794 -12.89 -20.00 -26.29
C GLU A 794 -12.39 -20.85 -25.11
N LYS A 795 -11.27 -21.61 -25.27
CA LYS A 795 -10.66 -22.41 -24.19
C LYS A 795 -10.24 -21.48 -23.04
N SER A 796 -9.90 -20.23 -23.39
CA SER A 796 -9.56 -19.14 -22.49
C SER A 796 -10.44 -17.94 -22.88
N ILE A 797 -11.02 -17.26 -21.87
CA ILE A 797 -11.88 -16.10 -22.10
C ILE A 797 -11.02 -14.83 -22.20
N THR A 798 -11.03 -14.17 -23.38
CA THR A 798 -10.25 -12.95 -23.58
C THR A 798 -11.17 -11.74 -23.69
N ILE A 799 -10.91 -10.72 -22.87
CA ILE A 799 -11.67 -9.47 -22.90
C ILE A 799 -10.75 -8.35 -23.35
N ASP A 800 -11.11 -7.71 -24.47
CA ASP A 800 -10.35 -6.61 -25.06
C ASP A 800 -10.98 -5.29 -24.67
N ILE A 801 -10.17 -4.39 -24.09
CA ILE A 801 -10.58 -3.07 -23.64
C ILE A 801 -9.92 -2.03 -24.55
N GLU A 802 -10.76 -1.19 -25.16
CA GLU A 802 -10.34 -0.13 -26.08
C GLU A 802 -10.99 1.20 -25.71
N ASN A 803 -10.28 2.29 -25.99
CA ASN A 803 -10.77 3.65 -25.76
C ASN A 803 -10.66 4.43 -27.06
N SER A 804 -11.70 5.24 -27.35
CA SER A 804 -11.81 6.06 -28.56
C SER A 804 -10.78 7.20 -28.64
N ASN A 805 -10.30 7.68 -27.48
CA ASN A 805 -9.35 8.78 -27.39
C ASN A 805 -7.88 8.37 -27.22
N ARG A 806 -7.60 7.12 -26.78
CA ARG A 806 -6.24 6.64 -26.55
C ARG A 806 -5.85 5.33 -27.26
N ASP A 807 -4.52 5.07 -27.35
CA ASP A 807 -3.91 3.88 -27.95
C ASP A 807 -3.47 2.89 -26.86
N ASP A 808 -4.09 3.00 -25.67
CA ASP A 808 -3.81 2.18 -24.49
C ASP A 808 -4.65 0.90 -24.41
N ASP A 809 -4.70 0.12 -25.51
CA ASP A 809 -5.47 -1.14 -25.59
C ASP A 809 -4.95 -2.18 -24.59
N VAL A 810 -5.85 -2.62 -23.70
CA VAL A 810 -5.58 -3.60 -22.64
C VAL A 810 -6.40 -4.86 -22.92
N THR A 811 -5.76 -6.04 -22.85
CA THR A 811 -6.45 -7.32 -23.07
C THR A 811 -6.22 -8.24 -21.87
N VAL A 812 -7.31 -8.82 -21.32
CA VAL A 812 -7.28 -9.74 -20.17
C VAL A 812 -7.62 -11.13 -20.64
N ILE A 813 -6.72 -12.10 -20.38
CA ILE A 813 -6.93 -13.50 -20.76
C ILE A 813 -7.16 -14.31 -19.48
N THR A 814 -8.27 -15.06 -19.42
CA THR A 814 -8.62 -15.87 -18.26
C THR A 814 -8.67 -17.36 -18.62
N ASN A 815 -7.91 -18.18 -17.86
CA ASN A 815 -7.87 -19.63 -18.00
C ASN A 815 -8.31 -20.23 -16.67
N LEU A 816 -9.55 -20.74 -16.63
CA LEU A 816 -10.12 -21.33 -15.43
C LEU A 816 -9.92 -22.84 -15.41
N SER A 817 -9.39 -23.34 -14.28
CA SER A 817 -9.10 -24.75 -14.09
C SER A 817 -9.57 -25.24 -12.70
N SER A 818 -9.23 -26.49 -12.38
CA SER A 818 -9.55 -27.16 -11.12
C SER A 818 -8.78 -26.55 -9.96
N VAL A 819 -7.46 -26.31 -10.15
CA VAL A 819 -6.55 -25.81 -9.12
C VAL A 819 -6.53 -24.28 -9.01
N GLU A 820 -6.65 -23.55 -10.14
CA GLU A 820 -6.56 -22.09 -10.13
C GLU A 820 -7.28 -21.37 -11.28
N ALA A 821 -7.45 -20.05 -11.10
CA ALA A 821 -7.97 -19.12 -12.08
C ALA A 821 -6.72 -18.32 -12.51
N SER A 822 -6.29 -18.49 -13.77
CA SER A 822 -5.09 -17.86 -14.31
C SER A 822 -5.42 -16.66 -15.21
N TYR A 823 -4.91 -15.47 -14.84
CA TYR A 823 -5.15 -14.22 -15.55
C TYR A 823 -3.86 -13.63 -16.12
N THR A 824 -3.95 -13.07 -17.33
CA THR A 824 -2.83 -12.42 -18.02
C THR A 824 -3.30 -11.09 -18.60
N VAL A 825 -2.80 -9.98 -18.03
CA VAL A 825 -3.11 -8.62 -18.48
C VAL A 825 -2.01 -8.21 -19.47
N VAL A 826 -2.40 -7.98 -20.73
CA VAL A 826 -1.50 -7.64 -21.84
C VAL A 826 -1.69 -6.21 -22.37
N GLN A 827 -0.58 -5.47 -22.47
CA GLN A 827 -0.49 -4.11 -23.02
C GLN A 827 0.70 -4.16 -23.96
N ASP A 828 0.43 -4.43 -25.26
CA ASP A 828 1.41 -4.61 -26.35
C ASP A 828 2.17 -5.94 -26.14
N GLN A 829 3.42 -5.89 -25.60
CA GLN A 829 4.24 -7.06 -25.33
C GLN A 829 4.50 -7.20 -23.83
N VAL A 830 3.98 -6.24 -23.04
CA VAL A 830 4.08 -6.18 -21.59
C VAL A 830 2.96 -7.04 -21.00
N ARG A 831 3.34 -8.16 -20.35
CA ARG A 831 2.40 -9.11 -19.78
C ARG A 831 2.58 -9.30 -18.27
N ASN A 832 1.49 -9.09 -17.52
CA ASN A 832 1.45 -9.27 -16.07
C ASN A 832 0.56 -10.48 -15.78
N SER A 833 1.10 -11.47 -15.05
CA SER A 833 0.37 -12.70 -14.72
C SER A 833 -0.14 -12.73 -13.29
N TYR A 834 -1.38 -13.19 -13.11
CA TYR A 834 -2.08 -13.29 -11.83
C TYR A 834 -2.66 -14.69 -11.70
N GLN A 835 -2.50 -15.31 -10.53
CA GLN A 835 -3.00 -16.67 -10.29
C GLN A 835 -3.74 -16.75 -8.96
N LEU A 836 -5.07 -16.94 -9.03
CA LEU A 836 -5.91 -17.09 -7.85
C LEU A 836 -6.18 -18.58 -7.65
N CYS A 837 -5.42 -19.20 -6.73
CA CYS A 837 -5.49 -20.62 -6.42
C CYS A 837 -6.58 -20.98 -5.41
N ASN A 838 -7.07 -22.23 -5.48
CA ASN A 838 -8.11 -22.78 -4.61
C ASN A 838 -7.66 -22.93 -3.15
N ASN A 839 -6.34 -23.07 -2.91
CA ASN A 839 -5.75 -23.18 -1.57
C ASN A 839 -5.72 -21.84 -0.80
N GLY A 840 -6.11 -20.76 -1.48
CA GLY A 840 -6.16 -19.40 -0.94
C GLY A 840 -4.99 -18.51 -1.29
N THR A 841 -4.05 -19.03 -2.10
CA THR A 841 -2.85 -18.31 -2.53
C THR A 841 -3.12 -17.44 -3.75
N LEU A 842 -2.62 -16.19 -3.71
CA LEU A 842 -2.69 -15.20 -4.80
C LEU A 842 -1.24 -14.94 -5.22
N ARG A 843 -0.87 -15.35 -6.44
CA ARG A 843 0.46 -15.16 -6.99
C ARG A 843 0.47 -14.17 -8.14
N VAL A 844 1.34 -13.15 -8.04
CA VAL A 844 1.49 -12.12 -9.07
C VAL A 844 2.90 -12.22 -9.65
N MET A 845 2.99 -12.32 -10.96
CA MET A 845 4.27 -12.37 -11.67
C MET A 845 4.30 -11.18 -12.62
N TYR A 846 4.81 -10.04 -12.09
CA TYR A 846 4.91 -8.78 -12.83
C TYR A 846 5.87 -8.88 -13.99
N ALA A 847 5.63 -8.06 -15.03
CA ALA A 847 6.46 -8.00 -16.23
C ALA A 847 7.89 -7.56 -15.90
N ASN A 848 8.05 -6.69 -14.88
CA ASN A 848 9.34 -6.16 -14.43
C ASN A 848 10.30 -7.24 -13.89
N GLY A 849 9.77 -8.41 -13.52
CA GLY A 849 10.56 -9.53 -13.01
C GLY A 849 10.28 -9.90 -11.57
N MET A 850 9.59 -9.03 -10.83
CA MET A 850 9.24 -9.26 -9.43
C MET A 850 7.97 -10.12 -9.30
N SER A 851 8.00 -11.10 -8.38
CA SER A 851 6.85 -11.97 -8.09
C SER A 851 6.47 -11.85 -6.61
N ILE A 852 5.15 -11.72 -6.33
CA ILE A 852 4.59 -11.62 -4.97
C ILE A 852 3.61 -12.78 -4.74
N SER A 853 3.79 -13.51 -3.63
CA SER A 853 2.90 -14.63 -3.29
C SER A 853 2.24 -14.45 -1.93
N PHE A 854 0.94 -14.12 -1.93
CA PHE A 854 0.15 -13.95 -0.72
C PHE A 854 -0.43 -15.31 -0.33
N HIS A 855 -0.31 -15.71 0.95
CA HIS A 855 -0.81 -17.01 1.42
C HIS A 855 -1.89 -16.87 2.51
N SER A 856 -3.01 -17.59 2.33
CA SER A 856 -4.17 -17.54 3.24
C SER A 856 -4.13 -18.55 4.38
N GLU A 857 -4.76 -18.18 5.51
CA GLU A 857 -4.87 -18.96 6.74
C GLU A 857 -6.25 -18.64 7.34
N PRO A 858 -6.89 -19.53 8.14
CA PRO A 858 -8.17 -19.15 8.76
C PRO A 858 -7.95 -18.04 9.78
N HIS A 859 -8.88 -17.07 9.87
CA HIS A 859 -8.78 -15.96 10.82
C HIS A 859 -8.91 -16.48 12.26
N VAL A 860 -8.03 -16.03 13.17
CA VAL A 860 -8.00 -16.45 14.58
C VAL A 860 -9.32 -16.17 15.33
N LEU A 861 -10.07 -15.12 14.92
CA LEU A 861 -11.33 -14.71 15.55
C LEU A 861 -12.57 -15.22 14.81
N ALA A 862 -12.62 -15.04 13.47
CA ALA A 862 -13.77 -15.41 12.64
C ALA A 862 -13.78 -16.87 12.15
N GLY A 863 -12.65 -17.56 12.30
CA GLY A 863 -12.53 -18.97 11.93
C GLY A 863 -12.24 -19.22 10.46
N THR A 864 -12.52 -20.47 10.02
CA THR A 864 -12.29 -20.96 8.66
C THR A 864 -13.13 -20.27 7.59
N VAL A 865 -14.32 -19.76 7.97
CA VAL A 865 -15.26 -19.06 7.07
C VAL A 865 -14.60 -17.82 6.41
N THR A 866 -13.55 -17.24 7.04
CA THR A 866 -12.86 -16.08 6.48
C THR A 866 -11.34 -16.27 6.38
N PRO A 867 -10.80 -16.52 5.16
CA PRO A 867 -9.35 -16.65 5.01
C PRO A 867 -8.66 -15.29 5.10
N THR A 868 -7.47 -15.25 5.73
CA THR A 868 -6.69 -14.02 5.91
C THR A 868 -5.27 -14.21 5.40
N ILE A 869 -4.68 -13.15 4.83
CA ILE A 869 -3.32 -13.19 4.34
C ILE A 869 -2.38 -13.03 5.55
N GLY A 870 -1.70 -14.11 5.90
CA GLY A 870 -0.78 -14.14 7.03
C GLY A 870 0.67 -14.24 6.62
N ARG A 871 0.93 -14.50 5.32
CA ARG A 871 2.27 -14.63 4.77
C ARG A 871 2.38 -13.99 3.39
N CYS A 872 3.54 -13.40 3.09
CA CYS A 872 3.84 -12.77 1.81
C CYS A 872 5.29 -13.04 1.42
N ASN A 873 5.48 -13.82 0.35
CA ASN A 873 6.80 -14.17 -0.16
C ASN A 873 7.08 -13.38 -1.44
N ILE A 874 8.13 -12.53 -1.39
CA ILE A 874 8.56 -11.69 -2.51
C ILE A 874 9.83 -12.26 -3.15
N SER A 875 9.92 -12.16 -4.48
CA SER A 875 11.07 -12.61 -5.26
C SER A 875 11.47 -11.51 -6.24
N LEU A 876 12.75 -11.12 -6.22
CA LEU A 876 13.32 -10.11 -7.12
C LEU A 876 14.29 -10.79 -8.10
N PRO A 877 14.39 -10.33 -9.38
CA PRO A 877 15.34 -10.97 -10.31
C PRO A 877 16.80 -10.57 -10.06
N MET A 878 17.38 -11.14 -8.98
CA MET A 878 18.77 -10.95 -8.52
C MET A 878 19.25 -12.17 -7.72
N GLU A 879 20.57 -12.23 -7.40
CA GLU A 879 21.22 -13.34 -6.68
C GLU A 879 20.53 -13.73 -5.37
N ASN A 880 20.32 -12.76 -4.46
CA ASN A 880 19.64 -12.98 -3.17
C ASN A 880 18.40 -12.08 -3.11
N GLY A 881 17.43 -12.42 -3.94
CA GLY A 881 16.19 -11.67 -4.08
C GLY A 881 14.96 -12.18 -3.36
N LEU A 882 15.10 -13.20 -2.49
CA LEU A 882 13.96 -13.75 -1.76
C LEU A 882 13.71 -13.03 -0.43
N ASN A 883 12.52 -12.44 -0.31
CA ASN A 883 12.06 -11.69 0.87
C ASN A 883 10.80 -12.37 1.42
N SER A 884 10.52 -12.18 2.72
CA SER A 884 9.34 -12.76 3.35
C SER A 884 8.80 -11.91 4.50
N ILE A 885 7.50 -11.56 4.44
CA ILE A 885 6.79 -10.80 5.48
C ILE A 885 5.69 -11.70 6.05
N GLU A 886 5.47 -11.64 7.36
CA GLU A 886 4.51 -12.48 8.06
C GLU A 886 3.69 -11.71 9.09
N TRP A 887 2.41 -12.09 9.24
CA TRP A 887 1.49 -11.56 10.24
C TRP A 887 1.07 -12.73 11.12
N ARG A 888 1.41 -12.66 12.41
CA ARG A 888 1.07 -13.70 13.37
C ARG A 888 -0.01 -13.22 14.32
N LEU A 889 -1.23 -13.75 14.13
CA LEU A 889 -2.44 -13.41 14.88
C LEU A 889 -2.65 -14.31 16.10
N ARG A 890 -3.09 -13.71 17.22
CA ARG A 890 -3.36 -14.41 18.49
C ARG A 890 -4.58 -13.83 19.20
N LYS A 891 -5.16 -14.60 20.15
CA LYS A 891 -6.33 -14.18 20.93
C LYS A 891 -6.25 -14.63 22.40
N GLU A 892 -6.88 -13.85 23.30
CA GLU A 892 -6.96 -14.16 24.72
C GLU A 892 -8.44 -14.21 25.08
N GLN A 893 -8.93 -15.39 25.49
CA GLN A 893 -10.33 -15.59 25.85
C GLN A 893 -10.50 -15.82 27.34
N ILE A 894 -11.37 -15.01 27.96
CA ILE A 894 -11.70 -15.09 29.39
C ILE A 894 -13.22 -15.26 29.46
N LYS A 895 -13.66 -16.40 30.02
CA LYS A 895 -15.08 -16.80 30.18
C LYS A 895 -15.79 -16.96 28.82
N GLY A 896 -15.06 -17.47 27.83
CA GLY A 896 -15.53 -17.70 26.47
C GLY A 896 -15.64 -16.47 25.59
N LYS A 897 -15.30 -15.29 26.14
CA LYS A 897 -15.35 -14.00 25.44
C LYS A 897 -13.94 -13.50 25.12
N VAL A 898 -13.75 -12.91 23.92
CA VAL A 898 -12.47 -12.35 23.47
C VAL A 898 -12.12 -11.10 24.30
N THR A 899 -10.95 -11.14 24.95
CA THR A 899 -10.41 -10.09 25.81
C THR A 899 -9.33 -9.29 25.10
N VAL A 900 -8.39 -10.00 24.42
CA VAL A 900 -7.26 -9.40 23.71
C VAL A 900 -7.12 -9.96 22.29
N PHE A 901 -6.85 -9.07 21.32
CA PHE A 901 -6.61 -9.42 19.92
C PHE A 901 -5.23 -8.91 19.53
N GLY A 902 -4.28 -9.84 19.40
CA GLY A 902 -2.89 -9.53 19.08
C GLY A 902 -2.47 -9.87 17.68
N ARG A 903 -1.64 -9.00 17.08
CA ARG A 903 -1.09 -9.12 15.73
C ARG A 903 0.40 -8.78 15.78
N LYS A 904 1.26 -9.67 15.26
CA LYS A 904 2.70 -9.45 15.26
C LYS A 904 3.25 -9.49 13.85
N LEU A 905 3.98 -8.43 13.46
CA LEU A 905 4.59 -8.31 12.14
C LEU A 905 6.02 -8.85 12.19
N ARG A 906 6.33 -9.79 11.27
CA ARG A 906 7.63 -10.46 11.21
C ARG A 906 8.28 -10.42 9.85
N VAL A 907 9.61 -10.29 9.82
CA VAL A 907 10.44 -10.33 8.62
C VAL A 907 11.61 -11.25 8.92
N HIS A 908 11.70 -12.36 8.16
CA HIS A 908 12.74 -13.40 8.26
C HIS A 908 12.93 -13.90 9.72
N GLY A 909 11.81 -14.29 10.33
CA GLY A 909 11.73 -14.82 11.68
C GLY A 909 12.01 -13.84 12.81
N ARG A 910 11.94 -12.52 12.55
CA ARG A 910 12.18 -11.50 13.56
C ARG A 910 10.97 -10.58 13.71
N ASN A 911 10.49 -10.40 14.97
CA ASN A 911 9.36 -9.53 15.27
C ASN A 911 9.81 -8.07 15.17
N LEU A 912 9.10 -7.28 14.36
CA LEU A 912 9.42 -5.86 14.18
C LEU A 912 8.46 -4.99 14.99
N LEU A 913 7.16 -5.35 14.97
CA LEU A 913 6.10 -4.58 15.63
C LEU A 913 4.94 -5.48 16.05
N SER A 914 4.28 -5.13 17.18
CA SER A 914 3.13 -5.85 17.71
C SER A 914 1.98 -4.90 18.01
N ILE A 915 0.81 -5.13 17.37
CA ILE A 915 -0.41 -4.32 17.55
C ILE A 915 -1.45 -5.17 18.31
N ASP A 916 -1.56 -4.94 19.63
CA ASP A 916 -2.48 -5.68 20.49
C ASP A 916 -3.63 -4.82 20.99
N TYR A 917 -4.89 -5.29 20.86
CA TYR A 917 -6.06 -4.56 21.35
C TYR A 917 -6.68 -5.28 22.55
N ASP A 918 -6.78 -4.58 23.69
CA ASP A 918 -7.38 -5.08 24.93
C ASP A 918 -8.79 -4.52 25.05
N ARG A 919 -9.81 -5.36 24.78
CA ARG A 919 -11.23 -4.99 24.80
C ARG A 919 -11.74 -4.57 26.19
N ASN A 920 -11.12 -5.07 27.27
CA ASN A 920 -11.50 -4.74 28.65
C ASN A 920 -11.18 -3.31 29.03
N ILE A 921 -9.98 -2.81 28.66
CA ILE A 921 -9.54 -1.45 28.98
C ILE A 921 -9.62 -0.49 27.78
N ARG A 922 -10.06 -1.01 26.60
CA ARG A 922 -10.24 -0.27 25.33
C ARG A 922 -8.95 0.43 24.85
N THR A 923 -7.79 -0.22 25.05
CA THR A 923 -6.50 0.33 24.62
C THR A 923 -5.87 -0.53 23.53
N GLU A 924 -5.17 0.13 22.58
CA GLU A 924 -4.47 -0.54 21.50
C GLU A 924 -2.99 -0.27 21.70
N LYS A 925 -2.25 -1.30 22.18
CA LYS A 925 -0.82 -1.19 22.44
C LYS A 925 0.00 -1.61 21.22
N ILE A 926 0.81 -0.67 20.73
CA ILE A 926 1.71 -0.84 19.60
C ILE A 926 3.10 -0.75 20.22
N TYR A 927 3.86 -1.84 20.13
CA TYR A 927 5.18 -1.89 20.75
C TYR A 927 6.22 -2.58 19.91
N ASP A 928 7.46 -2.11 20.05
CA ASP A 928 8.66 -2.62 19.40
C ASP A 928 9.01 -3.95 20.08
N ASP A 929 9.59 -4.91 19.32
CA ASP A 929 9.96 -6.27 19.75
C ASP A 929 10.33 -6.41 21.23
N HIS A 930 12.47 -4.27 20.65
CA HIS A 930 13.19 -4.23 21.91
C HIS A 930 12.56 -3.23 22.92
N ARG A 931 11.24 -2.92 22.78
CA ARG A 931 10.49 -1.96 23.61
C ARG A 931 10.98 -0.49 23.44
N LYS A 932 11.87 -0.24 22.44
CA LYS A 932 12.44 1.08 22.10
C LYS A 932 11.35 2.09 21.69
N PHE A 933 10.19 1.58 21.27
CA PHE A 933 9.01 2.36 20.93
C PHE A 933 7.74 1.68 21.50
N THR A 934 6.93 2.46 22.23
CA THR A 934 5.67 2.06 22.82
C THR A 934 4.62 3.17 22.63
N LEU A 935 3.48 2.82 22.02
CA LEU A 935 2.36 3.72 21.76
C LEU A 935 1.06 3.05 22.18
N ARG A 936 0.25 3.77 22.96
CA ARG A 936 -1.05 3.30 23.42
C ARG A 936 -2.13 4.21 22.85
N ILE A 937 -3.12 3.63 22.16
CA ILE A 937 -4.24 4.37 21.60
C ILE A 937 -5.48 4.00 22.41
N ILE A 938 -6.05 5.00 23.10
CA ILE A 938 -7.23 4.82 23.94
C ILE A 938 -8.49 5.05 23.11
N TYR A 939 -9.48 4.14 23.24
CA TYR A 939 -10.76 4.21 22.52
C TYR A 939 -11.88 4.56 23.52
N ASP A 940 -12.85 5.39 23.09
CA ASP A 940 -13.98 5.79 23.94
C ASP A 940 -15.09 4.72 23.98
N GLN A 941 -16.19 4.99 24.74
CA GLN A 941 -17.34 4.08 24.89
C GLN A 941 -18.03 3.76 23.55
N LEU A 942 -17.90 4.65 22.55
CA LEU A 942 -18.48 4.50 21.22
C LEU A 942 -17.54 3.75 20.25
N GLY A 943 -16.37 3.35 20.76
CA GLY A 943 -15.35 2.61 20.02
C GLY A 943 -14.49 3.44 19.08
N ARG A 944 -14.34 4.75 19.37
CA ARG A 944 -13.56 5.66 18.55
C ARG A 944 -12.21 5.99 19.19
N PRO A 945 -11.08 5.94 18.44
CA PRO A 945 -9.79 6.33 19.03
C PRO A 945 -9.80 7.82 19.33
N PHE A 946 -9.43 8.20 20.57
CA PHE A 946 -9.45 9.60 20.98
C PHE A 946 -8.16 10.09 21.66
N LEU A 947 -7.29 9.17 22.10
CA LEU A 947 -6.05 9.54 22.78
C LEU A 947 -4.87 8.69 22.34
N TRP A 948 -3.77 9.35 21.95
CA TRP A 948 -2.53 8.72 21.50
C TRP A 948 -1.44 9.05 22.52
N LEU A 949 -1.02 8.06 23.32
CA LEU A 949 -0.01 8.22 24.36
C LEU A 949 1.35 7.65 23.93
N PRO A 950 2.30 8.50 23.48
CA PRO A 950 3.61 7.97 23.04
C PRO A 950 4.64 7.85 24.15
N SER A 951 5.76 7.15 23.85
CA SER A 951 6.88 6.98 24.78
C SER A 951 7.86 8.16 24.65
N SER A 952 8.99 8.12 25.38
CA SER A 952 10.07 9.13 25.38
C SER A 952 9.63 10.53 25.87
N GLY A 953 8.55 10.57 26.65
CA GLY A 953 7.99 11.79 27.22
C GLY A 953 7.44 12.79 26.22
N LEU A 954 7.00 12.30 25.05
CA LEU A 954 6.44 13.14 23.97
C LEU A 954 5.01 13.56 24.29
N ALA A 955 4.61 14.72 23.75
CA ALA A 955 3.27 15.29 23.95
C ALA A 955 2.21 14.39 23.33
N ALA A 956 1.21 14.01 24.14
CA ALA A 956 0.09 13.17 23.74
C ALA A 956 -0.86 13.92 22.84
N VAL A 957 -1.47 13.20 21.89
CA VAL A 957 -2.45 13.76 20.95
C VAL A 957 -3.83 13.28 21.35
N ASN A 958 -4.79 14.21 21.50
CA ASN A 958 -6.17 13.86 21.83
C ASN A 958 -7.16 14.59 20.95
N VAL A 959 -8.26 13.91 20.58
CA VAL A 959 -9.28 14.46 19.70
C VAL A 959 -10.66 14.53 20.36
N SER A 960 -11.48 15.47 19.87
CA SER A 960 -12.86 15.70 20.29
C SER A 960 -13.79 15.31 19.15
N TYR A 961 -15.00 14.88 19.49
CA TYR A 961 -16.01 14.51 18.51
C TYR A 961 -17.32 15.21 18.78
N PHE A 962 -18.08 15.50 17.70
CA PHE A 962 -19.41 16.05 17.80
C PHE A 962 -20.36 14.86 18.04
N PHE A 963 -21.65 15.14 18.32
CA PHE A 963 -22.69 14.12 18.56
C PHE A 963 -22.78 13.08 17.41
N ASN A 964 -22.60 13.55 16.16
CA ASN A 964 -22.65 12.75 14.93
C ASN A 964 -21.35 11.99 14.61
N GLY A 965 -20.38 12.00 15.53
CA GLY A 965 -19.11 11.32 15.37
C GLY A 965 -18.09 12.02 14.50
N ARG A 966 -18.41 13.24 14.03
CA ARG A 966 -17.53 14.08 13.21
C ARG A 966 -16.45 14.64 14.13
N LEU A 967 -15.20 14.75 13.61
CA LEU A 967 -14.06 15.30 14.34
C LEU A 967 -14.32 16.77 14.66
N ALA A 968 -14.36 17.11 15.96
CA ALA A 968 -14.64 18.45 16.46
C ALA A 968 -13.39 19.27 16.68
N GLY A 969 -12.38 18.65 17.29
CA GLY A 969 -11.11 19.30 17.58
C GLY A 969 -9.94 18.34 17.68
N LEU A 970 -8.73 18.89 17.66
CA LEU A 970 -7.48 18.15 17.77
C LEU A 970 -6.60 18.89 18.79
N GLN A 971 -5.79 18.15 19.56
CA GLN A 971 -4.88 18.74 20.54
C GLN A 971 -3.62 17.92 20.70
N ARG A 972 -2.47 18.60 20.73
CA ARG A 972 -1.14 18.03 20.94
C ARG A 972 -0.45 18.98 21.91
N GLY A 973 -0.50 18.64 23.20
CA GLY A 973 0.06 19.46 24.27
C GLY A 973 -0.63 20.81 24.39
N ALA A 974 0.13 21.89 24.15
CA ALA A 974 -0.35 23.28 24.20
C ALA A 974 -1.01 23.73 22.89
N MET A 975 -0.80 22.97 21.81
CA MET A 975 -1.33 23.26 20.48
C MET A 975 -2.71 22.61 20.29
N SER A 976 -3.72 23.42 19.89
CA SER A 976 -5.08 22.94 19.66
C SER A 976 -5.83 23.71 18.58
N GLU A 977 -6.76 23.02 17.89
CA GLU A 977 -7.60 23.57 16.83
C GLU A 977 -8.98 22.94 16.95
N ARG A 978 -9.98 23.73 17.38
CA ARG A 978 -11.37 23.28 17.57
C ARG A 978 -12.31 23.94 16.59
N THR A 979 -13.49 23.34 16.36
CA THR A 979 -14.54 23.87 15.46
C THR A 979 -15.91 23.78 16.12
N ASP A 980 -16.85 24.60 15.65
CA ASP A 980 -18.24 24.61 16.09
C ASP A 980 -19.09 24.41 14.85
N ILE A 981 -20.19 23.67 14.97
CA ILE A 981 -21.06 23.40 13.82
C ILE A 981 -22.47 23.96 13.98
N ASP A 982 -23.15 24.13 12.83
CA ASP A 982 -24.52 24.60 12.64
C ASP A 982 -25.48 23.49 13.04
N LYS A 983 -26.80 23.78 12.94
CA LYS A 983 -27.88 22.80 13.13
C LYS A 983 -27.87 21.92 11.85
N GLN A 984 -27.32 22.49 10.75
CA GLN A 984 -27.16 21.90 9.41
C GLN A 984 -25.84 21.12 9.27
N GLY A 985 -25.01 21.15 10.32
CA GLY A 985 -23.73 20.46 10.37
C GLY A 985 -22.58 21.17 9.67
N ARG A 986 -22.77 22.46 9.33
CA ARG A 986 -21.76 23.28 8.66
C ARG A 986 -20.89 23.98 9.70
N ILE A 987 -19.56 24.08 9.46
CA ILE A 987 -18.62 24.75 10.37
C ILE A 987 -18.95 26.25 10.42
N ILE A 988 -19.20 26.77 11.63
CA ILE A 988 -19.54 28.18 11.85
C ILE A 988 -18.41 28.95 12.52
N SER A 989 -17.54 28.22 13.23
CA SER A 989 -16.41 28.79 13.97
C SER A 989 -15.21 27.85 13.98
N ARG A 990 -14.00 28.44 14.09
CA ARG A 990 -12.73 27.73 14.18
C ARG A 990 -11.88 28.42 15.25
N MET A 991 -11.65 27.75 16.39
CA MET A 991 -10.90 28.30 17.52
C MET A 991 -9.50 27.69 17.63
N PHE A 992 -8.49 28.55 17.85
CA PHE A 992 -7.09 28.15 18.01
C PHE A 992 -6.64 28.38 19.45
N ALA A 993 -5.58 27.68 19.92
CA ALA A 993 -5.10 27.79 21.31
C ALA A 993 -4.57 29.17 21.69
N ASP A 994 -4.15 29.98 20.71
CA ASP A 994 -3.66 31.34 20.96
C ASP A 994 -4.79 32.38 21.05
N GLY A 995 -6.03 31.91 21.00
CA GLY A 995 -7.22 32.74 21.09
C GLY A 995 -7.78 33.22 19.77
N LYS A 996 -7.12 32.86 18.65
CA LYS A 996 -7.56 33.24 17.29
C LYS A 996 -8.85 32.52 16.91
N VAL A 997 -9.87 33.27 16.45
CA VAL A 997 -11.18 32.73 16.06
C VAL A 997 -11.55 33.18 14.64
N TRP A 998 -11.96 32.22 13.78
CA TRP A 998 -12.45 32.49 12.42
C TRP A 998 -13.95 32.26 12.42
N SER A 999 -14.73 33.17 11.82
CA SER A 999 -16.17 32.99 11.73
C SER A 999 -16.56 32.62 10.30
N TYR A 1000 -17.52 31.70 10.16
CA TYR A 1000 -18.03 31.23 8.87
C TYR A 1000 -19.53 31.56 8.82
N THR A 1001 -19.91 32.48 7.90
CA THR A 1001 -21.30 32.89 7.73
C THR A 1001 -21.83 32.34 6.40
N TYR A 1002 -23.04 31.76 6.42
CA TYR A 1002 -23.65 31.17 5.23
C TYR A 1002 -24.89 31.95 4.80
N LEU A 1003 -24.89 32.43 3.54
CA LEU A 1003 -25.98 33.23 2.97
C LEU A 1003 -26.21 32.86 1.50
N GLU A 1004 -27.18 31.96 1.22
CA GLU A 1004 -27.60 31.49 -0.11
C GLU A 1004 -26.44 31.20 -1.08
N LYS A 1005 -25.86 29.97 -0.99
CA LYS A 1005 -24.74 29.46 -1.80
C LYS A 1005 -23.40 30.21 -1.57
N SER A 1006 -23.40 31.32 -0.80
CA SER A 1006 -22.20 32.09 -0.49
C SER A 1006 -21.77 31.88 0.97
N MET A 1007 -20.46 31.77 1.19
CA MET A 1007 -19.85 31.60 2.50
C MET A 1007 -18.91 32.78 2.73
N VAL A 1008 -18.97 33.38 3.93
CA VAL A 1008 -18.16 34.54 4.31
C VAL A 1008 -17.24 34.17 5.48
N LEU A 1009 -15.93 34.02 5.19
CA LEU A 1009 -14.92 33.70 6.20
C LEU A 1009 -14.30 35.01 6.67
N LEU A 1010 -14.56 35.37 7.94
CA LEU A 1010 -14.06 36.58 8.56
C LEU A 1010 -13.07 36.26 9.68
N LEU A 1011 -11.92 36.95 9.67
CA LEU A 1011 -10.86 36.81 10.68
C LEU A 1011 -11.02 37.96 11.67
N GLN A 1012 -10.42 37.84 12.87
CA GLN A 1012 -10.48 38.86 13.91
C GLN A 1012 -9.85 40.20 13.49
N SER A 1013 -8.94 40.16 12.51
CA SER A 1013 -8.28 41.32 11.93
C SER A 1013 -9.21 42.06 10.95
N GLN A 1014 -10.45 41.53 10.79
CA GLN A 1014 -11.54 42.01 9.92
C GLN A 1014 -11.23 41.80 8.43
N ARG A 1015 -10.34 40.84 8.14
CA ARG A 1015 -10.01 40.42 6.79
C ARG A 1015 -11.13 39.45 6.38
N GLN A 1016 -11.77 39.71 5.23
CA GLN A 1016 -12.95 38.96 4.77
C GLN A 1016 -12.77 38.29 3.42
N TYR A 1017 -13.04 36.96 3.38
CA TYR A 1017 -12.97 36.15 2.16
C TYR A 1017 -14.38 35.61 1.87
N ILE A 1018 -14.90 35.91 0.67
CA ILE A 1018 -16.24 35.47 0.25
C ILE A 1018 -16.15 34.39 -0.82
N PHE A 1019 -16.61 33.19 -0.50
CA PHE A 1019 -16.59 32.03 -1.38
C PHE A 1019 -18.00 31.77 -1.91
N GLU A 1020 -18.21 31.95 -3.22
CA GLU A 1020 -19.50 31.74 -3.89
C GLU A 1020 -19.52 30.36 -4.54
N TYR A 1021 -20.51 29.55 -4.18
CA TYR A 1021 -20.61 28.18 -4.66
C TYR A 1021 -21.79 27.88 -5.60
N ASP A 1022 -21.72 26.66 -6.15
CA ASP A 1022 -22.64 25.95 -7.03
C ASP A 1022 -23.59 25.16 -6.10
N SER A 1023 -24.58 24.46 -6.67
CA SER A 1023 -25.47 23.59 -5.91
C SER A 1023 -24.67 22.35 -5.49
N SER A 1024 -23.64 22.00 -6.29
CA SER A 1024 -22.73 20.86 -6.10
C SER A 1024 -21.53 21.21 -5.19
N ASP A 1025 -21.60 22.37 -4.50
CA ASP A 1025 -20.58 22.92 -3.58
C ASP A 1025 -19.22 23.13 -4.28
N ARG A 1026 -19.26 23.58 -5.55
CA ARG A 1026 -18.08 23.89 -6.36
C ARG A 1026 -18.02 25.40 -6.57
N LEU A 1027 -16.82 25.98 -6.45
CA LEU A 1027 -16.62 27.42 -6.55
C LEU A 1027 -16.97 28.04 -7.89
N HIS A 1028 -17.60 29.22 -7.83
N HIS A 1028 -17.64 29.20 -7.81
CA HIS A 1028 -17.88 29.99 -9.04
CA HIS A 1028 -18.09 30.02 -8.92
C HIS A 1028 -17.10 31.29 -8.97
C HIS A 1028 -17.29 31.33 -8.95
N ALA A 1029 -16.91 31.83 -7.75
CA ALA A 1029 -16.15 33.06 -7.50
C ALA A 1029 -15.59 33.11 -6.09
N VAL A 1030 -14.50 33.90 -5.92
CA VAL A 1030 -13.85 34.17 -4.63
C VAL A 1030 -13.55 35.66 -4.61
N THR A 1031 -14.07 36.37 -3.60
CA THR A 1031 -13.82 37.79 -3.40
C THR A 1031 -12.82 37.90 -2.25
N MET A 1032 -11.69 38.57 -2.50
CA MET A 1032 -10.58 38.74 -1.56
C MET A 1032 -10.84 39.94 -0.65
N PRO A 1033 -10.13 40.10 0.50
CA PRO A 1033 -10.32 41.30 1.35
C PRO A 1033 -10.12 42.63 0.63
N SER A 1034 -9.35 42.64 -0.48
CA SER A 1034 -9.10 43.83 -1.31
C SER A 1034 -10.32 44.19 -2.19
N VAL A 1035 -11.40 43.37 -2.12
CA VAL A 1035 -12.68 43.44 -2.85
C VAL A 1035 -12.49 43.03 -4.34
N ALA A 1036 -11.39 42.30 -4.63
CA ALA A 1036 -11.09 41.79 -5.97
C ALA A 1036 -11.75 40.42 -6.14
N ARG A 1037 -12.64 40.30 -7.14
CA ARG A 1037 -13.39 39.08 -7.42
C ARG A 1037 -12.74 38.22 -8.50
N HIS A 1038 -12.31 37.01 -8.10
CA HIS A 1038 -11.73 35.97 -8.94
C HIS A 1038 -12.90 35.07 -9.35
N SER A 1039 -12.95 34.65 -10.62
CA SER A 1039 -14.04 33.79 -11.11
C SER A 1039 -13.55 32.47 -11.70
N MET A 1040 -14.35 31.41 -11.53
CA MET A 1040 -14.04 30.07 -12.02
C MET A 1040 -15.26 29.38 -12.64
N SER A 1041 -14.99 28.45 -13.57
CA SER A 1041 -16.00 27.62 -14.26
C SER A 1041 -15.37 26.33 -14.80
N THR A 1042 -16.17 25.26 -14.89
CA THR A 1042 -15.78 23.97 -15.43
C THR A 1042 -16.84 23.58 -16.48
N HIS A 1043 -16.41 22.96 -17.59
CA HIS A 1043 -17.34 22.50 -18.63
C HIS A 1043 -16.84 21.26 -19.35
N THR A 1044 -17.78 20.45 -19.83
CA THR A 1044 -17.50 19.26 -20.62
C THR A 1044 -17.12 19.77 -22.02
N SER A 1045 -15.95 19.35 -22.51
CA SER A 1045 -15.45 19.73 -23.82
C SER A 1045 -15.45 18.49 -24.73
N VAL A 1046 -14.71 18.51 -25.86
CA VAL A 1046 -14.61 17.37 -26.78
C VAL A 1046 -13.32 16.61 -26.48
N GLY A 1047 -13.47 15.49 -25.77
CA GLY A 1047 -12.37 14.59 -25.38
C GLY A 1047 -11.80 14.82 -24.00
N TYR A 1048 -12.22 15.91 -23.32
CA TYR A 1048 -11.75 16.31 -21.99
C TYR A 1048 -12.73 17.20 -21.22
N ILE A 1049 -12.39 17.52 -19.97
CA ILE A 1049 -13.13 18.41 -19.08
C ILE A 1049 -12.23 19.64 -18.88
N ARG A 1050 -12.74 20.84 -19.24
CA ARG A 1050 -12.00 22.09 -19.15
C ARG A 1050 -12.31 22.88 -17.87
N ASN A 1051 -11.27 23.23 -17.09
CA ASN A 1051 -11.40 24.01 -15.85
C ASN A 1051 -10.73 25.36 -16.08
N ILE A 1052 -11.52 26.45 -16.04
CA ILE A 1052 -11.05 27.81 -16.29
C ILE A 1052 -11.02 28.66 -15.02
N TYR A 1053 -9.88 29.33 -14.77
CA TYR A 1053 -9.73 30.29 -13.69
C TYR A 1053 -9.46 31.66 -14.33
N ASN A 1054 -10.28 32.66 -13.98
CA ASN A 1054 -10.15 34.02 -14.48
C ASN A 1054 -9.73 34.99 -13.35
N PRO A 1055 -8.56 35.64 -13.49
CA PRO A 1055 -8.12 36.60 -12.46
C PRO A 1055 -9.04 37.83 -12.37
N PRO A 1056 -8.96 38.65 -11.28
CA PRO A 1056 -9.84 39.83 -11.19
C PRO A 1056 -9.65 40.83 -12.33
N GLU A 1057 -10.77 41.25 -12.95
CA GLU A 1057 -10.86 42.19 -14.07
C GLU A 1057 -9.88 41.83 -15.21
N SER A 1058 -9.80 40.54 -15.54
CA SER A 1058 -8.88 40.04 -16.54
C SER A 1058 -9.48 38.88 -17.35
N ASN A 1059 -9.01 38.74 -18.59
CA ASN A 1059 -9.40 37.68 -19.52
C ASN A 1059 -8.26 36.67 -19.70
N ALA A 1060 -7.15 36.88 -18.94
CA ALA A 1060 -5.95 36.04 -18.93
C ALA A 1060 -6.21 34.75 -18.15
N SER A 1061 -7.03 33.88 -18.76
CA SER A 1061 -7.49 32.60 -18.23
C SER A 1061 -6.37 31.59 -18.01
N VAL A 1062 -6.47 30.85 -16.90
CA VAL A 1062 -5.56 29.76 -16.54
C VAL A 1062 -6.41 28.50 -16.65
N ILE A 1063 -6.11 27.67 -17.67
CA ILE A 1063 -6.90 26.48 -17.99
C ILE A 1063 -6.18 25.17 -17.69
N PHE A 1064 -6.90 24.24 -17.04
CA PHE A 1064 -6.43 22.89 -16.73
C PHE A 1064 -7.39 21.90 -17.36
N ASP A 1065 -6.94 21.22 -18.42
CA ASP A 1065 -7.72 20.23 -19.16
C ASP A 1065 -7.42 18.83 -18.67
N TYR A 1066 -8.46 18.12 -18.21
CA TYR A 1066 -8.36 16.77 -17.67
C TYR A 1066 -9.16 15.77 -18.46
N SER A 1067 -8.63 14.54 -18.57
CA SER A 1067 -9.32 13.43 -19.22
C SER A 1067 -10.39 12.90 -18.26
N ASP A 1068 -11.29 12.02 -18.77
CA ASP A 1068 -12.37 11.43 -17.99
C ASP A 1068 -11.89 10.65 -16.77
N ASP A 1069 -10.66 10.07 -16.83
CA ASP A 1069 -10.06 9.30 -15.74
C ASP A 1069 -9.30 10.18 -14.72
N GLY A 1070 -9.30 11.50 -14.93
CA GLY A 1070 -8.67 12.47 -14.04
C GLY A 1070 -7.20 12.74 -14.24
N ARG A 1071 -6.67 12.45 -15.44
CA ARG A 1071 -5.27 12.68 -15.82
C ARG A 1071 -5.15 14.01 -16.53
N ILE A 1072 -4.12 14.81 -16.20
CA ILE A 1072 -3.86 16.12 -16.83
C ILE A 1072 -3.46 15.94 -18.31
N LEU A 1073 -4.07 16.75 -19.19
CA LEU A 1073 -3.82 16.70 -20.63
C LEU A 1073 -3.17 17.98 -21.15
N LYS A 1074 -3.60 19.15 -20.64
CA LYS A 1074 -3.09 20.45 -21.04
C LYS A 1074 -3.22 21.49 -19.94
N THR A 1075 -2.19 22.32 -19.80
CA THR A 1075 -2.12 23.45 -18.89
C THR A 1075 -1.93 24.66 -19.81
N SER A 1076 -2.90 25.60 -19.78
CA SER A 1076 -2.90 26.80 -20.59
C SER A 1076 -2.88 28.08 -19.76
N PHE A 1077 -2.18 29.11 -20.27
CA PHE A 1077 -2.09 30.44 -19.68
C PHE A 1077 -2.39 31.38 -20.83
N LEU A 1078 -3.67 31.75 -20.98
CA LEU A 1078 -4.19 32.58 -22.07
C LEU A 1078 -3.68 34.03 -22.10
N GLY A 1079 -3.03 34.46 -21.02
CA GLY A 1079 -2.46 35.81 -20.91
C GLY A 1079 -1.35 36.07 -21.92
N THR A 1080 -0.38 35.14 -22.02
CA THR A 1080 0.74 35.26 -22.97
C THR A 1080 0.73 34.11 -24.00
N GLY A 1081 -0.01 33.05 -23.71
CA GLY A 1081 -0.14 31.90 -24.61
C GLY A 1081 0.69 30.69 -24.23
N ARG A 1082 1.12 30.60 -22.95
CA ARG A 1082 1.92 29.49 -22.44
C ARG A 1082 1.09 28.20 -22.44
N GLN A 1083 1.65 27.09 -22.97
CA GLN A 1083 0.97 25.81 -23.06
C GLN A 1083 1.88 24.62 -22.76
N VAL A 1084 1.39 23.67 -21.94
CA VAL A 1084 2.06 22.42 -21.62
C VAL A 1084 1.11 21.29 -21.99
N PHE A 1085 1.51 20.42 -22.92
CA PHE A 1085 0.72 19.28 -23.40
C PHE A 1085 1.26 17.98 -22.81
N TYR A 1086 0.36 17.13 -22.29
CA TYR A 1086 0.71 15.83 -21.70
C TYR A 1086 0.06 14.71 -22.52
N LYS A 1087 0.88 13.79 -23.04
CA LYS A 1087 0.44 12.66 -23.87
C LYS A 1087 0.69 11.33 -23.17
N TYR A 1088 -0.21 10.36 -23.36
CA TYR A 1088 -0.13 9.03 -22.75
C TYR A 1088 -0.06 7.93 -23.80
N GLY A 1089 0.90 7.01 -23.62
CA GLY A 1089 1.19 5.92 -24.54
C GLY A 1089 0.42 4.64 -24.36
N LYS A 1090 0.86 3.59 -25.10
CA LYS A 1090 0.27 2.24 -25.16
C LYS A 1090 0.18 1.52 -23.80
N LEU A 1091 0.99 1.94 -22.81
CA LEU A 1091 1.01 1.35 -21.47
C LEU A 1091 0.17 2.15 -20.47
N SER A 1092 -0.61 3.14 -20.99
CA SER A 1092 -1.45 4.07 -20.23
C SER A 1092 -0.64 4.95 -19.26
N LYS A 1093 0.67 5.09 -19.54
CA LYS A 1093 1.63 5.88 -18.78
C LYS A 1093 2.04 7.10 -19.63
N LEU A 1094 2.54 8.16 -18.97
CA LEU A 1094 3.01 9.40 -19.59
C LEU A 1094 4.08 9.06 -20.64
N SER A 1095 3.85 9.46 -21.91
CA SER A 1095 4.76 9.18 -23.03
C SER A 1095 5.45 10.40 -23.58
N GLU A 1096 4.77 11.57 -23.56
CA GLU A 1096 5.31 12.81 -24.11
C GLU A 1096 4.81 14.07 -23.38
N ILE A 1097 5.70 15.05 -23.22
CA ILE A 1097 5.43 16.38 -22.68
C ILE A 1097 5.93 17.39 -23.71
N VAL A 1098 5.02 18.24 -24.22
CA VAL A 1098 5.38 19.24 -25.23
C VAL A 1098 5.03 20.64 -24.73
N TYR A 1099 6.01 21.54 -24.74
CA TYR A 1099 5.88 22.95 -24.37
C TYR A 1099 6.85 23.78 -25.21
N ASP A 1100 6.35 24.89 -25.79
CA ASP A 1100 7.11 25.80 -26.66
C ASP A 1100 7.69 25.02 -27.87
N SER A 1101 9.03 24.90 -27.96
CA SER A 1101 9.72 24.15 -29.00
C SER A 1101 10.40 22.89 -28.42
N THR A 1102 10.15 22.63 -27.11
CA THR A 1102 10.71 21.49 -26.38
C THR A 1102 9.76 20.29 -26.36
N ALA A 1103 10.29 19.10 -26.69
CA ALA A 1103 9.56 17.84 -26.68
C ALA A 1103 10.31 16.85 -25.77
N VAL A 1104 9.61 16.35 -24.75
CA VAL A 1104 10.13 15.41 -23.75
C VAL A 1104 9.50 14.04 -24.00
N THR A 1105 10.32 13.01 -24.27
CA THR A 1105 9.83 11.65 -24.51
C THR A 1105 10.19 10.68 -23.39
N PHE A 1106 9.21 9.84 -23.00
CA PHE A 1106 9.35 8.82 -21.96
C PHE A 1106 9.29 7.45 -22.60
N GLY A 1107 10.46 6.79 -22.62
CA GLY A 1107 10.63 5.47 -23.21
C GLY A 1107 10.51 4.35 -22.19
N TYR A 1108 9.64 3.38 -22.48
CA TYR A 1108 9.40 2.24 -21.61
C TYR A 1108 9.86 0.97 -22.31
N ASP A 1109 10.38 0.00 -21.53
CA ASP A 1109 10.87 -1.28 -22.04
C ASP A 1109 9.72 -2.10 -22.63
N GLU A 1110 9.90 -2.58 -23.87
CA GLU A 1110 8.92 -3.34 -24.65
C GLU A 1110 8.38 -4.58 -23.96
N THR A 1111 9.19 -5.23 -23.10
CA THR A 1111 8.83 -6.46 -22.38
C THR A 1111 8.45 -6.23 -20.91
N THR A 1112 9.32 -5.54 -20.14
CA THR A 1112 9.13 -5.31 -18.69
C THR A 1112 8.18 -4.14 -18.35
N GLY A 1113 8.03 -3.20 -19.27
CA GLY A 1113 7.17 -2.03 -19.09
C GLY A 1113 7.73 -0.92 -18.22
N VAL A 1114 8.93 -1.12 -17.65
CA VAL A 1114 9.60 -0.16 -16.78
C VAL A 1114 10.12 1.06 -17.56
N LEU A 1115 10.22 2.22 -16.86
CA LEU A 1115 10.74 3.46 -17.46
C LEU A 1115 12.24 3.29 -17.72
N LYS A 1116 12.59 3.23 -19.00
CA LYS A 1116 13.94 3.01 -19.51
C LYS A 1116 14.65 4.33 -19.86
N MET A 1117 13.91 5.30 -20.43
CA MET A 1117 14.49 6.57 -20.89
C MET A 1117 13.56 7.78 -20.69
N VAL A 1118 14.17 8.95 -20.43
CA VAL A 1118 13.53 10.26 -20.32
C VAL A 1118 14.41 11.21 -21.15
N ASN A 1119 13.95 11.61 -22.34
CA ASN A 1119 14.73 12.47 -23.23
C ASN A 1119 14.08 13.82 -23.54
N LEU A 1120 14.76 14.91 -23.15
CA LEU A 1120 14.34 16.29 -23.41
C LEU A 1120 15.06 16.76 -24.68
N GLN A 1121 14.31 17.26 -25.67
CA GLN A 1121 14.84 17.74 -26.93
C GLN A 1121 14.32 19.15 -27.24
N SER A 1122 15.23 20.15 -27.18
CA SER A 1122 14.92 21.54 -27.47
C SER A 1122 15.86 22.04 -28.56
N GLY A 1123 15.52 21.68 -29.80
CA GLY A 1123 16.31 22.01 -30.99
C GLY A 1123 17.59 21.21 -31.05
N GLY A 1124 18.71 21.89 -30.91
CA GLY A 1124 20.04 21.28 -30.91
C GLY A 1124 20.36 20.54 -29.62
N PHE A 1125 19.98 21.15 -28.48
CA PHE A 1125 20.19 20.59 -27.15
C PHE A 1125 19.36 19.34 -26.92
N SER A 1126 20.00 18.32 -26.32
CA SER A 1126 19.41 17.04 -25.97
C SER A 1126 19.91 16.61 -24.60
N CYS A 1127 18.98 16.24 -23.71
CA CYS A 1127 19.29 15.78 -22.37
C CYS A 1127 18.57 14.45 -22.14
N THR A 1128 19.33 13.36 -22.01
CA THR A 1128 18.79 12.01 -21.85
C THR A 1128 19.15 11.38 -20.50
N ILE A 1129 18.14 10.85 -19.81
CA ILE A 1129 18.31 10.11 -18.55
C ILE A 1129 17.89 8.66 -18.83
N ARG A 1130 18.79 7.71 -18.60
CA ARG A 1130 18.52 6.29 -18.85
C ARG A 1130 18.61 5.46 -17.57
N TYR A 1131 17.68 4.49 -17.43
CA TYR A 1131 17.62 3.63 -16.24
C TYR A 1131 17.68 2.14 -16.58
N ARG A 1132 18.30 1.37 -15.68
CA ARG A 1132 18.35 -0.09 -15.71
C ARG A 1132 17.74 -0.49 -14.38
N LYS A 1133 16.84 -1.49 -14.40
CA LYS A 1133 16.13 -1.89 -13.18
C LYS A 1133 16.17 -3.38 -12.87
N ILE A 1134 16.16 -3.70 -11.55
CA ILE A 1134 16.09 -5.04 -10.98
C ILE A 1134 14.65 -5.06 -10.45
N GLY A 1135 13.74 -5.54 -11.28
CA GLY A 1135 12.31 -5.52 -10.97
C GLY A 1135 11.84 -4.08 -11.00
N PRO A 1136 11.28 -3.53 -9.91
CA PRO A 1136 10.90 -2.11 -9.91
C PRO A 1136 11.99 -1.16 -9.37
N LEU A 1137 13.15 -1.71 -8.91
CA LEU A 1137 14.26 -0.96 -8.31
C LEU A 1137 15.36 -0.55 -9.29
N VAL A 1138 15.78 0.74 -9.24
CA VAL A 1138 16.85 1.30 -10.08
C VAL A 1138 18.22 0.81 -9.60
N ASP A 1139 19.01 0.22 -10.50
CA ASP A 1139 20.37 -0.26 -10.17
C ASP A 1139 21.44 0.50 -10.98
N LYS A 1140 20.98 1.36 -11.93
CA LYS A 1140 21.84 2.17 -12.79
C LYS A 1140 21.08 3.40 -13.32
N GLN A 1141 21.72 4.58 -13.24
CA GLN A 1141 21.19 5.87 -13.71
C GLN A 1141 22.26 6.57 -14.53
N ILE A 1142 21.97 6.84 -15.83
CA ILE A 1142 22.89 7.49 -16.77
C ILE A 1142 22.35 8.85 -17.20
N TYR A 1143 23.23 9.87 -17.27
CA TYR A 1143 22.93 11.22 -17.72
C TYR A 1143 23.75 11.47 -18.99
N ARG A 1144 23.10 11.80 -20.12
CA ARG A 1144 23.78 12.05 -21.38
C ARG A 1144 23.34 13.36 -22.02
N PHE A 1145 24.32 14.14 -22.53
CA PHE A 1145 24.06 15.44 -23.15
C PHE A 1145 24.68 15.55 -24.55
N SER A 1146 24.00 16.30 -25.45
CA SER A 1146 24.44 16.53 -26.82
C SER A 1146 25.44 17.67 -26.95
N GLU A 1147 25.42 18.63 -26.00
CA GLU A 1147 26.32 19.79 -25.96
C GLU A 1147 27.80 19.37 -25.91
N GLU A 1148 28.67 20.11 -26.62
CA GLU A 1148 30.11 19.82 -26.71
C GLU A 1148 30.85 19.89 -25.36
N GLY A 1149 30.62 20.96 -24.60
CA GLY A 1149 31.26 21.20 -23.31
C GLY A 1149 30.70 20.45 -22.12
N MET A 1150 29.40 20.10 -22.15
CA MET A 1150 28.71 19.41 -21.06
C MET A 1150 29.21 17.99 -20.82
N VAL A 1151 29.37 17.63 -19.54
CA VAL A 1151 29.87 16.32 -19.11
C VAL A 1151 28.73 15.35 -18.78
N ASN A 1152 28.95 14.06 -19.03
CA ASN A 1152 27.99 12.99 -18.76
C ASN A 1152 28.23 12.38 -17.37
N ALA A 1153 27.22 11.65 -16.84
CA ALA A 1153 27.29 11.03 -15.52
C ALA A 1153 26.70 9.62 -15.50
N ARG A 1154 27.18 8.78 -14.57
CA ARG A 1154 26.74 7.40 -14.36
C ARG A 1154 26.71 7.11 -12.86
N PHE A 1155 25.61 6.50 -12.38
CA PHE A 1155 25.47 6.13 -10.97
C PHE A 1155 25.04 4.68 -10.88
N ASP A 1156 25.89 3.83 -10.28
CA ASP A 1156 25.64 2.40 -10.10
C ASP A 1156 25.19 2.13 -8.66
N TYR A 1157 24.08 1.37 -8.52
CA TYR A 1157 23.48 1.04 -7.23
C TYR A 1157 23.46 -0.44 -6.99
N THR A 1158 23.68 -0.85 -5.74
CA THR A 1158 23.60 -2.24 -5.30
C THR A 1158 22.63 -2.29 -4.12
N TYR A 1159 21.95 -3.41 -3.92
CA TYR A 1159 20.99 -3.59 -2.85
C TYR A 1159 21.42 -4.66 -1.87
N HIS A 1160 21.07 -4.49 -0.58
CA HIS A 1160 21.41 -5.47 0.46
C HIS A 1160 20.70 -6.79 0.18
N ASP A 1161 21.37 -7.92 0.48
CA ASP A 1161 20.82 -9.26 0.27
C ASP A 1161 19.49 -9.45 1.00
N ASN A 1162 18.51 -10.07 0.28
CA ASN A 1162 17.15 -10.38 0.76
C ASN A 1162 16.39 -9.14 1.27
N SER A 1163 16.57 -7.99 0.57
CA SER A 1163 15.93 -6.72 0.90
C SER A 1163 15.82 -5.78 -0.31
N PHE A 1164 15.15 -4.64 -0.10
CA PHE A 1164 14.93 -3.57 -1.07
C PHE A 1164 15.77 -2.33 -0.65
N ARG A 1165 16.66 -2.50 0.37
CA ARG A 1165 17.54 -1.46 0.91
C ARG A 1165 18.75 -1.21 0.02
N ILE A 1166 19.04 0.06 -0.31
CA ILE A 1166 20.21 0.46 -1.11
C ILE A 1166 21.46 0.27 -0.25
N ALA A 1167 22.41 -0.55 -0.72
CA ALA A 1167 23.65 -0.84 0.01
C ALA A 1167 24.81 0.07 -0.40
N SER A 1168 24.88 0.46 -1.70
CA SER A 1168 25.95 1.32 -2.22
C SER A 1168 25.56 2.19 -3.41
N ILE A 1169 26.29 3.31 -3.60
CA ILE A 1169 26.18 4.25 -4.71
C ILE A 1169 27.59 4.50 -5.23
N LYS A 1170 27.84 4.20 -6.53
CA LYS A 1170 29.14 4.42 -7.16
C LYS A 1170 29.02 5.44 -8.30
N PRO A 1171 29.45 6.70 -8.08
CA PRO A 1171 29.35 7.71 -9.14
C PRO A 1171 30.55 7.77 -10.08
N ILE A 1172 30.29 8.13 -11.35
CA ILE A 1172 31.28 8.32 -12.41
C ILE A 1172 30.86 9.57 -13.22
N ILE A 1173 31.46 10.74 -12.91
CA ILE A 1173 31.18 12.01 -13.59
C ILE A 1173 32.35 12.35 -14.48
N SER A 1174 32.09 12.70 -15.77
CA SER A 1174 33.09 13.06 -16.79
C SER A 1174 34.21 11.99 -16.93
N GLU A 1175 33.80 10.70 -16.90
CA GLU A 1175 34.66 9.51 -16.98
C GLU A 1175 35.72 9.46 -15.85
N THR A 1176 35.42 10.11 -14.70
CA THR A 1176 36.27 10.16 -13.52
C THR A 1176 35.54 9.41 -12.38
N PRO A 1177 35.95 8.16 -12.04
CA PRO A 1177 35.25 7.43 -10.97
C PRO A 1177 35.46 8.06 -9.59
N LEU A 1178 34.38 8.14 -8.81
CA LEU A 1178 34.38 8.71 -7.46
C LEU A 1178 34.26 7.60 -6.40
N PRO A 1179 34.68 7.81 -5.13
CA PRO A 1179 34.58 6.74 -4.12
C PRO A 1179 33.15 6.27 -3.85
N VAL A 1180 33.01 4.96 -3.57
CA VAL A 1180 31.72 4.32 -3.30
C VAL A 1180 31.22 4.66 -1.88
N ASP A 1181 29.92 5.00 -1.77
CA ASP A 1181 29.30 5.35 -0.51
C ASP A 1181 28.46 4.16 -0.03
N LEU A 1182 28.84 3.59 1.12
CA LEU A 1182 28.14 2.44 1.70
C LEU A 1182 27.07 2.84 2.70
N TYR A 1183 25.95 2.10 2.70
CA TYR A 1183 24.80 2.34 3.57
C TYR A 1183 24.50 1.14 4.44
N ARG A 1184 24.44 1.33 5.77
CA ARG A 1184 24.15 0.30 6.75
C ARG A 1184 22.87 0.65 7.50
N TYR A 1185 22.02 -0.36 7.78
CA TYR A 1185 20.72 -0.15 8.43
C TYR A 1185 20.45 -1.09 9.59
N ASP A 1186 19.49 -0.71 10.46
CA ASP A 1186 19.00 -1.56 11.56
C ASP A 1186 17.89 -2.40 10.95
N GLU A 1187 18.04 -3.73 10.95
CA GLU A 1187 17.08 -4.67 10.34
C GLU A 1187 15.70 -4.74 11.04
N ILE A 1188 15.59 -4.24 12.29
CA ILE A 1188 14.34 -4.27 13.06
C ILE A 1188 13.50 -2.98 12.87
N SER A 1189 14.16 -1.83 12.63
CA SER A 1189 13.49 -0.53 12.48
C SER A 1189 13.62 0.15 11.10
N GLY A 1190 14.69 -0.17 10.37
CA GLY A 1190 14.96 0.43 9.05
C GLY A 1190 15.78 1.70 9.14
N LYS A 1191 16.22 2.06 10.38
CA LYS A 1191 17.04 3.24 10.70
C LYS A 1191 18.40 3.17 10.00
N VAL A 1192 18.83 4.29 9.38
CA VAL A 1192 20.13 4.38 8.71
C VAL A 1192 21.18 4.52 9.82
N GLU A 1193 22.05 3.51 9.97
CA GLU A 1193 23.09 3.49 11.01
C GLU A 1193 24.42 4.03 10.50
N HIS A 1194 24.65 3.98 9.17
CA HIS A 1194 25.87 4.46 8.54
C HIS A 1194 25.64 4.83 7.08
N PHE A 1195 26.15 6.01 6.67
CA PHE A 1195 26.05 6.51 5.30
C PHE A 1195 27.35 7.22 4.91
N GLY A 1196 28.00 6.71 3.88
CA GLY A 1196 29.29 7.21 3.42
C GLY A 1196 30.34 6.98 4.48
N LYS A 1197 30.81 8.08 5.11
CA LYS A 1197 31.79 8.07 6.19
C LYS A 1197 31.16 8.41 7.56
N PHE A 1198 29.87 8.75 7.55
CA PHE A 1198 29.11 9.17 8.73
C PHE A 1198 28.33 8.05 9.39
N GLY A 1199 28.32 8.06 10.72
CA GLY A 1199 27.60 7.10 11.56
C GLY A 1199 26.47 7.77 12.29
N VAL A 1200 25.32 7.10 12.40
CA VAL A 1200 24.15 7.68 13.06
C VAL A 1200 23.79 6.95 14.35
N ILE A 1201 23.57 7.72 15.43
CA ILE A 1201 23.17 7.22 16.75
C ILE A 1201 21.79 7.77 17.07
N TYR A 1202 20.88 6.89 17.52
CA TYR A 1202 19.52 7.28 17.87
C TYR A 1202 19.25 7.04 19.34
N TYR A 1203 18.63 8.03 19.99
CA TYR A 1203 18.17 7.98 21.38
C TYR A 1203 16.87 8.79 21.45
N ASP A 1204 15.76 8.11 21.78
CA ASP A 1204 14.39 8.66 21.80
C ASP A 1204 14.05 9.12 20.37
N ILE A 1205 13.81 10.41 20.14
CA ILE A 1205 13.55 10.94 18.80
C ILE A 1205 14.74 11.82 18.34
N ASN A 1206 15.78 11.98 19.22
CA ASN A 1206 17.01 12.76 18.96
C ASN A 1206 18.06 11.96 18.18
N GLN A 1207 18.88 12.65 17.36
CA GLN A 1207 19.88 12.02 16.50
C GLN A 1207 21.28 12.64 16.61
N ILE A 1208 22.33 11.81 16.40
CA ILE A 1208 23.73 12.23 16.41
C ILE A 1208 24.44 11.69 15.16
N ILE A 1209 24.99 12.58 14.32
CA ILE A 1209 25.75 12.20 13.12
C ILE A 1209 27.23 12.35 13.49
N THR A 1210 27.98 11.25 13.45
CA THR A 1210 29.38 11.24 13.88
C THR A 1210 30.40 10.78 12.83
N THR A 1211 31.64 11.25 13.01
CA THR A 1211 32.86 10.98 12.26
C THR A 1211 33.95 11.09 13.37
N ALA A 1212 35.17 10.60 13.12
CA ALA A 1212 36.25 10.69 14.10
C ALA A 1212 36.61 12.16 14.40
N VAL A 1213 36.26 13.07 13.46
CA VAL A 1213 36.50 14.51 13.50
C VAL A 1213 35.27 15.30 14.03
N MET A 1214 34.09 15.12 13.40
CA MET A 1214 32.88 15.85 13.76
C MET A 1214 31.78 15.03 14.46
N THR A 1215 30.90 15.74 15.19
CA THR A 1215 29.70 15.24 15.86
C THR A 1215 28.60 16.29 15.69
N LEU A 1216 27.48 15.93 15.05
CA LEU A 1216 26.33 16.80 14.84
C LEU A 1216 25.14 16.26 15.65
N SER A 1217 24.79 16.94 16.74
CA SER A 1217 23.70 16.54 17.63
C SER A 1217 22.44 17.36 17.42
N LYS A 1218 21.33 16.67 17.16
CA LYS A 1218 20.02 17.30 16.94
C LYS A 1218 19.05 16.88 18.04
N HIS A 1219 18.52 17.86 18.79
CA HIS A 1219 17.59 17.67 19.90
C HIS A 1219 16.21 18.22 19.54
N PHE A 1220 15.17 17.42 19.79
CA PHE A 1220 13.78 17.76 19.47
C PHE A 1220 12.92 17.83 20.72
N ASP A 1221 11.94 18.75 20.73
CA ASP A 1221 11.03 18.92 21.87
C ASP A 1221 9.89 17.88 21.87
N THR A 1222 8.94 18.00 22.82
CA THR A 1222 7.78 17.12 23.01
C THR A 1222 6.84 17.06 21.79
N HIS A 1223 6.85 18.10 20.94
CA HIS A 1223 6.02 18.18 19.73
C HIS A 1223 6.79 17.71 18.47
N GLY A 1224 7.98 17.15 18.68
CA GLY A 1224 8.85 16.66 17.61
C GLY A 1224 9.56 17.73 16.80
N ARG A 1225 9.52 18.98 17.27
CA ARG A 1225 10.14 20.14 16.61
C ARG A 1225 11.56 20.35 17.14
N ILE A 1226 12.51 20.74 16.27
CA ILE A 1226 13.91 20.97 16.62
C ILE A 1226 14.05 22.07 17.69
N LYS A 1227 14.75 21.77 18.79
CA LYS A 1227 14.97 22.71 19.90
C LYS A 1227 16.44 23.08 20.09
N GLU A 1228 17.37 22.20 19.66
CA GLU A 1228 18.81 22.45 19.78
C GLU A 1228 19.63 21.66 18.77
N VAL A 1229 20.58 22.35 18.11
CA VAL A 1229 21.55 21.79 17.15
C VAL A 1229 22.94 22.06 17.75
N GLN A 1230 23.81 21.05 17.73
CA GLN A 1230 25.16 21.16 18.28
C GLN A 1230 26.17 20.52 17.33
N TYR A 1231 26.95 21.35 16.63
CA TYR A 1231 27.98 20.91 15.68
C TYR A 1231 29.37 21.08 16.30
N GLU A 1232 30.06 19.95 16.54
CA GLU A 1232 31.40 19.93 17.13
C GLU A 1232 32.43 19.33 16.18
N MET A 1233 33.62 19.95 16.11
CA MET A 1233 34.74 19.49 15.30
C MET A 1233 35.98 19.45 16.20
N PHE A 1234 36.72 18.32 16.19
CA PHE A 1234 37.93 18.09 16.99
C PHE A 1234 37.66 18.41 18.50
N ARG A 1235 36.52 17.91 19.02
CA ARG A 1235 36.02 18.08 20.40
C ARG A 1235 35.73 19.54 20.78
N SER A 1236 35.64 20.44 19.79
CA SER A 1236 35.38 21.87 19.99
C SER A 1236 34.09 22.30 19.30
N LEU A 1237 33.24 23.06 20.02
CA LEU A 1237 31.96 23.56 19.51
C LEU A 1237 32.15 24.61 18.43
N MET A 1238 31.73 24.29 17.19
CA MET A 1238 31.85 25.17 16.03
C MET A 1238 30.56 25.94 15.77
N TYR A 1239 29.39 25.31 16.05
CA TYR A 1239 28.08 25.92 15.82
C TYR A 1239 27.00 25.34 16.73
N TRP A 1240 26.16 26.20 17.30
CA TRP A 1240 25.03 25.77 18.11
C TRP A 1240 23.85 26.72 17.97
N MET A 1241 22.66 26.14 17.83
CA MET A 1241 21.41 26.86 17.65
C MET A 1241 20.35 26.31 18.61
N THR A 1242 19.50 27.20 19.17
CA THR A 1242 18.38 26.84 20.05
C THR A 1242 17.14 27.51 19.51
N VAL A 1243 16.09 26.73 19.22
CA VAL A 1243 14.83 27.24 18.69
C VAL A 1243 13.73 27.09 19.75
N GLN A 1244 12.96 28.17 19.97
CA GLN A 1244 11.84 28.22 20.90
C GLN A 1244 10.58 28.53 20.10
N TYR A 1245 9.46 27.91 20.49
CA TYR A 1245 8.18 28.05 19.81
C TYR A 1245 7.07 28.52 20.73
N ASP A 1246 6.00 29.13 20.17
CA ASP A 1246 4.83 29.52 20.94
C ASP A 1246 3.84 28.36 20.98
N SER A 1247 2.60 28.58 21.50
CA SER A 1247 1.55 27.58 21.60
C SER A 1247 1.19 26.94 20.25
N MET A 1248 1.16 27.75 19.17
CA MET A 1248 0.82 27.32 17.83
C MET A 1248 2.00 26.77 16.98
N GLY A 1249 3.18 26.65 17.56
CA GLY A 1249 4.35 26.14 16.87
C GLY A 1249 5.11 27.14 16.02
N ARG A 1250 4.94 28.45 16.30
CA ARG A 1250 5.63 29.51 15.58
C ARG A 1250 6.96 29.81 16.29
N VAL A 1251 8.05 29.95 15.52
CA VAL A 1251 9.40 30.27 16.03
C VAL A 1251 9.34 31.66 16.69
N THR A 1252 9.60 31.73 18.00
CA THR A 1252 9.58 32.99 18.74
C THR A 1252 10.97 33.44 19.17
N LYS A 1253 11.91 32.49 19.32
CA LYS A 1253 13.28 32.78 19.75
C LYS A 1253 14.27 31.83 19.10
N ARG A 1254 15.40 32.38 18.60
CA ARG A 1254 16.49 31.63 17.99
C ARG A 1254 17.83 32.17 18.51
N GLU A 1255 18.65 31.32 19.14
CA GLU A 1255 19.98 31.69 19.62
C GLU A 1255 20.99 31.05 18.68
N LEU A 1256 21.96 31.84 18.17
CA LEU A 1256 22.94 31.35 17.21
C LEU A 1256 24.38 31.75 17.54
N LYS A 1257 25.30 30.78 17.44
CA LYS A 1257 26.73 30.99 17.64
C LYS A 1257 27.41 30.39 16.42
N LEU A 1258 27.94 31.27 15.54
CA LEU A 1258 28.63 30.87 14.31
C LEU A 1258 30.13 31.03 14.46
N GLY A 1259 30.79 29.95 14.81
CA GLY A 1259 32.23 29.94 15.03
C GLY A 1259 32.55 29.64 16.49
N PRO A 1260 33.73 29.05 16.78
CA PRO A 1260 34.04 28.72 18.17
C PRO A 1260 34.34 29.90 19.08
N TYR A 1261 34.79 31.04 18.50
CA TYR A 1261 35.14 32.22 19.29
C TYR A 1261 34.18 33.40 19.12
N ALA A 1262 33.22 33.31 18.17
CA ALA A 1262 32.23 34.36 17.91
C ALA A 1262 31.15 34.46 18.99
N ASN A 1263 30.54 35.65 19.14
CA ASN A 1263 29.49 35.96 20.11
C ASN A 1263 28.18 35.19 19.80
N THR A 1264 27.34 34.97 20.83
CA THR A 1264 26.03 34.32 20.68
C THR A 1264 24.96 35.40 20.45
N THR A 1265 24.23 35.29 19.33
CA THR A 1265 23.19 36.26 18.94
C THR A 1265 21.80 35.69 19.21
N LYS A 1266 20.95 36.48 19.89
CA LYS A 1266 19.57 36.12 20.24
C LYS A 1266 18.60 36.86 19.32
N TYR A 1267 17.75 36.11 18.61
CA TYR A 1267 16.74 36.66 17.71
C TYR A 1267 15.36 36.37 18.27
N THR A 1268 14.54 37.42 18.49
CA THR A 1268 13.18 37.33 19.01
C THR A 1268 12.20 37.71 17.90
N TYR A 1269 11.14 36.90 17.73
CA TYR A 1269 10.14 37.08 16.66
C TYR A 1269 8.73 37.31 17.21
N ASP A 1270 8.06 38.36 16.70
CA ASP A 1270 6.69 38.72 17.08
C ASP A 1270 5.78 38.62 15.87
N TYR A 1271 4.56 38.11 16.08
CA TYR A 1271 3.58 37.88 15.03
C TYR A 1271 2.33 38.73 15.24
N ASP A 1272 1.66 39.10 14.14
CA ASP A 1272 0.43 39.90 14.19
C ASP A 1272 -0.78 39.03 14.59
N GLY A 1273 -1.98 39.61 14.48
CA GLY A 1273 -3.22 38.92 14.80
C GLY A 1273 -3.56 37.74 13.91
N ASP A 1274 -2.85 37.60 12.78
CA ASP A 1274 -3.05 36.51 11.79
C ASP A 1274 -1.86 35.55 11.69
N GLY A 1275 -0.91 35.65 12.62
CA GLY A 1275 0.28 34.80 12.67
C GLY A 1275 1.30 35.07 11.59
N GLN A 1276 1.32 36.32 11.09
CA GLN A 1276 2.27 36.80 10.06
C GLN A 1276 3.40 37.51 10.80
N LEU A 1277 4.66 37.27 10.39
CA LEU A 1277 5.85 37.87 11.01
C LEU A 1277 5.82 39.39 10.99
N GLN A 1278 5.71 40.00 12.17
CA GLN A 1278 5.59 41.44 12.37
C GLN A 1278 6.93 42.12 12.64
N SER A 1279 7.74 41.55 13.55
CA SER A 1279 9.03 42.13 13.93
C SER A 1279 10.07 41.09 14.33
N VAL A 1280 11.36 41.45 14.13
CA VAL A 1280 12.53 40.64 14.45
C VAL A 1280 13.49 41.53 15.25
N ALA A 1281 13.84 41.11 16.48
CA ALA A 1281 14.75 41.85 17.35
C ALA A 1281 16.06 41.11 17.53
N VAL A 1282 17.17 41.85 17.54
CA VAL A 1282 18.52 41.30 17.70
C VAL A 1282 19.03 41.71 19.08
N ASN A 1283 19.17 40.71 19.99
CA ASN A 1283 19.60 40.87 21.38
C ASN A 1283 18.71 41.89 22.11
N ASP A 1284 17.37 41.65 22.02
CA ASP A 1284 16.28 42.44 22.59
C ASP A 1284 16.20 43.89 22.04
N ARG A 1285 16.84 44.14 20.88
CA ARG A 1285 16.84 45.45 20.21
C ARG A 1285 16.10 45.34 18.85
N PRO A 1286 14.99 46.07 18.62
CA PRO A 1286 14.27 45.96 17.33
C PRO A 1286 15.14 46.33 16.12
N THR A 1287 15.22 45.41 15.15
CA THR A 1287 16.05 45.56 13.94
C THR A 1287 15.22 45.51 12.65
N TRP A 1288 14.20 44.62 12.59
CA TRP A 1288 13.35 44.47 11.41
C TRP A 1288 11.87 44.63 11.71
N ARG A 1289 11.17 45.26 10.78
CA ARG A 1289 9.73 45.48 10.85
C ARG A 1289 9.12 45.02 9.54
N TYR A 1290 7.98 44.30 9.62
CA TYR A 1290 7.25 43.80 8.45
C TYR A 1290 5.77 44.13 8.59
N SER A 1291 5.15 44.58 7.49
CA SER A 1291 3.73 44.93 7.45
C SER A 1291 3.06 44.33 6.22
N TYR A 1292 1.77 43.99 6.34
CA TYR A 1292 1.03 43.31 5.28
C TYR A 1292 -0.29 43.97 4.88
N ASP A 1293 -0.65 43.73 3.61
CA ASP A 1293 -1.87 44.12 2.91
C ASP A 1293 -3.03 43.30 3.46
N LEU A 1294 -4.29 43.69 3.14
CA LEU A 1294 -5.48 42.94 3.54
C LEU A 1294 -5.48 41.56 2.87
N ASN A 1295 -4.80 41.46 1.71
CA ASN A 1295 -4.65 40.23 0.93
C ASN A 1295 -3.43 39.40 1.34
N GLY A 1296 -2.65 39.91 2.30
CA GLY A 1296 -1.44 39.25 2.81
C GLY A 1296 -0.17 39.53 2.04
N ASN A 1297 -0.17 40.63 1.25
CA ASN A 1297 1.01 41.05 0.49
C ASN A 1297 1.92 41.89 1.39
N LEU A 1298 3.22 41.51 1.51
CA LEU A 1298 4.21 42.23 2.32
C LEU A 1298 4.46 43.60 1.69
N HIS A 1299 3.91 44.67 2.30
CA HIS A 1299 4.03 46.00 1.71
C HIS A 1299 4.99 46.95 2.44
N LEU A 1300 5.71 46.45 3.47
CA LEU A 1300 6.65 47.25 4.26
C LEU A 1300 7.73 46.38 4.88
N LEU A 1301 9.02 46.68 4.60
CA LEU A 1301 10.17 45.93 5.15
C LEU A 1301 11.41 46.79 5.29
N ASN A 1302 12.37 46.32 6.11
CA ASN A 1302 13.69 46.93 6.28
C ASN A 1302 14.60 46.05 5.40
N PRO A 1303 15.09 46.54 4.23
CA PRO A 1303 15.88 45.66 3.35
C PRO A 1303 17.30 45.38 3.84
N GLY A 1304 17.63 44.11 3.90
CA GLY A 1304 18.94 43.63 4.33
C GLY A 1304 19.31 44.06 5.73
N ASN A 1305 20.32 44.92 5.82
CA ASN A 1305 20.86 45.45 7.08
C ASN A 1305 20.33 46.86 7.38
N SER A 1306 19.73 47.53 6.37
CA SER A 1306 19.22 48.90 6.42
C SER A 1306 18.20 49.19 7.51
N VAL A 1307 18.24 50.44 8.02
CA VAL A 1307 17.35 50.99 9.05
C VAL A 1307 16.13 51.61 8.33
N ARG A 1308 16.31 51.98 7.06
CA ARG A 1308 15.31 52.57 6.16
C ARG A 1308 14.15 51.59 5.91
N LEU A 1309 12.90 52.08 6.03
CA LEU A 1309 11.69 51.30 5.83
C LEU A 1309 11.23 51.48 4.38
N MET A 1310 11.22 50.38 3.61
CA MET A 1310 10.87 50.39 2.19
C MET A 1310 9.45 49.90 1.88
N PRO A 1311 8.69 50.65 1.04
CA PRO A 1311 7.33 50.20 0.69
C PRO A 1311 7.30 49.32 -0.56
N LEU A 1312 6.37 48.36 -0.58
CA LEU A 1312 6.16 47.45 -1.70
C LEU A 1312 4.75 47.67 -2.25
N ARG A 1313 4.63 47.79 -3.58
CA ARG A 1313 3.35 48.06 -4.25
C ARG A 1313 2.83 46.86 -5.03
N TYR A 1314 1.50 46.69 -5.08
CA TYR A 1314 0.85 45.56 -5.75
C TYR A 1314 -0.34 46.01 -6.58
N ASP A 1315 -0.78 45.15 -7.52
CA ASP A 1315 -1.96 45.42 -8.34
C ASP A 1315 -3.15 44.62 -7.80
N LEU A 1316 -4.31 44.70 -8.49
CA LEU A 1316 -5.54 43.99 -8.10
C LEU A 1316 -5.43 42.46 -8.15
N ARG A 1317 -4.51 41.94 -8.98
CA ARG A 1317 -4.27 40.51 -9.17
C ARG A 1317 -3.18 39.98 -8.21
N ASP A 1318 -2.77 40.82 -7.23
CA ASP A 1318 -1.75 40.55 -6.21
C ASP A 1318 -0.33 40.39 -6.79
N ARG A 1319 -0.08 41.01 -7.94
CA ARG A 1319 1.23 41.00 -8.61
C ARG A 1319 2.00 42.24 -8.18
N ILE A 1320 3.27 42.07 -7.78
CA ILE A 1320 4.16 43.15 -7.36
C ILE A 1320 4.44 44.12 -8.51
N THR A 1321 4.50 45.43 -8.22
CA THR A 1321 4.73 46.49 -9.21
C THR A 1321 5.93 47.39 -8.86
N ARG A 1322 6.33 47.39 -7.56
CA ARG A 1322 7.43 48.21 -7.05
C ARG A 1322 7.95 47.71 -5.69
N LEU A 1323 9.27 47.81 -5.47
CA LEU A 1323 9.97 47.50 -4.23
C LEU A 1323 10.86 48.72 -3.97
N GLY A 1324 10.34 49.62 -3.14
CA GLY A 1324 10.98 50.89 -2.83
C GLY A 1324 10.92 51.79 -4.05
N ASP A 1325 12.07 51.96 -4.69
CA ASP A 1325 12.26 52.77 -5.90
C ASP A 1325 12.33 51.89 -7.15
N ILE A 1326 12.61 50.58 -6.98
CA ILE A 1326 12.76 49.59 -8.04
C ILE A 1326 11.41 49.10 -8.61
N PRO A 1327 11.13 49.32 -9.92
CA PRO A 1327 9.88 48.82 -10.48
C PRO A 1327 9.94 47.33 -10.82
N TYR A 1328 8.82 46.63 -10.61
CA TYR A 1328 8.67 45.20 -10.88
C TYR A 1328 7.64 45.01 -11.97
N LYS A 1329 7.81 43.95 -12.76
CA LYS A 1329 6.89 43.61 -13.84
C LYS A 1329 6.59 42.13 -13.79
N ILE A 1330 5.31 41.80 -13.67
CA ILE A 1330 4.83 40.42 -13.65
C ILE A 1330 3.90 40.32 -14.87
N ASP A 1331 4.13 39.33 -15.75
CA ASP A 1331 3.32 39.16 -16.97
C ASP A 1331 1.87 38.76 -16.67
N ASP A 1332 1.04 38.68 -17.73
CA ASP A 1332 -0.38 38.34 -17.64
C ASP A 1332 -0.66 36.88 -17.20
N ASP A 1333 0.39 36.04 -17.11
CA ASP A 1333 0.28 34.65 -16.66
C ASP A 1333 0.59 34.53 -15.16
N GLY A 1334 1.18 35.58 -14.59
CA GLY A 1334 1.55 35.63 -13.18
C GLY A 1334 3.01 35.33 -12.91
N PHE A 1335 3.84 35.31 -13.96
CA PHE A 1335 5.27 35.03 -13.86
C PHE A 1335 6.11 36.30 -13.85
N LEU A 1336 7.21 36.27 -13.07
CA LEU A 1336 8.18 37.38 -12.97
C LEU A 1336 8.75 37.64 -14.36
N CYS A 1337 8.67 38.89 -14.77
CA CYS A 1337 9.05 39.39 -16.08
C CYS A 1337 10.30 40.29 -15.99
N GLN A 1338 10.30 41.22 -15.01
CA GLN A 1338 11.38 42.19 -14.79
C GLN A 1338 11.45 42.72 -13.36
N ARG A 1339 12.68 43.06 -12.92
CA ARG A 1339 12.97 43.70 -11.64
C ARG A 1339 13.99 44.81 -11.96
N GLY A 1340 13.47 45.98 -12.31
CA GLY A 1340 14.28 47.12 -12.71
C GLY A 1340 14.94 46.85 -14.04
N SER A 1341 16.27 46.66 -14.03
CA SER A 1341 17.05 46.35 -15.23
C SER A 1341 17.19 44.84 -15.49
N ASP A 1342 16.92 44.00 -14.46
CA ASP A 1342 16.98 42.53 -14.56
C ASP A 1342 15.78 42.04 -15.38
N VAL A 1343 16.04 41.24 -16.43
CA VAL A 1343 15.02 40.66 -17.30
C VAL A 1343 14.99 39.15 -17.02
N PHE A 1344 13.79 38.57 -16.91
CA PHE A 1344 13.62 37.15 -16.65
C PHE A 1344 12.81 36.47 -17.75
N GLU A 1345 13.30 35.31 -18.21
CA GLU A 1345 12.66 34.52 -19.26
C GLU A 1345 12.18 33.19 -18.70
N TYR A 1346 10.87 33.05 -18.50
CA TYR A 1346 10.25 31.82 -18.01
C TYR A 1346 9.55 31.13 -19.17
N ASN A 1347 9.78 29.82 -19.33
CA ASN A 1347 9.16 29.04 -20.40
C ASN A 1347 7.70 28.64 -20.05
N SER A 1348 7.03 27.86 -20.94
CA SER A 1348 5.65 27.42 -20.70
C SER A 1348 5.52 26.50 -19.49
N LYS A 1349 6.57 25.72 -19.19
CA LYS A 1349 6.65 24.81 -18.05
C LYS A 1349 6.85 25.59 -16.73
N GLY A 1350 7.17 26.88 -16.82
CA GLY A 1350 7.39 27.76 -15.69
C GLY A 1350 8.80 27.70 -15.14
N LEU A 1351 9.76 27.32 -16.00
CA LEU A 1351 11.18 27.20 -15.66
C LEU A 1351 11.96 28.39 -16.22
N LEU A 1352 12.87 28.95 -15.40
CA LEU A 1352 13.70 30.09 -15.80
C LEU A 1352 14.80 29.62 -16.76
N THR A 1353 14.67 29.97 -18.04
CA THR A 1353 15.61 29.58 -19.08
C THR A 1353 16.78 30.57 -19.22
N ARG A 1354 16.49 31.87 -19.09
CA ARG A 1354 17.47 32.94 -19.23
C ARG A 1354 17.14 34.13 -18.33
N ALA A 1355 18.19 34.78 -17.80
CA ALA A 1355 18.08 35.97 -16.96
C ALA A 1355 19.28 36.86 -17.20
N TYR A 1356 19.05 38.15 -17.48
CA TYR A 1356 20.12 39.09 -17.80
C TYR A 1356 19.86 40.52 -17.34
N ASN A 1357 20.91 41.35 -17.39
CA ASN A 1357 20.89 42.78 -17.08
C ASN A 1357 21.91 43.44 -18.01
N LYS A 1358 21.42 44.17 -19.02
CA LYS A 1358 22.24 44.86 -20.01
C LYS A 1358 23.12 45.95 -19.40
N ALA A 1359 22.57 46.68 -18.40
CA ALA A 1359 23.26 47.77 -17.71
C ALA A 1359 24.42 47.25 -16.84
N ASN A 1360 24.18 46.18 -16.07
CA ASN A 1360 25.17 45.57 -15.18
C ASN A 1360 26.07 44.54 -15.89
N GLY A 1361 25.75 44.26 -17.16
CA GLY A 1361 26.52 43.38 -18.03
C GLY A 1361 26.64 41.91 -17.65
N TRP A 1362 25.58 41.33 -17.10
CA TRP A 1362 25.58 39.92 -16.73
C TRP A 1362 24.45 39.16 -17.40
N ASN A 1363 24.70 37.89 -17.76
CA ASN A 1363 23.75 37.00 -18.42
C ASN A 1363 23.93 35.58 -17.89
N VAL A 1364 22.82 34.94 -17.51
CA VAL A 1364 22.82 33.57 -17.00
C VAL A 1364 21.77 32.73 -17.74
N GLN A 1365 22.18 31.55 -18.21
CA GLN A 1365 21.32 30.61 -18.94
C GLN A 1365 21.23 29.30 -18.16
N TYR A 1366 20.04 28.70 -18.15
CA TYR A 1366 19.81 27.44 -17.45
C TYR A 1366 19.26 26.37 -18.37
N ARG A 1367 19.66 25.13 -18.09
CA ARG A 1367 19.22 23.95 -18.83
C ARG A 1367 18.49 23.02 -17.86
N TYR A 1368 17.46 22.33 -18.34
CA TYR A 1368 16.65 21.44 -17.52
C TYR A 1368 16.50 20.06 -18.12
N ASP A 1369 16.31 19.05 -17.25
CA ASP A 1369 16.10 17.67 -17.70
C ASP A 1369 14.61 17.41 -17.96
N GLY A 1370 14.30 16.24 -18.50
CA GLY A 1370 12.92 15.85 -18.82
C GLY A 1370 11.97 15.75 -17.64
N LEU A 1371 12.51 15.65 -16.42
CA LEU A 1371 11.72 15.56 -15.19
C LEU A 1371 11.48 16.93 -14.53
N GLY A 1372 11.96 17.99 -15.16
CA GLY A 1372 11.80 19.37 -14.70
C GLY A 1372 12.85 19.90 -13.73
N ARG A 1373 13.98 19.19 -13.57
CA ARG A 1373 15.05 19.57 -12.65
C ARG A 1373 16.16 20.34 -13.38
N ARG A 1374 16.77 21.32 -12.70
CA ARG A 1374 17.87 22.12 -13.25
C ARG A 1374 19.12 21.26 -13.44
N ALA A 1375 19.54 21.11 -14.70
CA ALA A 1375 20.70 20.32 -15.08
C ALA A 1375 21.98 21.14 -15.07
N SER A 1376 21.90 22.42 -15.52
CA SER A 1376 23.06 23.31 -15.57
C SER A 1376 22.74 24.79 -15.39
N CYS A 1377 23.78 25.56 -15.04
CA CYS A 1377 23.79 27.01 -14.84
C CYS A 1377 25.06 27.54 -15.52
N LYS A 1378 24.92 28.47 -16.47
CA LYS A 1378 26.08 29.03 -17.17
C LYS A 1378 25.94 30.53 -17.33
N THR A 1379 27.00 31.27 -16.95
CA THR A 1379 27.03 32.72 -17.07
C THR A 1379 27.96 33.18 -18.19
N ASN A 1380 27.89 34.48 -18.54
CA ASN A 1380 28.75 35.11 -19.56
C ASN A 1380 30.07 35.54 -18.89
N LEU A 1381 30.13 35.45 -17.55
CA LEU A 1381 31.27 35.83 -16.71
C LEU A 1381 32.22 34.66 -16.37
N GLY A 1382 32.07 33.53 -17.08
CA GLY A 1382 32.91 32.36 -16.91
C GLY A 1382 32.33 31.19 -16.13
N HIS A 1383 31.39 31.46 -15.20
CA HIS A 1383 30.76 30.44 -14.35
C HIS A 1383 29.98 29.40 -15.16
N HIS A 1384 30.18 28.11 -14.84
CA HIS A 1384 29.50 26.99 -15.46
C HIS A 1384 29.46 25.79 -14.52
N LEU A 1385 28.26 25.45 -14.03
CA LEU A 1385 28.04 24.34 -13.11
C LEU A 1385 27.02 23.36 -13.67
N GLN A 1386 27.15 22.08 -13.30
CA GLN A 1386 26.23 21.01 -13.66
C GLN A 1386 25.74 20.34 -12.39
N TYR A 1387 24.44 20.01 -12.34
CA TYR A 1387 23.82 19.41 -11.16
C TYR A 1387 23.34 17.99 -11.44
N PHE A 1388 23.53 17.09 -10.47
CA PHE A 1388 23.13 15.68 -10.56
C PHE A 1388 22.33 15.23 -9.35
N TYR A 1389 21.35 14.34 -9.59
CA TYR A 1389 20.40 13.84 -8.59
C TYR A 1389 20.52 12.32 -8.45
N ALA A 1390 21.47 11.88 -7.62
CA ALA A 1390 21.79 10.47 -7.35
C ALA A 1390 20.91 9.80 -6.29
N ASP A 1391 20.24 10.58 -5.43
CA ASP A 1391 19.38 10.01 -4.39
C ASP A 1391 18.05 9.55 -4.99
N LEU A 1392 17.79 8.23 -4.94
CA LEU A 1392 16.59 7.60 -5.47
C LEU A 1392 15.37 7.89 -4.62
N HIS A 1393 15.56 8.06 -3.30
CA HIS A 1393 14.50 8.36 -2.34
C HIS A 1393 14.14 9.85 -2.33
N ASN A 1394 15.10 10.72 -2.67
CA ASN A 1394 14.91 12.17 -2.74
C ASN A 1394 15.34 12.64 -4.15
N PRO A 1395 14.46 12.48 -5.18
CA PRO A 1395 14.86 12.81 -6.56
C PRO A 1395 15.10 14.30 -6.88
N THR A 1396 14.68 15.24 -6.02
CA THR A 1396 14.89 16.67 -6.26
C THR A 1396 16.12 17.20 -5.52
N ARG A 1397 16.79 16.32 -4.76
CA ARG A 1397 17.98 16.60 -3.95
C ARG A 1397 19.24 16.63 -4.81
N VAL A 1398 19.96 17.77 -4.84
CA VAL A 1398 21.21 17.93 -5.59
C VAL A 1398 22.27 17.19 -4.76
N THR A 1399 22.81 16.08 -5.29
CA THR A 1399 23.81 15.26 -4.60
C THR A 1399 25.22 15.55 -5.07
N HIS A 1400 25.39 15.86 -6.37
CA HIS A 1400 26.70 16.12 -6.98
C HIS A 1400 26.70 17.37 -7.87
N VAL A 1401 27.78 18.15 -7.80
CA VAL A 1401 27.97 19.38 -8.58
C VAL A 1401 29.29 19.30 -9.35
N TYR A 1402 29.24 19.45 -10.68
CA TYR A 1402 30.44 19.47 -11.52
C TYR A 1402 30.74 20.92 -11.89
N ASN A 1403 31.94 21.39 -11.51
CA ASN A 1403 32.39 22.75 -11.80
C ASN A 1403 33.32 22.71 -13.00
N HIS A 1404 32.93 23.38 -14.10
CA HIS A 1404 33.66 23.42 -15.37
C HIS A 1404 34.95 24.24 -15.35
N SER A 1405 35.04 25.27 -14.49
CA SER A 1405 36.23 26.12 -14.41
C SER A 1405 37.46 25.43 -13.77
N ASN A 1406 37.24 24.40 -12.94
CA ASN A 1406 38.34 23.66 -12.31
C ASN A 1406 38.25 22.13 -12.51
N SER A 1407 37.17 21.66 -13.18
CA SER A 1407 36.87 20.26 -13.51
C SER A 1407 36.73 19.34 -12.28
N GLU A 1408 36.36 19.90 -11.11
CA GLU A 1408 36.21 19.09 -9.90
C GLU A 1408 34.74 18.86 -9.53
N ILE A 1409 34.47 17.70 -8.88
CA ILE A 1409 33.14 17.28 -8.45
C ILE A 1409 32.97 17.47 -6.95
N THR A 1410 31.87 18.12 -6.55
CA THR A 1410 31.52 18.38 -5.15
C THR A 1410 30.34 17.48 -4.77
N SER A 1411 30.56 16.61 -3.77
CA SER A 1411 29.54 15.71 -3.24
C SER A 1411 28.90 16.35 -2.02
N LEU A 1412 27.57 16.55 -2.09
CA LEU A 1412 26.79 17.17 -1.02
C LEU A 1412 26.17 16.10 -0.13
N TYR A 1413 26.28 16.30 1.20
CA TYR A 1413 25.76 15.37 2.20
C TYR A 1413 24.73 16.05 3.08
N TYR A 1414 23.55 15.43 3.19
CA TYR A 1414 22.41 15.94 3.94
C TYR A 1414 22.10 15.09 5.15
N ASP A 1415 21.60 15.71 6.23
CA ASP A 1415 21.22 15.00 7.46
C ASP A 1415 19.85 14.32 7.31
N LEU A 1416 19.33 13.73 8.40
CA LEU A 1416 18.06 13.02 8.41
C LEU A 1416 16.83 13.93 8.21
N GLN A 1417 17.00 15.26 8.35
CA GLN A 1417 15.95 16.26 8.17
C GLN A 1417 16.04 16.89 6.77
N GLY A 1418 17.05 16.49 6.01
CA GLY A 1418 17.30 16.97 4.65
C GLY A 1418 18.13 18.23 4.55
N HIS A 1419 18.73 18.68 5.67
CA HIS A 1419 19.56 19.88 5.69
C HIS A 1419 21.01 19.55 5.39
N LEU A 1420 21.69 20.41 4.61
CA LEU A 1420 23.09 20.26 4.23
C LEU A 1420 23.99 20.41 5.46
N PHE A 1421 24.88 19.44 5.69
CA PHE A 1421 25.78 19.48 6.84
C PHE A 1421 27.24 19.24 6.48
N ALA A 1422 27.51 18.60 5.33
CA ALA A 1422 28.87 18.30 4.89
C ALA A 1422 29.03 18.28 3.38
N MET A 1423 30.28 18.50 2.93
CA MET A 1423 30.69 18.50 1.52
C MET A 1423 32.02 17.80 1.37
N GLU A 1424 32.24 17.17 0.21
CA GLU A 1424 33.48 16.49 -0.14
C GLU A 1424 33.83 16.78 -1.58
N SER A 1425 35.07 17.22 -1.82
CA SER A 1425 35.56 17.54 -3.16
C SER A 1425 36.36 16.38 -3.73
N SER A 1426 36.39 16.27 -5.08
CA SER A 1426 37.14 15.24 -5.79
C SER A 1426 38.65 15.50 -5.66
N SER A 1427 39.03 16.75 -5.28
CA SER A 1427 40.39 17.21 -5.05
C SER A 1427 40.95 16.71 -3.71
N GLY A 1428 40.06 16.22 -2.83
CA GLY A 1428 40.41 15.70 -1.52
C GLY A 1428 39.96 16.57 -0.36
N GLU A 1429 39.50 17.79 -0.66
CA GLU A 1429 39.03 18.75 0.34
C GLU A 1429 37.70 18.36 0.97
N GLU A 1430 37.55 18.66 2.28
CA GLU A 1430 36.35 18.38 3.07
C GLU A 1430 35.82 19.65 3.73
N TYR A 1431 34.51 19.88 3.65
CA TYR A 1431 33.85 21.04 4.23
C TYR A 1431 32.70 20.63 5.12
N TYR A 1432 32.48 21.39 6.20
CA TYR A 1432 31.44 21.11 7.17
C TYR A 1432 30.50 22.31 7.28
N VAL A 1433 29.24 22.12 6.87
CA VAL A 1433 28.20 23.15 6.76
C VAL A 1433 27.28 23.23 7.99
N ALA A 1434 27.13 24.45 8.52
CA ALA A 1434 26.25 24.77 9.65
C ALA A 1434 24.94 25.28 9.04
N SER A 1435 23.86 24.50 9.19
CA SER A 1435 22.54 24.86 8.65
C SER A 1435 21.49 25.09 9.72
N ASP A 1436 20.60 26.10 9.50
CA ASP A 1436 19.54 26.44 10.43
C ASP A 1436 18.32 25.49 10.35
N ASN A 1437 17.28 25.77 11.15
CA ASN A 1437 16.02 25.00 11.24
C ASN A 1437 15.26 24.90 9.91
N THR A 1438 15.56 25.79 8.94
CA THR A 1438 14.93 25.79 7.62
C THR A 1438 15.81 25.12 6.55
N GLY A 1439 17.02 24.70 6.95
CA GLY A 1439 17.99 24.04 6.06
C GLY A 1439 18.84 25.00 5.27
N THR A 1440 18.94 26.25 5.75
CA THR A 1440 19.70 27.34 5.15
C THR A 1440 21.15 27.34 5.67
N PRO A 1441 22.18 27.26 4.78
CA PRO A 1441 23.57 27.27 5.26
C PRO A 1441 23.97 28.65 5.80
N LEU A 1442 24.41 28.68 7.06
CA LEU A 1442 24.82 29.90 7.75
C LEU A 1442 26.34 30.02 7.90
N ALA A 1443 27.08 28.89 7.86
CA ALA A 1443 28.55 28.86 8.01
C ALA A 1443 29.19 27.61 7.41
N VAL A 1444 30.43 27.73 6.93
CA VAL A 1444 31.23 26.64 6.35
C VAL A 1444 32.57 26.55 7.09
N PHE A 1445 32.93 25.33 7.54
CA PHE A 1445 34.16 25.05 8.27
C PHE A 1445 35.06 24.13 7.43
N SER A 1446 36.37 24.42 7.41
CA SER A 1446 37.36 23.67 6.65
C SER A 1446 37.71 22.32 7.29
N ILE A 1447 38.52 21.51 6.57
CA ILE A 1447 39.03 20.19 6.98
C ILE A 1447 39.78 20.26 8.34
N ASN A 1448 40.35 21.45 8.67
CA ASN A 1448 41.10 21.73 9.90
C ASN A 1448 40.28 22.49 10.97
N GLY A 1449 38.95 22.44 10.84
CA GLY A 1449 38.01 23.06 11.78
C GLY A 1449 38.09 24.57 11.88
N LEU A 1450 38.26 25.25 10.74
CA LEU A 1450 38.35 26.71 10.70
C LEU A 1450 37.22 27.28 9.85
N MET A 1451 36.48 28.27 10.38
CA MET A 1451 35.37 28.91 9.66
C MET A 1451 35.92 29.73 8.51
N ILE A 1452 35.64 29.29 7.27
CA ILE A 1452 36.11 29.94 6.05
C ILE A 1452 35.03 30.83 5.42
N LYS A 1453 33.74 30.58 5.75
CA LYS A 1453 32.59 31.35 5.26
C LYS A 1453 31.51 31.46 6.34
N GLN A 1454 30.91 32.65 6.46
CA GLN A 1454 29.85 32.95 7.42
C GLN A 1454 28.82 33.85 6.74
N LEU A 1455 27.55 33.42 6.75
CA LEU A 1455 26.43 34.13 6.14
C LEU A 1455 25.37 34.52 7.16
N GLN A 1456 24.80 35.72 6.97
CA GLN A 1456 23.72 36.24 7.79
C GLN A 1456 22.57 36.63 6.85
N TYR A 1457 21.39 36.02 7.06
CA TYR A 1457 20.19 36.23 6.26
C TYR A 1457 19.09 36.94 7.03
N THR A 1458 18.21 37.65 6.31
CA THR A 1458 17.03 38.27 6.92
C THR A 1458 16.00 37.15 7.06
N ALA A 1459 14.88 37.43 7.75
CA ALA A 1459 13.81 36.46 7.95
C ALA A 1459 13.29 35.86 6.62
N TYR A 1460 13.28 36.67 5.55
CA TYR A 1460 12.81 36.26 4.23
C TYR A 1460 13.94 35.76 3.29
N GLY A 1461 15.15 35.57 3.81
CA GLY A 1461 16.26 34.98 3.06
C GLY A 1461 17.24 35.82 2.26
N GLU A 1462 17.18 37.15 2.42
CA GLU A 1462 18.10 38.08 1.74
C GLU A 1462 19.38 38.16 2.58
N ILE A 1463 20.55 37.99 1.93
CA ILE A 1463 21.86 38.05 2.59
C ILE A 1463 22.25 39.51 2.83
N TYR A 1464 22.63 39.85 4.08
CA TYR A 1464 23.11 41.18 4.45
C TYR A 1464 24.57 41.15 4.90
N TYR A 1465 25.11 39.94 5.13
CA TYR A 1465 26.49 39.72 5.54
C TYR A 1465 27.06 38.41 4.98
N ASP A 1466 28.27 38.49 4.40
CA ASP A 1466 29.04 37.37 3.83
C ASP A 1466 30.53 37.63 4.10
N SER A 1467 31.15 36.78 4.95
CA SER A 1467 32.57 36.91 5.31
C SER A 1467 33.53 36.54 4.17
N ASN A 1468 33.11 35.65 3.24
CA ASN A 1468 33.91 35.22 2.10
C ASN A 1468 33.03 35.09 0.83
N PRO A 1469 32.83 36.19 0.06
CA PRO A 1469 31.97 36.10 -1.15
C PRO A 1469 32.54 35.25 -2.28
N ASP A 1470 33.88 35.04 -2.29
CA ASP A 1470 34.57 34.25 -3.32
C ASP A 1470 34.31 32.76 -3.19
N PHE A 1471 33.98 32.28 -1.97
CA PHE A 1471 33.66 30.88 -1.73
C PHE A 1471 32.19 30.66 -2.09
N GLN A 1472 31.95 30.13 -3.29
CA GLN A 1472 30.62 29.91 -3.84
C GLN A 1472 29.92 28.67 -3.29
N LEU A 1473 28.75 28.88 -2.65
CA LEU A 1473 27.91 27.83 -2.09
C LEU A 1473 26.70 27.63 -3.01
N VAL A 1474 26.51 26.38 -3.45
CA VAL A 1474 25.43 25.96 -4.37
C VAL A 1474 24.04 26.09 -3.71
N ILE A 1475 23.89 25.58 -2.48
CA ILE A 1475 22.63 25.60 -1.72
C ILE A 1475 22.54 26.89 -0.88
N GLY A 1476 21.39 27.55 -0.97
CA GLY A 1476 21.10 28.78 -0.24
C GLY A 1476 19.91 28.66 0.68
N PHE A 1477 19.13 29.76 0.79
CA PHE A 1477 17.95 29.85 1.63
C PHE A 1477 16.95 28.71 1.42
N HIS A 1478 16.48 28.12 2.54
CA HIS A 1478 15.51 27.02 2.60
C HIS A 1478 15.93 25.72 1.88
N GLY A 1479 17.22 25.61 1.55
CA GLY A 1479 17.77 24.43 0.89
C GLY A 1479 17.66 24.40 -0.63
N GLY A 1480 17.26 25.52 -1.22
CA GLY A 1480 17.13 25.66 -2.67
C GLY A 1480 18.40 26.17 -3.29
N LEU A 1481 18.42 26.34 -4.63
CA LEU A 1481 19.61 26.85 -5.33
C LEU A 1481 19.60 28.38 -5.39
N TYR A 1482 20.48 29.04 -4.61
CA TYR A 1482 20.55 30.50 -4.61
C TYR A 1482 21.46 31.04 -5.71
N ASP A 1483 20.98 32.05 -6.43
CA ASP A 1483 21.73 32.71 -7.50
C ASP A 1483 22.01 34.16 -7.08
N PRO A 1484 23.29 34.53 -6.88
CA PRO A 1484 23.59 35.91 -6.44
C PRO A 1484 23.32 36.99 -7.49
N LEU A 1485 23.28 36.60 -8.77
CA LEU A 1485 23.03 37.54 -9.88
C LEU A 1485 21.56 37.94 -9.95
N THR A 1486 20.65 36.95 -9.93
CA THR A 1486 19.19 37.15 -10.02
C THR A 1486 18.52 37.44 -8.68
N LYS A 1487 19.13 36.98 -7.56
CA LYS A 1487 18.61 37.07 -6.18
C LYS A 1487 17.39 36.16 -6.00
N LEU A 1488 17.39 35.03 -6.72
CA LEU A 1488 16.32 34.03 -6.66
C LEU A 1488 16.85 32.72 -6.11
N VAL A 1489 15.98 31.99 -5.40
CA VAL A 1489 16.26 30.68 -4.84
C VAL A 1489 15.39 29.69 -5.63
N HIS A 1490 16.04 28.73 -6.31
CA HIS A 1490 15.35 27.77 -7.15
C HIS A 1490 15.05 26.45 -6.45
N PHE A 1491 13.77 26.06 -6.53
CA PHE A 1491 13.19 24.80 -6.09
C PHE A 1491 12.59 24.24 -7.37
N THR A 1492 12.72 22.92 -7.60
CA THR A 1492 12.32 22.22 -8.83
C THR A 1492 11.00 22.75 -9.47
N GLN A 1493 9.93 23.01 -8.70
CA GLN A 1493 8.69 23.52 -9.31
C GLN A 1493 8.54 25.04 -9.31
N ARG A 1494 9.06 25.75 -8.28
CA ARG A 1494 8.92 27.21 -8.16
C ARG A 1494 10.20 27.93 -7.76
N ASP A 1495 10.29 29.23 -8.12
CA ASP A 1495 11.41 30.11 -7.77
C ASP A 1495 10.97 31.12 -6.72
N TYR A 1496 11.88 31.43 -5.78
CA TYR A 1496 11.61 32.36 -4.69
C TYR A 1496 12.48 33.60 -4.74
N ASP A 1497 11.85 34.79 -4.74
CA ASP A 1497 12.50 36.10 -4.75
C ASP A 1497 12.78 36.53 -3.31
N VAL A 1498 14.08 36.59 -2.93
CA VAL A 1498 14.50 36.96 -1.56
C VAL A 1498 14.30 38.45 -1.27
N LEU A 1499 14.35 39.30 -2.30
CA LEU A 1499 14.19 40.74 -2.17
C LEU A 1499 12.74 41.14 -1.90
N ALA A 1500 11.79 40.51 -2.61
CA ALA A 1500 10.36 40.77 -2.47
C ALA A 1500 9.72 39.95 -1.33
N GLY A 1501 10.33 38.82 -0.99
CA GLY A 1501 9.84 37.91 0.05
C GLY A 1501 8.64 37.09 -0.38
N ARG A 1502 8.60 36.73 -1.67
CA ARG A 1502 7.51 35.97 -2.28
C ARG A 1502 7.99 35.11 -3.44
N TRP A 1503 7.10 34.23 -3.94
CA TRP A 1503 7.36 33.38 -5.10
C TRP A 1503 7.26 34.21 -6.37
N THR A 1504 7.97 33.80 -7.43
CA THR A 1504 7.98 34.51 -8.71
C THR A 1504 6.82 34.10 -9.62
N SER A 1505 6.01 33.12 -9.19
CA SER A 1505 4.87 32.60 -9.93
C SER A 1505 3.78 32.09 -8.97
N PRO A 1506 2.48 32.10 -9.36
CA PRO A 1506 1.46 31.57 -8.45
C PRO A 1506 1.32 30.06 -8.61
N ASP A 1507 0.84 29.39 -7.57
CA ASP A 1507 0.57 27.95 -7.68
C ASP A 1507 -0.92 27.87 -7.94
N TYR A 1508 -1.29 27.75 -9.22
CA TYR A 1508 -2.69 27.73 -9.65
C TYR A 1508 -3.44 26.47 -9.25
N THR A 1509 -2.72 25.41 -8.79
CA THR A 1509 -3.33 24.16 -8.32
C THR A 1509 -3.99 24.36 -6.94
N MET A 1510 -3.74 25.51 -6.28
CA MET A 1510 -4.34 25.90 -4.99
C MET A 1510 -5.85 26.00 -5.11
N TRP A 1511 -6.35 26.41 -6.30
CA TRP A 1511 -7.77 26.57 -6.64
C TRP A 1511 -8.56 25.27 -6.60
N LYS A 1512 -7.88 24.13 -6.75
CA LYS A 1512 -8.48 22.80 -6.75
C LYS A 1512 -9.14 22.46 -5.40
N ASN A 1513 -8.43 22.71 -4.28
CA ASN A 1513 -8.93 22.34 -2.96
C ASN A 1513 -9.37 23.50 -2.05
N ILE A 1514 -9.23 24.77 -2.49
CA ILE A 1514 -9.62 25.93 -1.69
C ILE A 1514 -11.15 25.97 -1.44
N GLY A 1515 -11.92 25.40 -2.37
CA GLY A 1515 -13.38 25.31 -2.25
C GLY A 1515 -13.80 24.36 -1.16
N ARG A 1516 -13.13 23.19 -1.09
CA ARG A 1516 -13.37 22.14 -0.10
C ARG A 1516 -12.81 22.57 1.28
N GLU A 1517 -11.63 23.20 1.29
CA GLU A 1517 -11.00 23.68 2.52
C GLU A 1517 -10.85 25.21 2.44
N PRO A 1518 -11.93 25.99 2.74
CA PRO A 1518 -11.82 27.45 2.66
C PRO A 1518 -11.02 28.03 3.82
N ALA A 1519 -9.99 28.81 3.46
CA ALA A 1519 -9.06 29.43 4.40
C ALA A 1519 -8.45 30.70 3.79
N PRO A 1520 -7.83 31.60 4.61
CA PRO A 1520 -7.18 32.78 4.02
C PRO A 1520 -6.02 32.30 3.12
N PHE A 1521 -5.90 32.90 1.93
CA PHE A 1521 -4.88 32.50 0.97
C PHE A 1521 -4.38 33.66 0.11
N ASN A 1522 -3.22 33.45 -0.51
CA ASN A 1522 -2.54 34.34 -1.44
C ASN A 1522 -1.70 33.44 -2.35
N LEU A 1523 -1.76 33.70 -3.64
CA LEU A 1523 -1.08 32.90 -4.66
C LEU A 1523 0.45 33.04 -4.67
N TYR A 1524 1.00 34.15 -4.12
CA TYR A 1524 2.44 34.39 -4.11
C TYR A 1524 3.11 34.34 -2.74
N MET A 1525 2.35 34.51 -1.64
CA MET A 1525 2.95 34.57 -0.31
C MET A 1525 3.74 33.30 0.07
N PHE A 1526 4.89 33.53 0.73
CA PHE A 1526 5.82 32.51 1.19
C PHE A 1526 5.46 32.06 2.61
N LYS A 1527 5.19 30.74 2.76
CA LYS A 1527 4.88 30.05 4.02
C LYS A 1527 3.89 30.79 4.93
N SER A 1528 2.82 31.37 4.34
CA SER A 1528 1.77 32.14 5.02
C SER A 1528 2.32 33.34 5.81
N ASN A 1529 3.42 33.93 5.30
CA ASN A 1529 4.16 35.08 5.84
C ASN A 1529 4.74 34.79 7.23
N ASN A 1530 5.18 33.53 7.43
CA ASN A 1530 5.86 32.98 8.60
C ASN A 1530 7.01 32.15 8.00
N PRO A 1531 8.10 32.82 7.54
CA PRO A 1531 9.15 32.08 6.82
C PRO A 1531 10.11 31.23 7.66
N LEU A 1532 10.12 31.36 8.98
CA LEU A 1532 11.06 30.59 9.81
C LEU A 1532 10.44 29.36 10.49
N SER A 1533 9.11 29.29 10.56
CA SER A 1533 8.42 28.15 11.18
C SER A 1533 7.94 27.16 10.14
N ASN A 1534 7.87 25.86 10.53
CA ASN A 1534 7.37 24.78 9.65
C ASN A 1534 5.88 24.98 9.47
N GLU A 1535 5.43 25.07 8.19
CA GLU A 1535 4.06 25.34 7.77
C GLU A 1535 3.02 24.55 8.56
N LEU A 1536 2.02 25.28 9.08
CA LEU A 1536 0.94 24.73 9.90
C LEU A 1536 -0.09 23.96 9.07
N ASP A 1537 -0.22 22.68 9.41
CA ASP A 1537 -1.08 21.67 8.77
C ASP A 1537 -1.68 20.76 9.86
N LEU A 1538 -2.73 19.98 9.51
CA LEU A 1538 -3.35 19.02 10.45
C LEU A 1538 -2.46 17.79 10.68
N LYS A 1539 -1.42 17.60 9.80
CA LYS A 1539 -0.42 16.54 9.89
C LYS A 1539 0.49 16.73 11.12
N ASN A 1540 0.45 17.93 11.75
CA ASN A 1540 1.18 18.27 12.97
C ASN A 1540 0.58 17.53 14.17
N TYR A 1541 -0.71 17.12 14.06
CA TYR A 1541 -1.42 16.34 15.08
C TYR A 1541 -1.31 14.87 14.66
N VAL A 1542 -0.34 14.14 15.24
CA VAL A 1542 -0.04 12.75 14.92
C VAL A 1542 -1.14 11.80 15.45
N THR A 1543 -1.98 11.28 14.53
CA THR A 1543 -3.10 10.39 14.86
C THR A 1543 -3.05 9.04 14.12
N ASP A 1544 -1.85 8.63 13.67
CA ASP A 1544 -1.64 7.37 12.97
C ASP A 1544 -0.27 6.76 13.28
N VAL A 1545 -0.24 5.43 13.49
CA VAL A 1545 0.93 4.62 13.88
C VAL A 1545 2.15 4.86 12.95
N LYS A 1546 1.94 4.86 11.61
CA LYS A 1546 3.03 5.08 10.65
C LYS A 1546 3.73 6.43 10.86
N SER A 1547 2.97 7.48 11.23
CA SER A 1547 3.50 8.83 11.47
C SER A 1547 4.27 8.93 12.80
N TRP A 1548 3.85 8.17 13.83
CA TRP A 1548 4.51 8.12 15.13
C TRP A 1548 5.86 7.41 15.01
N LEU A 1549 5.90 6.35 14.17
CA LEU A 1549 7.09 5.54 13.90
C LEU A 1549 8.18 6.36 13.21
N VAL A 1550 7.78 7.18 12.23
CA VAL A 1550 8.66 8.07 11.46
C VAL A 1550 9.44 9.01 12.39
N MET A 1551 8.76 9.56 13.42
CA MET A 1551 9.33 10.44 14.44
C MET A 1551 10.53 9.83 15.17
N PHE A 1552 10.44 8.51 15.46
CA PHE A 1552 11.45 7.74 16.18
C PHE A 1552 12.63 7.27 15.31
N GLY A 1553 12.63 7.69 14.04
CA GLY A 1553 13.68 7.33 13.09
C GLY A 1553 13.39 6.07 12.32
N PHE A 1554 12.30 5.34 12.68
CA PHE A 1554 11.85 4.11 12.04
C PHE A 1554 11.55 4.37 10.58
N GLN A 1555 12.09 3.51 9.72
CA GLN A 1555 11.87 3.60 8.29
C GLN A 1555 11.34 2.25 7.81
N LEU A 1556 10.02 2.05 8.00
CA LEU A 1556 9.29 0.83 7.63
C LEU A 1556 9.39 0.54 6.14
N SER A 1557 9.62 1.59 5.32
CA SER A 1557 9.80 1.52 3.88
C SER A 1557 11.03 0.69 3.50
N ASN A 1558 12.04 0.64 4.39
CA ASN A 1558 13.29 -0.11 4.22
C ASN A 1558 13.18 -1.58 4.69
N ILE A 1559 12.23 -1.89 5.60
CA ILE A 1559 12.07 -3.25 6.15
C ILE A 1559 10.81 -3.98 5.59
N ILE A 1560 9.78 -3.24 5.17
CA ILE A 1560 8.57 -3.80 4.58
C ILE A 1560 8.56 -3.38 3.10
N PRO A 1561 8.90 -4.30 2.16
CA PRO A 1561 8.90 -3.92 0.73
C PRO A 1561 7.54 -3.43 0.24
N GLY A 1562 7.58 -2.27 -0.44
CA GLY A 1562 6.39 -1.64 -0.99
C GLY A 1562 5.72 -0.63 -0.08
N PHE A 1563 6.08 -0.64 1.22
CA PHE A 1563 5.53 0.29 2.21
C PHE A 1563 5.81 1.74 1.82
N PRO A 1564 4.79 2.64 1.87
CA PRO A 1564 5.01 4.03 1.44
C PRO A 1564 6.03 4.83 2.25
N ARG A 1565 6.99 5.45 1.53
CA ARG A 1565 8.05 6.28 2.11
C ARG A 1565 7.51 7.69 2.39
N ALA A 1566 7.84 8.24 3.57
CA ALA A 1566 7.43 9.58 4.00
C ALA A 1566 8.09 10.64 3.11
N LYS A 1567 7.26 11.45 2.42
CA LYS A 1567 7.71 12.49 1.49
C LYS A 1567 8.44 13.64 2.20
N MET A 1568 9.67 13.91 1.73
CA MET A 1568 10.56 14.94 2.26
C MET A 1568 10.71 16.07 1.22
N TYR A 1569 9.62 16.84 1.01
CA TYR A 1569 9.57 17.96 0.06
C TYR A 1569 9.02 19.22 0.70
N PHE A 1570 9.68 20.35 0.44
CA PHE A 1570 9.22 21.66 0.87
C PHE A 1570 8.28 22.15 -0.23
N VAL A 1571 8.77 22.10 -1.49
CA VAL A 1571 8.03 22.42 -2.70
C VAL A 1571 7.68 21.09 -3.36
N SER A 1572 6.38 20.91 -3.69
CA SER A 1572 5.87 19.69 -4.33
C SER A 1572 6.55 19.51 -5.70
N PRO A 1573 7.02 18.29 -6.03
CA PRO A 1573 7.70 18.09 -7.32
C PRO A 1573 6.75 18.17 -8.53
N PRO A 1574 7.27 18.37 -9.77
CA PRO A 1574 6.35 18.41 -10.93
C PRO A 1574 5.74 17.05 -11.23
N TYR A 1575 4.56 17.06 -11.87
CA TYR A 1575 3.76 15.87 -12.22
C TYR A 1575 4.59 14.71 -12.79
N GLU A 1576 5.42 14.98 -13.80
CA GLU A 1576 6.28 13.99 -14.47
C GLU A 1576 7.28 13.30 -13.56
N LEU A 1577 7.79 14.01 -12.54
CA LEU A 1577 8.76 13.50 -11.59
C LEU A 1577 8.13 12.48 -10.64
N THR A 1578 6.97 12.84 -10.03
CA THR A 1578 6.22 11.98 -9.12
C THR A 1578 5.65 10.77 -9.87
N GLU A 1579 5.31 10.97 -11.17
CA GLU A 1579 4.78 9.94 -12.07
C GLU A 1579 5.84 8.91 -12.45
N SER A 1580 7.11 9.35 -12.62
CA SER A 1580 8.23 8.49 -12.98
C SER A 1580 8.60 7.49 -11.88
N GLN A 1581 8.24 7.80 -10.62
CA GLN A 1581 8.49 6.96 -9.46
C GLN A 1581 7.34 5.95 -9.24
N ALA A 1582 6.09 6.42 -9.41
CA ALA A 1582 4.87 5.64 -9.21
C ALA A 1582 4.44 4.78 -10.42
N CYS A 1583 5.13 4.90 -11.58
CA CYS A 1583 4.78 4.11 -12.78
C CYS A 1583 5.19 2.63 -12.66
N GLU A 1584 6.18 2.31 -11.80
CA GLU A 1584 6.66 0.94 -11.57
C GLU A 1584 5.64 0.11 -10.76
N ASN A 1585 4.70 0.79 -10.07
CA ASN A 1585 3.63 0.18 -9.28
C ASN A 1585 2.60 -0.47 -10.23
N GLY A 1586 1.98 -1.56 -9.78
CA GLY A 1586 0.96 -2.31 -10.54
C GLY A 1586 -0.24 -1.48 -10.95
N GLN A 1587 -0.67 -1.63 -12.22
CA GLN A 1587 -1.82 -0.94 -12.83
C GLN A 1587 -3.14 -1.41 -12.18
N LEU A 1588 -4.23 -0.61 -12.30
CA LEU A 1588 -5.53 -0.96 -11.69
C LEU A 1588 -6.72 -0.90 -12.69
N ILE A 1589 -6.46 -1.24 -13.96
CA ILE A 1589 -7.47 -1.23 -15.02
C ILE A 1589 -8.49 -2.38 -14.85
N THR A 1590 -7.98 -3.62 -14.65
CA THR A 1590 -8.81 -4.83 -14.54
C THR A 1590 -9.17 -5.15 -13.08
N GLY A 1591 -10.17 -6.02 -12.91
CA GLY A 1591 -10.67 -6.48 -11.62
C GLY A 1591 -9.68 -7.31 -10.80
N VAL A 1592 -8.86 -8.13 -11.49
CA VAL A 1592 -7.84 -8.97 -10.84
C VAL A 1592 -6.69 -8.10 -10.30
N GLN A 1593 -6.43 -6.97 -10.96
CA GLN A 1593 -5.41 -5.99 -10.57
C GLN A 1593 -5.85 -5.26 -9.31
N GLN A 1594 -7.18 -5.00 -9.18
CA GLN A 1594 -7.79 -4.35 -8.02
C GLN A 1594 -7.88 -5.30 -6.82
N THR A 1595 -8.04 -6.62 -7.09
CA THR A 1595 -8.08 -7.67 -6.07
C THR A 1595 -6.68 -7.79 -5.43
N THR A 1596 -5.63 -7.78 -6.27
CA THR A 1596 -4.22 -7.83 -5.87
C THR A 1596 -3.87 -6.64 -4.97
N GLU A 1597 -4.34 -5.42 -5.34
CA GLU A 1597 -4.11 -4.19 -4.58
C GLU A 1597 -4.74 -4.26 -3.20
N ARG A 1598 -5.96 -4.83 -3.10
CA ARG A 1598 -6.68 -5.01 -1.83
C ARG A 1598 -5.85 -5.89 -0.90
N HIS A 1599 -5.19 -6.92 -1.46
CA HIS A 1599 -4.30 -7.85 -0.76
C HIS A 1599 -3.05 -7.13 -0.24
N ASN A 1600 -2.46 -6.24 -1.07
CA ASN A 1600 -1.28 -5.43 -0.74
C ASN A 1600 -1.56 -4.43 0.36
N GLN A 1601 -2.68 -3.68 0.23
CA GLN A 1601 -3.09 -2.65 1.19
C GLN A 1601 -3.50 -3.23 2.54
N ALA A 1602 -4.26 -4.35 2.55
CA ALA A 1602 -4.70 -5.01 3.78
C ALA A 1602 -3.51 -5.59 4.56
N PHE A 1603 -2.44 -5.98 3.84
CA PHE A 1603 -1.21 -6.51 4.43
C PHE A 1603 -0.37 -5.39 5.08
N MET A 1604 -0.40 -4.18 4.51
CA MET A 1604 0.36 -3.02 5.02
C MET A 1604 -0.39 -2.21 6.10
N ALA A 1605 -1.64 -2.61 6.43
CA ALA A 1605 -2.48 -1.96 7.46
C ALA A 1605 -1.92 -2.22 8.88
N LEU A 1606 -1.80 -1.16 9.69
CA LEU A 1606 -1.25 -1.25 11.04
C LEU A 1606 -2.33 -1.17 12.13
N GLU A 1607 -3.03 -0.03 12.26
CA GLU A 1607 -4.10 0.18 13.25
C GLU A 1607 -5.34 -0.60 12.85
N GLY A 1608 -6.10 -1.04 13.85
CA GLY A 1608 -7.37 -1.73 13.65
C GLY A 1608 -8.45 -0.79 13.16
N GLN A 1609 -8.33 0.51 13.52
CA GLN A 1609 -9.25 1.59 13.17
C GLN A 1609 -8.46 2.89 12.95
N VAL A 1610 -8.69 3.56 11.80
CA VAL A 1610 -8.04 4.82 11.40
C VAL A 1610 -9.06 5.96 11.39
N ILE A 1611 -8.73 7.10 12.02
CA ILE A 1611 -9.60 8.28 12.07
C ILE A 1611 -9.49 9.10 10.78
N SER A 1612 -10.59 9.78 10.41
CA SER A 1612 -10.63 10.66 9.25
C SER A 1612 -10.30 12.07 9.74
N LYS A 1613 -9.00 12.40 9.69
CA LYS A 1613 -8.44 13.67 10.16
C LYS A 1613 -8.81 14.81 9.19
N ARG A 1614 -10.05 15.28 9.27
CA ARG A 1614 -10.58 16.35 8.43
C ARG A 1614 -11.48 17.27 9.25
N LEU A 1615 -11.10 18.55 9.33
CA LEU A 1615 -11.88 19.57 10.02
C LEU A 1615 -12.60 20.44 8.97
N HIS A 1616 -13.18 19.78 7.96
CA HIS A 1616 -13.96 20.38 6.87
C HIS A 1616 -15.03 19.39 6.41
N ALA A 1617 -16.13 19.91 5.86
CA ALA A 1617 -17.25 19.10 5.36
C ALA A 1617 -16.84 18.36 4.08
N SER A 1618 -17.22 17.08 3.97
CA SER A 1618 -16.89 16.26 2.80
C SER A 1618 -17.73 16.67 1.59
N ILE A 1619 -17.06 16.86 0.45
CA ILE A 1619 -17.67 17.28 -0.82
C ILE A 1619 -17.62 16.15 -1.84
N ARG A 1620 -18.71 15.98 -2.64
CA ARG A 1620 -18.81 14.99 -3.69
C ARG A 1620 -17.88 15.46 -4.82
N GLU A 1621 -16.74 14.77 -4.97
CA GLU A 1621 -15.72 15.11 -5.95
C GLU A 1621 -15.83 14.29 -7.22
N LYS A 1622 -15.75 14.98 -8.37
CA LYS A 1622 -15.79 14.37 -9.69
C LYS A 1622 -14.41 14.41 -10.31
N ALA A 1623 -14.10 13.43 -11.18
CA ALA A 1623 -12.81 13.31 -11.86
C ALA A 1623 -12.59 14.44 -12.86
N GLY A 1624 -11.63 15.30 -12.56
CA GLY A 1624 -11.26 16.44 -13.40
C GLY A 1624 -12.15 17.66 -13.29
N HIS A 1625 -13.18 17.64 -12.41
CA HIS A 1625 -14.11 18.76 -12.19
C HIS A 1625 -13.66 19.53 -10.94
N TRP A 1626 -13.13 20.74 -11.14
CA TRP A 1626 -12.63 21.58 -10.04
C TRP A 1626 -13.65 22.61 -9.57
N PHE A 1627 -14.34 23.26 -10.53
CA PHE A 1627 -15.23 24.38 -10.26
C PHE A 1627 -16.67 24.16 -10.71
N ALA A 1628 -17.54 25.18 -10.43
CA ALA A 1628 -18.96 25.23 -10.78
C ALA A 1628 -19.15 24.96 -12.27
N THR A 1629 -20.01 23.98 -12.59
CA THR A 1629 -20.26 23.53 -13.95
C THR A 1629 -21.14 24.45 -14.77
N SER A 1630 -20.68 24.74 -15.99
CA SER A 1630 -21.38 25.54 -16.99
C SER A 1630 -22.33 24.61 -17.75
N THR A 1631 -23.44 25.16 -18.27
CA THR A 1631 -24.46 24.43 -19.04
C THR A 1631 -23.80 23.78 -20.27
N PRO A 1632 -23.94 22.45 -20.43
CA PRO A 1632 -23.31 21.79 -21.58
C PRO A 1632 -24.10 21.98 -22.87
N ILE A 1633 -23.38 22.01 -24.02
CA ILE A 1633 -23.99 22.08 -25.34
C ILE A 1633 -24.63 20.70 -25.58
N ILE A 1634 -23.88 19.61 -25.27
CA ILE A 1634 -24.36 18.23 -25.32
C ILE A 1634 -25.19 18.08 -24.03
N GLY A 1635 -26.49 18.32 -24.15
CA GLY A 1635 -27.43 18.31 -23.04
C GLY A 1635 -27.59 17.00 -22.28
N LYS A 1636 -28.35 17.07 -21.17
CA LYS A 1636 -28.67 15.92 -20.34
C LYS A 1636 -29.58 15.00 -21.15
N GLY A 1637 -29.25 13.72 -21.18
CA GLY A 1637 -30.00 12.72 -21.93
C GLY A 1637 -29.59 12.57 -23.38
N ILE A 1638 -28.50 13.26 -23.77
CA ILE A 1638 -27.94 13.21 -25.12
C ILE A 1638 -26.65 12.38 -25.11
N MET A 1639 -26.57 11.40 -26.03
CA MET A 1639 -25.38 10.57 -26.20
C MET A 1639 -24.53 11.21 -27.30
N PHE A 1640 -23.23 11.30 -27.05
CA PHE A 1640 -22.27 11.88 -28.00
C PHE A 1640 -21.04 11.00 -28.03
N ALA A 1641 -20.66 10.53 -29.24
CA ALA A 1641 -19.52 9.65 -29.43
C ALA A 1641 -18.67 10.06 -30.61
N VAL A 1642 -17.34 10.08 -30.42
CA VAL A 1642 -16.36 10.41 -31.46
C VAL A 1642 -15.44 9.18 -31.61
N LYS A 1643 -15.74 8.34 -32.62
CA LYS A 1643 -14.98 7.13 -32.93
C LYS A 1643 -14.28 7.30 -34.26
N LYS A 1644 -12.93 7.27 -34.27
CA LYS A 1644 -12.07 7.43 -35.44
C LYS A 1644 -12.36 8.73 -36.22
N GLY A 1645 -12.70 9.79 -35.48
CA GLY A 1645 -13.03 11.11 -36.03
C GLY A 1645 -14.45 11.25 -36.54
N ARG A 1646 -15.30 10.21 -36.37
CA ARG A 1646 -16.70 10.21 -36.82
C ARG A 1646 -17.66 10.41 -35.65
N VAL A 1647 -18.61 11.32 -35.80
CA VAL A 1647 -19.59 11.66 -34.76
C VAL A 1647 -20.90 10.88 -34.91
N THR A 1648 -21.34 10.27 -33.80
CA THR A 1648 -22.60 9.54 -33.67
C THR A 1648 -23.29 10.05 -32.41
N THR A 1649 -24.61 10.32 -32.51
CA THR A 1649 -25.40 10.83 -31.38
C THR A 1649 -26.61 9.94 -31.09
N GLY A 1650 -27.04 9.98 -29.83
CA GLY A 1650 -28.19 9.24 -29.33
C GLY A 1650 -29.09 10.11 -28.49
N ILE A 1651 -30.34 9.68 -28.30
CA ILE A 1651 -31.35 10.42 -27.54
C ILE A 1651 -32.03 9.52 -26.51
N SER A 1652 -32.15 10.01 -25.27
CA SER A 1652 -32.85 9.33 -24.18
C SER A 1652 -34.14 10.11 -23.85
N SER A 1653 -35.02 9.53 -23.02
CA SER A 1653 -36.31 10.10 -22.62
C SER A 1653 -36.25 11.47 -21.95
N ILE A 1654 -35.25 11.71 -21.07
CA ILE A 1654 -35.11 12.96 -20.31
C ILE A 1654 -34.68 14.16 -21.18
N ALA A 1655 -33.99 13.92 -22.32
CA ALA A 1655 -33.49 14.97 -23.22
C ALA A 1655 -34.57 15.95 -23.65
N THR A 1656 -34.25 17.26 -23.58
CA THR A 1656 -35.16 18.34 -23.99
C THR A 1656 -35.20 18.40 -25.51
N ASP A 1657 -36.23 19.04 -26.09
CA ASP A 1657 -36.38 19.17 -27.54
C ASP A 1657 -35.21 19.93 -28.18
N ASP A 1658 -34.73 20.99 -27.53
CA ASP A 1658 -33.61 21.81 -28.01
C ASP A 1658 -32.26 21.07 -27.96
N SER A 1659 -32.11 20.12 -27.01
CA SER A 1659 -30.91 19.28 -26.87
C SER A 1659 -30.88 18.23 -27.99
N ARG A 1660 -32.08 17.75 -28.40
CA ARG A 1660 -32.28 16.78 -29.48
C ARG A 1660 -31.96 17.41 -30.83
N LYS A 1661 -32.20 18.75 -30.95
CA LYS A 1661 -31.92 19.54 -32.15
C LYS A 1661 -30.42 19.60 -32.42
N ILE A 1662 -29.60 19.85 -31.37
CA ILE A 1662 -28.15 19.90 -31.42
C ILE A 1662 -27.59 18.51 -31.79
N ALA A 1663 -28.15 17.46 -31.18
CA ALA A 1663 -27.79 16.05 -31.40
C ALA A 1663 -28.01 15.64 -32.85
N SER A 1664 -29.17 16.03 -33.42
CA SER A 1664 -29.56 15.75 -34.81
C SER A 1664 -28.59 16.40 -35.81
N VAL A 1665 -28.16 17.64 -35.52
CA VAL A 1665 -27.23 18.42 -36.36
C VAL A 1665 -25.81 17.83 -36.27
N LEU A 1666 -25.37 17.46 -35.05
CA LEU A 1666 -24.03 16.89 -34.85
C LEU A 1666 -23.85 15.46 -35.36
N ASN A 1667 -24.94 14.69 -35.53
CA ASN A 1667 -24.87 13.30 -36.02
C ASN A 1667 -24.29 13.22 -37.42
N SER A 1668 -23.42 12.21 -37.66
CA SER A 1668 -22.71 11.91 -38.92
C SER A 1668 -21.61 12.93 -39.31
N ALA A 1669 -21.30 13.91 -38.43
CA ALA A 1669 -20.26 14.91 -38.67
C ALA A 1669 -18.86 14.30 -38.47
N HIS A 1670 -17.84 14.92 -39.07
CA HIS A 1670 -16.45 14.47 -38.94
C HIS A 1670 -15.64 15.48 -38.14
N TYR A 1671 -15.13 15.06 -36.97
CA TYR A 1671 -14.34 15.90 -36.09
C TYR A 1671 -12.91 16.05 -36.56
N LEU A 1672 -12.40 17.29 -36.52
CA LEU A 1672 -11.02 17.62 -36.88
C LEU A 1672 -10.13 17.32 -35.69
N GLU A 1673 -9.65 16.06 -35.62
CA GLU A 1673 -8.80 15.53 -34.55
C GLU A 1673 -7.50 16.31 -34.44
N LYS A 1674 -7.07 16.59 -33.18
CA LYS A 1674 -5.85 17.33 -32.81
C LYS A 1674 -5.84 18.79 -33.29
N MET A 1675 -6.90 19.25 -33.98
CA MET A 1675 -7.00 20.60 -34.51
C MET A 1675 -8.12 21.43 -33.86
N HIS A 1676 -8.06 21.50 -32.52
CA HIS A 1676 -8.94 22.29 -31.66
C HIS A 1676 -8.05 23.29 -30.93
N TYR A 1677 -8.44 24.56 -30.90
CA TYR A 1677 -7.60 25.61 -30.30
C TYR A 1677 -8.37 26.56 -29.41
N SER A 1678 -7.63 27.35 -28.62
CA SER A 1678 -8.18 28.39 -27.76
C SER A 1678 -8.04 29.68 -28.55
N ILE A 1679 -9.13 30.08 -29.23
CA ILE A 1679 -9.16 31.28 -30.07
C ILE A 1679 -9.99 32.35 -29.38
N GLU A 1680 -9.31 33.45 -28.98
CA GLU A 1680 -9.87 34.60 -28.28
C GLU A 1680 -10.65 34.19 -27.02
N GLY A 1681 -10.07 33.25 -26.28
CA GLY A 1681 -10.63 32.70 -25.05
C GLY A 1681 -11.56 31.53 -25.26
N LYS A 1682 -12.08 31.37 -26.49
CA LYS A 1682 -13.03 30.32 -26.83
C LYS A 1682 -12.40 28.96 -27.12
N ASP A 1683 -12.96 27.92 -26.50
CA ASP A 1683 -12.59 26.51 -26.66
C ASP A 1683 -13.28 26.02 -27.95
N THR A 1684 -12.70 26.41 -29.11
CA THR A 1684 -13.23 26.12 -30.44
C THR A 1684 -12.86 24.73 -30.95
N HIS A 1685 -13.90 23.95 -31.33
CA HIS A 1685 -13.78 22.61 -31.89
C HIS A 1685 -14.40 22.59 -33.28
N TYR A 1686 -13.64 22.07 -34.28
CA TYR A 1686 -14.05 22.04 -35.68
C TYR A 1686 -14.59 20.70 -36.16
N PHE A 1687 -15.71 20.77 -36.87
CA PHE A 1687 -16.44 19.63 -37.44
C PHE A 1687 -16.85 19.92 -38.89
N VAL A 1688 -17.04 18.87 -39.69
CA VAL A 1688 -17.48 18.96 -41.09
C VAL A 1688 -18.64 18.03 -41.38
N LYS A 1689 -19.52 18.43 -42.30
CA LYS A 1689 -20.66 17.61 -42.71
C LYS A 1689 -20.74 17.54 -44.23
N ILE A 1690 -20.72 16.32 -44.77
CA ILE A 1690 -20.81 16.09 -46.22
C ILE A 1690 -22.28 15.95 -46.60
N GLY A 1691 -22.80 17.00 -47.24
CA GLY A 1691 -24.18 17.10 -47.69
C GLY A 1691 -24.68 18.52 -47.64
N SER A 1692 -26.01 18.68 -47.52
CA SER A 1692 -26.65 19.99 -47.46
C SER A 1692 -27.11 20.32 -46.05
N ALA A 1693 -27.04 21.61 -45.70
CA ALA A 1693 -27.44 22.14 -44.39
C ALA A 1693 -28.97 22.28 -44.28
N ASP A 1694 -29.70 22.17 -45.41
CA ASP A 1694 -31.16 22.28 -45.53
C ASP A 1694 -31.93 21.43 -44.52
N SER A 1695 -31.58 20.12 -44.40
CA SER A 1695 -32.21 19.18 -43.48
C SER A 1695 -32.03 19.61 -42.02
N ASP A 1696 -30.80 20.04 -41.68
CA ASP A 1696 -30.44 20.50 -40.34
C ASP A 1696 -31.00 21.89 -40.00
N LEU A 1697 -31.25 22.74 -41.02
CA LEU A 1697 -31.83 24.08 -40.83
C LEU A 1697 -33.30 24.01 -40.47
N VAL A 1698 -33.99 22.95 -40.98
CA VAL A 1698 -35.40 22.66 -40.71
C VAL A 1698 -35.51 22.25 -39.23
N THR A 1699 -34.56 21.43 -38.75
CA THR A 1699 -34.45 20.93 -37.37
C THR A 1699 -34.25 22.11 -36.41
N LEU A 1700 -33.35 23.05 -36.74
CA LEU A 1700 -33.04 24.23 -35.91
C LEU A 1700 -34.15 25.29 -35.98
N ALA A 1701 -35.05 25.20 -37.00
CA ALA A 1701 -36.16 26.11 -37.27
C ALA A 1701 -35.68 27.56 -37.49
N MET A 1702 -34.63 27.71 -38.32
CA MET A 1702 -34.02 28.99 -38.66
C MET A 1702 -33.38 28.97 -40.06
N THR A 1703 -33.09 30.16 -40.62
CA THR A 1703 -32.49 30.33 -41.95
C THR A 1703 -31.09 30.95 -41.86
N SER A 1704 -30.96 32.03 -41.07
CA SER A 1704 -29.72 32.77 -40.85
C SER A 1704 -29.78 33.53 -39.52
N GLY A 1705 -28.63 34.06 -39.09
CA GLY A 1705 -28.51 34.82 -37.85
C GLY A 1705 -28.24 33.97 -36.62
N ARG A 1706 -28.58 34.52 -35.44
CA ARG A 1706 -28.38 33.86 -34.15
C ARG A 1706 -29.70 33.55 -33.44
N LYS A 1707 -29.81 32.33 -32.88
CA LYS A 1707 -30.97 31.86 -32.13
C LYS A 1707 -30.51 31.35 -30.75
N VAL A 1708 -31.26 31.73 -29.70
CA VAL A 1708 -30.97 31.34 -28.31
C VAL A 1708 -31.96 30.26 -27.90
N LEU A 1709 -31.45 29.09 -27.49
CA LEU A 1709 -32.26 27.96 -27.06
C LEU A 1709 -32.68 28.10 -25.58
N ASP A 1710 -33.58 27.20 -25.10
CA ASP A 1710 -34.09 27.19 -23.72
C ASP A 1710 -32.96 27.10 -22.67
N SER A 1711 -31.88 26.36 -23.02
CA SER A 1711 -30.68 26.14 -22.21
C SER A 1711 -29.80 27.39 -22.15
N GLY A 1712 -29.89 28.23 -23.18
CA GLY A 1712 -29.12 29.46 -23.32
C GLY A 1712 -28.05 29.36 -24.39
N VAL A 1713 -27.92 28.17 -25.01
CA VAL A 1713 -26.96 27.86 -26.07
C VAL A 1713 -27.26 28.70 -27.32
N ASN A 1714 -26.23 29.39 -27.84
CA ASN A 1714 -26.30 30.23 -29.04
C ASN A 1714 -26.07 29.40 -30.31
N VAL A 1715 -27.00 29.53 -31.28
CA VAL A 1715 -26.92 28.84 -32.57
C VAL A 1715 -26.78 29.93 -33.63
N THR A 1716 -25.61 29.99 -34.29
CA THR A 1716 -25.35 31.01 -35.31
C THR A 1716 -25.16 30.36 -36.69
N VAL A 1717 -26.04 30.72 -37.64
CA VAL A 1717 -26.01 30.23 -39.02
C VAL A 1717 -25.52 31.39 -39.92
N SER A 1718 -24.44 31.15 -40.68
CA SER A 1718 -23.84 32.14 -41.58
C SER A 1718 -23.26 31.47 -42.83
N GLN A 1719 -23.08 32.25 -43.91
CA GLN A 1719 -22.48 31.77 -45.16
C GLN A 1719 -21.20 32.56 -45.48
N PRO A 1720 -20.05 32.22 -44.84
CA PRO A 1720 -18.82 33.00 -45.10
C PRO A 1720 -18.11 32.67 -46.41
N THR A 1721 -17.27 33.61 -46.88
CA THR A 1721 -16.46 33.49 -48.08
C THR A 1721 -14.99 33.67 -47.67
N LEU A 1722 -14.23 32.55 -47.60
CA LEU A 1722 -12.83 32.55 -47.17
C LEU A 1722 -11.81 32.48 -48.32
N LEU A 1723 -10.64 33.13 -48.12
CA LEU A 1723 -9.50 33.14 -49.05
C LEU A 1723 -8.31 32.47 -48.34
N ILE A 1724 -8.13 31.17 -48.60
CA ILE A 1724 -7.05 30.37 -47.99
C ILE A 1724 -6.05 29.93 -49.08
N ASN A 1725 -4.82 30.51 -49.01
CA ASN A 1725 -3.68 30.28 -49.91
C ASN A 1725 -4.03 30.56 -51.40
N GLY A 1726 -4.78 31.64 -51.63
CA GLY A 1726 -5.20 32.09 -52.95
C GLY A 1726 -6.42 31.40 -53.54
N ARG A 1727 -7.14 30.61 -52.70
CA ARG A 1727 -8.34 29.86 -53.10
C ARG A 1727 -9.59 30.47 -52.45
N THR A 1728 -10.60 30.83 -53.27
CA THR A 1728 -11.87 31.40 -52.79
C THR A 1728 -12.93 30.29 -52.66
N ARG A 1729 -13.61 30.25 -51.49
CA ARG A 1729 -14.65 29.25 -51.20
C ARG A 1729 -15.79 29.82 -50.35
N ARG A 1730 -17.05 29.47 -50.70
CA ARG A 1730 -18.27 29.87 -49.99
C ARG A 1730 -19.03 28.61 -49.53
N PHE A 1731 -19.35 28.55 -48.22
CA PHE A 1731 -20.02 27.40 -47.58
C PHE A 1731 -20.98 27.84 -46.47
N THR A 1732 -21.87 26.92 -46.03
CA THR A 1732 -22.80 27.15 -44.91
C THR A 1732 -22.06 26.82 -43.61
N ASN A 1733 -22.25 27.63 -42.55
CA ASN A 1733 -21.58 27.45 -41.27
C ASN A 1733 -22.53 27.54 -40.06
N ILE A 1734 -22.72 26.41 -39.35
CA ILE A 1734 -23.55 26.36 -38.13
C ILE A 1734 -22.61 26.32 -36.92
N GLU A 1735 -22.79 27.27 -35.99
CA GLU A 1735 -21.96 27.41 -34.79
C GLU A 1735 -22.82 27.29 -33.52
N PHE A 1736 -22.44 26.36 -32.62
CA PHE A 1736 -23.10 26.16 -31.33
C PHE A 1736 -22.16 26.71 -30.27
N GLN A 1737 -22.66 27.59 -29.38
CA GLN A 1737 -21.79 28.21 -28.37
C GLN A 1737 -22.48 28.48 -27.02
N TYR A 1738 -21.80 28.12 -25.93
CA TYR A 1738 -22.20 28.42 -24.55
C TYR A 1738 -20.93 28.78 -23.80
N SER A 1739 -20.90 30.01 -23.25
CA SER A 1739 -19.76 30.57 -22.50
C SER A 1739 -18.47 30.48 -23.35
N THR A 1740 -17.41 29.80 -22.88
CA THR A 1740 -16.17 29.68 -23.67
C THR A 1740 -16.24 28.55 -24.69
N LEU A 1741 -17.08 27.52 -24.47
CA LEU A 1741 -17.19 26.41 -25.42
C LEU A 1741 -17.86 26.83 -26.72
N LEU A 1742 -17.21 26.49 -27.85
CA LEU A 1742 -17.66 26.79 -29.21
C LEU A 1742 -17.45 25.56 -30.10
N ILE A 1743 -18.53 25.11 -30.75
CA ILE A 1743 -18.55 23.97 -31.67
C ILE A 1743 -18.93 24.51 -33.06
N ASN A 1744 -18.03 24.36 -34.04
CA ASN A 1744 -18.22 24.86 -35.40
C ASN A 1744 -18.38 23.74 -36.42
N ILE A 1745 -19.42 23.83 -37.29
CA ILE A 1745 -19.72 22.86 -38.34
C ILE A 1745 -19.69 23.53 -39.73
N ARG A 1746 -18.86 23.01 -40.65
CA ARG A 1746 -18.74 23.48 -42.03
C ARG A 1746 -19.41 22.47 -42.96
N TYR A 1747 -20.28 22.95 -43.87
CA TYR A 1747 -21.00 22.11 -44.83
C TYR A 1747 -20.36 22.16 -46.20
N GLY A 1748 -20.12 20.98 -46.77
CA GLY A 1748 -19.55 20.78 -48.09
C GLY A 1748 -20.19 19.60 -48.80
N LEU A 1749 -19.88 19.44 -50.09
CA LEU A 1749 -20.45 18.35 -50.89
C LEU A 1749 -19.38 17.39 -51.39
N THR A 1750 -18.17 17.91 -51.66
CA THR A 1750 -17.02 17.14 -52.14
C THR A 1750 -16.40 16.27 -51.05
N ALA A 1751 -15.56 15.28 -51.44
CA ALA A 1751 -14.88 14.38 -50.51
C ALA A 1751 -13.74 15.10 -49.80
N ASP A 1752 -13.17 16.14 -50.45
CA ASP A 1752 -12.06 16.97 -49.94
C ASP A 1752 -12.49 18.03 -48.91
N THR A 1753 -13.77 18.04 -48.47
CA THR A 1753 -14.33 18.97 -47.49
C THR A 1753 -13.53 18.98 -46.17
N LEU A 1754 -13.24 17.77 -45.63
CA LEU A 1754 -12.46 17.58 -44.40
C LEU A 1754 -11.03 18.10 -44.59
N ASP A 1755 -10.40 17.80 -45.75
CA ASP A 1755 -9.05 18.23 -46.10
C ASP A 1755 -8.95 19.74 -46.31
N GLU A 1756 -10.02 20.38 -46.81
CA GLU A 1756 -10.09 21.81 -47.04
C GLU A 1756 -10.23 22.59 -45.73
N GLU A 1757 -11.07 22.09 -44.80
CA GLU A 1757 -11.28 22.69 -43.48
C GLU A 1757 -10.01 22.56 -42.64
N LYS A 1758 -9.30 21.41 -42.77
CA LYS A 1758 -8.02 21.15 -42.10
C LYS A 1758 -6.98 22.18 -42.56
N ALA A 1759 -6.93 22.45 -43.89
CA ALA A 1759 -6.04 23.43 -44.51
C ALA A 1759 -6.43 24.86 -44.10
N ARG A 1760 -7.73 25.11 -43.89
CA ARG A 1760 -8.27 26.41 -43.48
C ARG A 1760 -7.90 26.73 -42.03
N VAL A 1761 -8.20 25.80 -41.10
CA VAL A 1761 -7.93 25.97 -39.66
C VAL A 1761 -6.42 26.08 -39.36
N LEU A 1762 -5.57 25.35 -40.11
CA LEU A 1762 -4.12 25.40 -39.93
C LEU A 1762 -3.53 26.71 -40.42
N ASP A 1763 -4.07 27.27 -41.53
CA ASP A 1763 -3.65 28.55 -42.10
C ASP A 1763 -4.06 29.69 -41.17
N GLN A 1764 -5.26 29.60 -40.58
CA GLN A 1764 -5.79 30.59 -39.63
C GLN A 1764 -5.00 30.56 -38.32
N ALA A 1765 -4.58 29.35 -37.89
CA ALA A 1765 -3.75 29.17 -36.68
C ALA A 1765 -2.33 29.68 -36.95
N ARG A 1766 -1.81 29.46 -38.19
CA ARG A 1766 -0.50 29.93 -38.62
C ARG A 1766 -0.46 31.47 -38.56
N GLN A 1767 -1.57 32.12 -38.97
CA GLN A 1767 -1.74 33.58 -38.94
C GLN A 1767 -1.74 34.11 -37.50
N ARG A 1768 -2.34 33.34 -36.56
CA ARG A 1768 -2.40 33.68 -35.14
C ARG A 1768 -1.03 33.55 -34.49
N ALA A 1769 -0.30 32.46 -34.81
CA ALA A 1769 1.04 32.18 -34.30
C ALA A 1769 2.03 33.24 -34.77
N LEU A 1770 1.95 33.61 -36.08
CA LEU A 1770 2.83 34.63 -36.67
C LEU A 1770 2.50 36.03 -36.19
N GLY A 1771 1.20 36.33 -36.07
CA GLY A 1771 0.70 37.62 -35.58
C GLY A 1771 1.17 37.89 -34.17
N SER A 1772 1.08 36.87 -33.30
CA SER A 1772 1.50 36.93 -31.90
C SER A 1772 3.03 37.00 -31.77
N ALA A 1773 3.78 36.15 -32.51
CA ALA A 1773 5.24 36.10 -32.47
C ALA A 1773 5.91 37.41 -32.89
N TRP A 1774 5.40 38.06 -33.97
CA TRP A 1774 5.92 39.34 -34.47
C TRP A 1774 5.62 40.48 -33.49
N ALA A 1775 4.43 40.45 -32.86
CA ALA A 1775 3.99 41.44 -31.88
C ALA A 1775 4.88 41.38 -30.63
N LYS A 1776 5.20 40.16 -30.16
CA LYS A 1776 6.07 39.90 -29.00
C LYS A 1776 7.50 40.33 -29.31
N GLU A 1777 7.96 40.11 -30.56
CA GLU A 1777 9.28 40.49 -31.04
C GLU A 1777 9.42 42.02 -31.11
N GLN A 1778 8.35 42.72 -31.56
CA GLN A 1778 8.28 44.18 -31.64
C GLN A 1778 8.30 44.78 -30.23
N GLN A 1779 7.58 44.15 -29.30
CA GLN A 1779 7.51 44.57 -27.89
C GLN A 1779 8.87 44.44 -27.20
N LYS A 1780 9.66 43.40 -27.55
CA LYS A 1780 11.02 43.17 -27.01
C LYS A 1780 11.95 44.30 -27.42
N ALA A 1781 11.83 44.75 -28.69
CA ALA A 1781 12.61 45.85 -29.25
C ALA A 1781 12.23 47.20 -28.61
N ARG A 1782 10.92 47.39 -28.33
CA ARG A 1782 10.38 48.60 -27.69
C ARG A 1782 10.85 48.72 -26.23
N ASP A 1783 10.84 47.59 -25.49
CA ASP A 1783 11.25 47.49 -24.09
C ASP A 1783 12.76 47.53 -23.87
N GLY A 1784 13.53 47.28 -24.92
CA GLY A 1784 14.98 47.25 -24.87
C GLY A 1784 15.52 45.89 -24.46
N ARG A 1785 14.65 44.86 -24.53
CA ARG A 1785 14.97 43.47 -24.19
C ARG A 1785 15.58 42.77 -25.41
N GLU A 1786 16.35 41.70 -25.16
CA GLU A 1786 16.97 40.88 -26.20
C GLU A 1786 15.92 40.01 -26.88
N GLY A 1787 15.93 40.02 -28.20
CA GLY A 1787 14.98 39.25 -28.99
C GLY A 1787 15.32 37.79 -29.16
N SER A 1788 14.46 37.05 -29.88
CA SER A 1788 14.63 35.62 -30.18
C SER A 1788 15.79 35.41 -31.14
N ARG A 1789 16.01 36.39 -32.04
CA ARG A 1789 17.07 36.42 -33.05
C ARG A 1789 17.88 37.71 -32.90
N VAL A 1790 19.15 37.69 -33.34
CA VAL A 1790 20.02 38.87 -33.30
C VAL A 1790 19.73 39.76 -34.53
N TRP A 1791 19.11 40.93 -34.29
CA TRP A 1791 18.75 41.89 -35.34
C TRP A 1791 19.75 43.02 -35.37
N THR A 1792 20.03 43.55 -36.57
CA THR A 1792 20.94 44.69 -36.75
C THR A 1792 20.16 45.98 -36.44
N ASP A 1793 20.86 47.12 -36.35
CA ASP A 1793 20.26 48.44 -36.08
C ASP A 1793 19.15 48.81 -37.07
N GLY A 1794 19.35 48.46 -38.34
CA GLY A 1794 18.38 48.69 -39.41
C GLY A 1794 17.18 47.76 -39.31
N GLU A 1795 17.44 46.47 -38.99
CA GLU A 1795 16.42 45.43 -38.83
C GLU A 1795 15.54 45.74 -37.62
N LYS A 1796 16.16 46.19 -36.51
CA LYS A 1796 15.49 46.57 -35.25
C LYS A 1796 14.58 47.77 -35.49
N GLN A 1797 15.05 48.79 -36.23
CA GLN A 1797 14.28 49.99 -36.56
C GLN A 1797 13.09 49.69 -37.47
N GLN A 1798 13.27 48.74 -38.41
CA GLN A 1798 12.24 48.29 -39.34
C GLN A 1798 11.10 47.60 -38.57
N LEU A 1799 11.46 46.79 -37.56
CA LEU A 1799 10.55 46.05 -36.68
C LEU A 1799 9.75 47.03 -35.80
N LEU A 1800 10.39 48.12 -35.35
CA LEU A 1800 9.76 49.15 -34.51
C LEU A 1800 8.72 49.97 -35.26
N ASN A 1801 9.01 50.32 -36.52
CA ASN A 1801 8.14 51.15 -37.36
C ASN A 1801 7.04 50.39 -38.09
N THR A 1802 7.37 49.27 -38.77
CA THR A 1802 6.38 48.50 -39.54
C THR A 1802 5.74 47.35 -38.75
N GLY A 1803 6.55 46.62 -37.99
CA GLY A 1803 6.10 45.46 -37.22
C GLY A 1803 6.67 44.16 -37.74
N ARG A 1804 7.16 44.19 -38.99
CA ARG A 1804 7.77 43.05 -39.69
C ARG A 1804 9.16 43.46 -40.19
N VAL A 1805 10.02 42.47 -40.48
CA VAL A 1805 11.38 42.70 -41.00
C VAL A 1805 11.47 42.06 -42.40
N GLN A 1806 11.90 42.86 -43.40
CA GLN A 1806 12.05 42.45 -44.81
C GLN A 1806 13.05 41.30 -44.97
N GLY A 1807 12.60 40.24 -45.64
CA GLY A 1807 13.40 39.04 -45.89
C GLY A 1807 13.23 37.98 -44.82
N TYR A 1808 12.67 38.36 -43.65
CA TYR A 1808 12.44 37.47 -42.53
C TYR A 1808 10.99 37.05 -42.41
N GLU A 1809 10.77 35.75 -42.12
CA GLU A 1809 9.46 35.13 -41.92
C GLU A 1809 9.57 34.12 -40.77
N GLY A 1810 8.45 33.91 -40.09
CA GLY A 1810 8.37 32.95 -38.99
C GLY A 1810 8.10 31.55 -39.47
N TYR A 1811 8.90 30.58 -39.01
CA TYR A 1811 8.81 29.16 -39.36
C TYR A 1811 8.67 28.32 -38.09
N TYR A 1812 7.98 27.16 -38.18
CA TYR A 1812 7.78 26.27 -37.03
C TYR A 1812 9.07 25.54 -36.66
N VAL A 1813 9.40 25.51 -35.36
CA VAL A 1813 10.57 24.80 -34.84
C VAL A 1813 10.18 23.31 -34.79
N LEU A 1814 9.09 22.99 -34.07
CA LEU A 1814 8.54 21.64 -34.02
C LEU A 1814 7.55 21.54 -35.18
N PRO A 1815 7.73 20.56 -36.10
CA PRO A 1815 6.83 20.46 -37.27
C PRO A 1815 5.35 20.34 -36.96
N VAL A 1816 4.53 21.19 -37.62
CA VAL A 1816 3.07 21.25 -37.49
C VAL A 1816 2.39 19.96 -38.00
N GLU A 1817 3.10 19.22 -38.89
CA GLU A 1817 2.63 17.96 -39.46
C GLU A 1817 2.56 16.87 -38.39
N GLN A 1818 3.52 16.88 -37.44
CA GLN A 1818 3.60 15.93 -36.33
C GLN A 1818 3.02 16.52 -35.05
N TYR A 1819 2.99 17.86 -34.94
CA TYR A 1819 2.46 18.57 -33.77
C TYR A 1819 1.40 19.62 -34.21
N PRO A 1820 0.18 19.20 -34.63
CA PRO A 1820 -0.83 20.19 -35.05
C PRO A 1820 -1.40 21.03 -33.91
N GLU A 1821 -1.28 20.56 -32.66
CA GLU A 1821 -1.75 21.27 -31.46
C GLU A 1821 -0.97 22.56 -31.18
N LEU A 1822 0.26 22.67 -31.71
CA LEU A 1822 1.13 23.84 -31.56
C LEU A 1822 0.99 24.84 -32.72
N ALA A 1823 0.01 24.63 -33.63
CA ALA A 1823 -0.21 25.46 -34.82
C ALA A 1823 -0.41 26.96 -34.56
N ASP A 1824 -1.02 27.34 -33.42
CA ASP A 1824 -1.24 28.73 -33.06
C ASP A 1824 -0.28 29.25 -31.97
N SER A 1825 0.73 28.44 -31.60
CA SER A 1825 1.73 28.76 -30.59
C SER A 1825 2.86 29.64 -31.14
N SER A 1826 2.99 30.87 -30.59
CA SER A 1826 4.02 31.82 -30.99
C SER A 1826 5.41 31.41 -30.50
N SER A 1827 5.47 30.61 -29.41
CA SER A 1827 6.70 30.10 -28.80
C SER A 1827 7.28 28.91 -29.58
N ASN A 1828 6.60 28.47 -30.65
CA ASN A 1828 7.01 27.41 -31.55
C ASN A 1828 7.49 28.00 -32.88
N ILE A 1829 7.50 29.35 -32.99
CA ILE A 1829 7.90 30.10 -34.18
C ILE A 1829 9.32 30.66 -34.04
N GLN A 1830 10.12 30.58 -35.13
CA GLN A 1830 11.48 31.12 -35.21
C GLN A 1830 11.61 31.99 -36.47
N PHE A 1831 12.20 33.18 -36.34
CA PHE A 1831 12.37 34.08 -37.48
C PHE A 1831 13.67 33.78 -38.21
N LEU A 1832 13.55 33.43 -39.50
CA LEU A 1832 14.68 33.09 -40.36
C LEU A 1832 14.56 33.75 -41.72
N ARG A 1833 15.71 34.09 -42.32
CA ARG A 1833 15.78 34.67 -43.65
C ARG A 1833 15.77 33.57 -44.71
N GLN A 1834 15.59 33.94 -45.99
CA GLN A 1834 15.55 33.02 -47.13
C GLN A 1834 16.85 32.21 -47.35
N ASN A 1835 17.93 32.58 -46.62
CA ASN A 1835 19.24 31.91 -46.69
C ASN A 1835 19.24 30.57 -45.95
N GLU A 1836 18.37 30.42 -44.91
CA GLU A 1836 18.20 29.23 -44.07
C GLU A 1836 19.49 28.79 -43.38
N MET B 1 21.70 8.33 30.68
CA MET B 1 22.63 7.33 30.16
C MET B 1 22.00 6.49 29.04
N ARG B 2 22.76 6.26 27.95
CA ARG B 2 22.31 5.51 26.76
C ARG B 2 22.06 4.04 27.05
N ARG B 3 20.99 3.49 26.43
CA ARG B 3 20.58 2.08 26.59
C ARG B 3 20.36 1.42 25.22
N GLU B 4 20.84 0.18 25.06
CA GLU B 4 20.68 -0.61 23.84
C GLU B 4 20.43 -2.08 24.15
N LEU B 5 19.59 -2.74 23.34
CA LEU B 5 19.19 -4.14 23.51
C LEU B 5 19.45 -5.01 22.26
N ALA B 6 19.67 -6.33 22.49
CA ALA B 6 19.89 -7.35 21.46
C ALA B 6 19.46 -8.73 21.99
N CYS B 7 18.65 -9.45 21.19
CA CYS B 7 18.12 -10.78 21.55
C CYS B 7 19.23 -11.84 21.48
N GLU B 8 18.93 -13.07 21.98
CA GLU B 8 19.84 -14.22 21.99
C GLU B 8 20.28 -14.56 20.56
N GLY B 9 21.60 -14.63 20.35
CA GLY B 9 22.20 -14.95 19.06
C GLY B 9 22.52 -13.73 18.20
N TYR B 10 21.77 -12.63 18.39
CA TYR B 10 21.95 -11.39 17.64
C TYR B 10 23.00 -10.48 18.30
N PRO B 11 23.98 -9.96 17.53
CA PRO B 11 25.03 -9.12 18.15
C PRO B 11 24.57 -7.75 18.62
N ILE B 12 25.31 -7.18 19.59
CA ILE B 12 25.07 -5.86 20.17
C ILE B 12 26.28 -4.95 19.93
N GLU B 13 26.03 -3.70 19.51
CA GLU B 13 27.09 -2.73 19.23
C GLU B 13 26.83 -1.43 19.95
N LEU B 14 27.80 -0.97 20.76
CA LEU B 14 27.71 0.28 21.49
C LEU B 14 28.59 1.31 20.82
N ARG B 15 27.98 2.35 20.25
CA ARG B 15 28.67 3.42 19.55
C ARG B 15 28.78 4.66 20.42
N CYS B 16 29.93 5.36 20.37
CA CYS B 16 30.16 6.59 21.12
C CYS B 16 30.37 7.79 20.19
N PRO B 17 29.85 9.00 20.54
CA PRO B 17 29.97 10.16 19.62
C PRO B 17 31.39 10.56 19.22
N GLY B 18 31.81 10.07 18.05
CA GLY B 18 33.10 10.36 17.44
C GLY B 18 34.33 9.86 18.17
N SER B 19 34.91 10.74 19.02
CA SER B 19 36.14 10.50 19.78
C SER B 19 35.96 9.88 21.17
N ASP B 20 34.73 9.85 21.69
CA ASP B 20 34.39 9.32 23.02
C ASP B 20 34.57 7.80 23.16
N VAL B 21 34.61 7.30 24.43
CA VAL B 21 34.78 5.88 24.78
C VAL B 21 33.66 5.36 25.71
N ILE B 22 33.29 4.07 25.55
CA ILE B 22 32.24 3.38 26.30
C ILE B 22 32.61 3.16 27.77
N MET B 23 31.65 3.34 28.68
CA MET B 23 31.78 3.12 30.12
C MET B 23 30.53 2.37 30.60
N VAL B 24 30.69 1.06 30.87
CA VAL B 24 29.62 0.16 31.32
C VAL B 24 29.22 0.51 32.77
N GLU B 25 27.96 0.92 32.98
CA GLU B 25 27.45 1.29 34.31
C GLU B 25 26.39 0.32 34.86
N ASN B 26 25.71 -0.45 33.96
CA ASN B 26 24.68 -1.45 34.32
C ASN B 26 24.47 -2.45 33.16
N ALA B 27 24.44 -3.77 33.46
CA ALA B 27 24.25 -4.83 32.45
C ALA B 27 23.66 -6.14 33.00
N ASN B 28 22.90 -6.86 32.14
CA ASN B 28 22.26 -8.16 32.43
C ASN B 28 21.89 -8.94 31.15
N TYR B 29 22.23 -10.24 31.13
CA TYR B 29 21.93 -11.17 30.03
C TYR B 29 20.93 -12.21 30.54
N GLY B 30 19.68 -12.07 30.12
CA GLY B 30 18.61 -12.97 30.52
C GLY B 30 17.24 -12.42 30.18
N ARG B 31 16.33 -12.41 31.17
CA ARG B 31 14.97 -11.93 30.98
C ARG B 31 14.41 -11.24 32.22
N THR B 32 13.94 -10.00 32.04
CA THR B 32 13.34 -9.18 33.10
C THR B 32 11.84 -9.01 32.85
N ASP B 33 11.45 -8.89 31.56
CA ASP B 33 10.07 -8.72 31.10
C ASP B 33 9.74 -9.73 29.99
N ASP B 34 8.47 -10.15 29.92
CA ASP B 34 7.97 -11.12 28.94
C ASP B 34 7.85 -10.58 27.51
N LYS B 35 7.33 -9.35 27.35
CA LYS B 35 7.07 -8.67 26.07
C LYS B 35 8.27 -8.48 25.14
N ILE B 36 9.50 -8.47 25.69
CA ILE B 36 10.73 -8.23 24.92
C ILE B 36 11.25 -9.51 24.25
N CYS B 37 11.70 -9.38 22.98
CA CYS B 37 12.24 -10.45 22.13
C CYS B 37 11.29 -11.64 22.00
N ASP B 38 10.18 -11.42 21.27
CA ASP B 38 9.12 -12.41 21.04
C ASP B 38 9.63 -13.59 20.21
N ALA B 39 9.46 -14.81 20.75
CA ALA B 39 9.87 -16.08 20.12
C ALA B 39 8.87 -17.19 20.45
N ASP B 40 8.66 -17.46 21.75
CA ASP B 40 7.75 -18.48 22.27
C ASP B 40 7.13 -17.98 23.60
N PRO B 41 5.79 -17.97 23.75
CA PRO B 41 5.20 -17.50 25.02
C PRO B 41 5.52 -18.40 26.22
N PHE B 42 5.91 -19.66 25.95
CA PHE B 42 6.32 -20.66 26.94
C PHE B 42 7.70 -20.26 27.47
N GLN B 43 8.59 -19.84 26.55
CA GLN B 43 9.97 -19.41 26.83
C GLN B 43 10.00 -18.01 27.44
N MET B 44 9.02 -17.15 27.09
CA MET B 44 8.88 -15.78 27.58
C MET B 44 8.33 -15.69 29.01
N GLU B 45 7.87 -16.82 29.58
CA GLU B 45 7.29 -16.92 30.92
C GLU B 45 8.24 -16.53 32.05
N ASN B 46 9.49 -17.05 32.03
CA ASN B 46 10.49 -16.77 33.07
C ASN B 46 11.00 -15.32 33.00
N VAL B 47 10.40 -14.45 33.84
CA VAL B 47 10.73 -13.02 33.92
C VAL B 47 11.76 -12.71 35.03
N GLN B 48 12.23 -13.75 35.74
CA GLN B 48 13.19 -13.63 36.85
C GLN B 48 14.58 -14.24 36.53
N CYS B 49 14.97 -14.28 35.25
CA CYS B 49 16.28 -14.80 34.83
C CYS B 49 17.30 -13.68 34.83
N TYR B 50 18.39 -13.87 35.60
CA TYR B 50 19.46 -12.90 35.74
C TYR B 50 20.85 -13.51 35.60
N LEU B 51 21.82 -12.68 35.19
CA LEU B 51 23.24 -13.00 35.05
C LEU B 51 24.05 -11.76 35.48
N PRO B 52 24.46 -11.65 36.77
CA PRO B 52 25.20 -10.45 37.21
C PRO B 52 26.61 -10.36 36.65
N ASP B 53 27.17 -11.51 36.20
CA ASP B 53 28.49 -11.65 35.61
C ASP B 53 28.63 -10.92 34.27
N ALA B 54 27.49 -10.52 33.65
CA ALA B 54 27.41 -9.80 32.37
C ALA B 54 28.13 -8.45 32.38
N PHE B 55 28.32 -7.87 33.59
CA PHE B 55 29.01 -6.59 33.78
C PHE B 55 30.47 -6.68 33.32
N LYS B 56 31.26 -7.60 33.93
CA LYS B 56 32.69 -7.79 33.63
C LYS B 56 32.93 -8.24 32.18
N ILE B 57 32.03 -9.04 31.60
CA ILE B 57 32.12 -9.53 30.22
C ILE B 57 32.05 -8.35 29.26
N MET B 58 31.11 -7.43 29.50
CA MET B 58 30.91 -6.23 28.70
C MET B 58 32.01 -5.20 28.94
N SER B 59 32.38 -4.96 30.22
CA SER B 59 33.41 -4.01 30.61
C SER B 59 34.79 -4.33 30.05
N GLN B 60 35.16 -5.63 29.99
CA GLN B 60 36.44 -6.10 29.45
C GLN B 60 36.57 -5.88 27.94
N ARG B 61 35.43 -5.83 27.22
CA ARG B 61 35.39 -5.71 25.76
C ARG B 61 35.01 -4.34 25.21
N CYS B 62 34.22 -3.55 25.95
CA CYS B 62 33.73 -2.26 25.46
C CYS B 62 34.44 -1.01 26.01
N ASN B 63 34.90 -1.02 27.28
CA ASN B 63 35.57 0.15 27.88
C ASN B 63 36.90 0.52 27.19
N ASN B 64 37.26 1.83 27.21
CA ASN B 64 38.45 2.45 26.59
C ASN B 64 38.41 2.36 25.04
N ARG B 65 37.21 2.07 24.48
CA ARG B 65 36.93 1.93 23.04
C ARG B 65 35.67 2.71 22.64
N THR B 66 35.62 3.17 21.37
CA THR B 66 34.48 3.91 20.82
C THR B 66 33.36 2.91 20.47
N GLN B 67 33.73 1.74 19.89
CA GLN B 67 32.81 0.67 19.50
C GLN B 67 33.26 -0.71 20.03
N CYS B 68 32.33 -1.67 20.11
CA CYS B 68 32.64 -3.04 20.55
C CYS B 68 31.75 -4.09 19.90
N VAL B 69 32.38 -5.13 19.34
CA VAL B 69 31.68 -6.23 18.67
C VAL B 69 31.46 -7.37 19.67
N VAL B 70 30.32 -7.31 20.39
CA VAL B 70 29.93 -8.32 21.38
C VAL B 70 28.64 -9.00 20.92
N VAL B 71 28.65 -10.34 20.82
CA VAL B 71 27.48 -11.11 20.39
C VAL B 71 26.83 -11.74 21.62
N ALA B 72 25.52 -11.50 21.81
CA ALA B 72 24.75 -12.04 22.93
C ALA B 72 24.42 -13.51 22.69
N GLY B 73 25.45 -14.34 22.67
CA GLY B 73 25.34 -15.78 22.43
C GLY B 73 25.84 -16.63 23.57
N SER B 74 25.62 -17.94 23.47
CA SER B 74 26.02 -18.94 24.47
C SER B 74 27.53 -19.20 24.50
N ASP B 75 28.25 -18.84 23.40
CA ASP B 75 29.69 -19.02 23.26
C ASP B 75 30.50 -18.08 24.17
N ALA B 76 30.09 -16.79 24.25
CA ALA B 76 30.75 -15.77 25.07
C ALA B 76 30.11 -15.60 26.45
N PHE B 77 28.78 -15.81 26.54
CA PHE B 77 28.03 -15.68 27.78
C PHE B 77 27.54 -17.02 28.33
N PRO B 78 27.62 -17.26 29.65
CA PRO B 78 27.11 -18.53 30.19
C PRO B 78 25.58 -18.48 30.32
N ASP B 79 24.90 -19.58 29.97
CA ASP B 79 23.44 -19.71 30.02
C ASP B 79 22.94 -19.76 31.48
N PRO B 80 22.26 -18.70 32.00
CA PRO B 80 21.80 -18.75 33.41
C PRO B 80 20.53 -19.56 33.64
N CYS B 81 19.58 -19.51 32.69
CA CYS B 81 18.30 -20.21 32.77
C CYS B 81 18.11 -21.11 31.54
N PRO B 82 18.32 -22.43 31.66
CA PRO B 82 18.15 -23.30 30.49
C PRO B 82 16.67 -23.48 30.14
N GLY B 83 16.36 -23.34 28.85
CA GLY B 83 15.01 -23.44 28.33
C GLY B 83 14.20 -22.16 28.55
N THR B 84 14.82 -21.01 28.21
CA THR B 84 14.26 -19.66 28.30
C THR B 84 15.00 -18.79 27.26
N TYR B 85 14.26 -17.97 26.48
CA TYR B 85 14.86 -17.07 25.48
C TYR B 85 15.41 -15.83 26.18
N LYS B 86 16.66 -15.44 25.85
CA LYS B 86 17.38 -14.34 26.48
C LYS B 86 17.63 -13.11 25.60
N TYR B 87 18.01 -11.99 26.25
CA TYR B 87 18.36 -10.72 25.63
C TYR B 87 19.32 -9.95 26.54
N LEU B 88 20.20 -9.14 25.94
CA LEU B 88 21.19 -8.35 26.68
C LEU B 88 20.79 -6.88 26.78
N GLU B 89 20.49 -6.45 28.00
CA GLU B 89 20.10 -5.07 28.31
C GLU B 89 21.30 -4.37 28.95
N VAL B 90 21.85 -3.35 28.26
CA VAL B 90 23.04 -2.61 28.71
C VAL B 90 22.76 -1.10 28.83
N GLN B 91 23.07 -0.51 30.01
CA GLN B 91 22.93 0.91 30.31
C GLN B 91 24.36 1.48 30.44
N TYR B 92 24.77 2.35 29.51
CA TYR B 92 26.12 2.90 29.45
C TYR B 92 26.16 4.42 29.22
N ASP B 93 27.38 5.02 29.32
CA ASP B 93 27.64 6.44 29.09
C ASP B 93 28.98 6.64 28.38
N CYS B 94 29.04 7.60 27.46
CA CYS B 94 30.27 7.94 26.71
C CYS B 94 31.01 9.09 27.37
N VAL B 95 32.33 8.98 27.46
CA VAL B 95 33.19 9.99 28.07
C VAL B 95 34.24 10.53 27.08
N PRO B 96 34.51 11.86 27.05
CA PRO B 96 35.51 12.37 26.08
C PRO B 96 36.92 11.84 26.33
N TYR B 97 37.30 11.71 27.62
CA TYR B 97 38.59 11.20 28.07
C TYR B 97 38.44 10.70 29.51
N VAL B 98 38.54 9.37 29.71
CA VAL B 98 38.42 8.73 31.03
C VAL B 98 39.78 8.79 31.76
N PHE B 99 39.76 8.95 33.10
CA PHE B 99 41.00 9.03 33.88
C PHE B 99 41.03 8.13 35.10
N VAL B 100 42.20 7.50 35.29
CA VAL B 100 42.53 6.60 36.40
C VAL B 100 43.80 7.10 37.12
N CYS B 101 43.95 6.79 38.42
CA CYS B 101 45.09 7.22 39.24
C CYS B 101 46.44 6.67 38.72
N PRO B 102 47.41 7.55 38.41
CA PRO B 102 48.70 7.06 37.89
C PRO B 102 49.61 6.43 38.94
N GLY B 103 49.52 6.90 40.18
CA GLY B 103 50.32 6.41 41.29
C GLY B 103 50.36 7.32 42.50
N THR B 104 51.41 7.16 43.32
CA THR B 104 51.63 7.96 44.54
C THR B 104 52.70 9.05 44.30
N LEU B 105 52.40 10.29 44.73
CA LEU B 105 53.31 11.43 44.56
C LEU B 105 54.50 11.37 45.53
N GLN B 106 55.72 11.62 44.99
CA GLN B 106 56.97 11.65 45.74
C GLN B 106 57.66 13.03 45.58
N LYS B 107 58.62 13.14 44.63
CA LYS B 107 59.35 14.39 44.37
C LYS B 107 58.84 15.08 43.10
N VAL B 108 58.66 16.40 43.20
CA VAL B 108 58.20 17.24 42.09
C VAL B 108 59.42 17.69 41.28
N LEU B 109 59.45 17.33 39.97
CA LEU B 109 60.53 17.67 39.04
C LEU B 109 60.47 19.16 38.60
N GLU B 110 61.31 19.59 37.63
CA GLU B 110 61.35 20.99 37.20
C GLU B 110 61.14 21.27 35.67
N PRO B 111 61.10 20.27 34.74
CA PRO B 111 60.96 20.60 33.30
C PRO B 111 59.75 21.45 32.87
N THR B 112 59.89 22.09 31.68
CA THR B 112 58.95 22.98 30.98
C THR B 112 58.71 24.26 31.81
N SER B 113 59.44 25.33 31.45
CA SER B 113 59.36 26.63 32.11
C SER B 113 59.08 27.72 31.09
N THR B 114 58.03 28.52 31.35
CA THR B 114 57.64 29.61 30.46
C THR B 114 58.24 30.94 30.94
N HIS B 115 58.16 31.98 30.08
CA HIS B 115 58.69 33.32 30.29
C HIS B 115 58.10 34.08 31.48
N GLU B 116 58.75 35.22 31.83
CA GLU B 116 58.35 36.13 32.88
C GLU B 116 57.12 36.87 32.36
N SER B 117 55.93 36.52 32.87
CA SER B 117 54.67 37.11 32.45
C SER B 117 54.52 38.59 32.84
N GLU B 118 53.56 39.28 32.21
CA GLU B 118 53.25 40.70 32.39
C GLU B 118 52.78 41.04 33.82
N HIS B 119 52.00 40.14 34.47
CA HIS B 119 51.47 40.33 35.82
C HIS B 119 52.10 39.36 36.83
N GLN B 120 52.23 39.81 38.09
CA GLN B 120 52.84 39.02 39.15
C GLN B 120 51.94 37.88 39.64
N SER B 121 50.64 38.17 39.82
CA SER B 121 49.64 37.21 40.27
C SER B 121 48.61 36.85 39.19
N GLY B 122 48.22 35.58 39.18
CA GLY B 122 47.26 35.01 38.24
C GLY B 122 47.24 33.49 38.29
N ALA B 123 46.55 32.87 37.33
CA ALA B 123 46.44 31.41 37.23
C ALA B 123 46.24 30.97 35.79
N TRP B 124 46.79 29.80 35.47
CA TRP B 124 46.70 29.21 34.15
C TRP B 124 46.43 27.72 34.24
N CYS B 125 45.53 27.20 33.38
CA CYS B 125 45.18 25.79 33.34
C CYS B 125 44.70 25.33 31.98
N LYS B 126 45.00 24.07 31.65
CA LYS B 126 44.60 23.40 30.42
C LYS B 126 43.30 22.64 30.73
N ASP B 127 42.43 22.40 29.72
CA ASP B 127 41.19 21.64 29.93
C ASP B 127 41.54 20.15 29.95
N PRO B 128 41.25 19.44 31.07
CA PRO B 128 41.61 18.01 31.13
C PRO B 128 40.73 17.12 30.24
N LEU B 129 39.57 17.63 29.82
CA LEU B 129 38.59 16.93 28.97
C LEU B 129 38.87 17.13 27.50
N GLN B 130 39.50 18.27 27.14
CA GLN B 130 39.85 18.59 25.75
C GLN B 130 41.29 18.20 25.44
N ALA B 131 41.48 17.40 24.39
CA ALA B 131 42.79 16.96 23.94
C ALA B 131 43.40 18.05 23.07
N GLY B 132 44.59 18.50 23.46
CA GLY B 132 45.32 19.55 22.76
C GLY B 132 46.17 20.41 23.67
N ASP B 133 46.67 21.53 23.13
CA ASP B 133 47.53 22.44 23.88
C ASP B 133 46.85 23.80 24.20
N ARG B 134 45.50 23.82 24.27
CA ARG B 134 44.71 25.01 24.58
C ARG B 134 44.99 25.46 26.02
N ILE B 135 45.57 26.66 26.18
CA ILE B 135 45.93 27.23 27.49
C ILE B 135 45.02 28.40 27.85
N TYR B 136 44.37 28.30 29.02
CA TYR B 136 43.47 29.32 29.54
C TYR B 136 44.18 30.11 30.65
N VAL B 137 44.71 31.29 30.29
CA VAL B 137 45.47 32.20 31.17
C VAL B 137 44.56 33.30 31.73
N MET B 138 44.50 33.39 33.07
CA MET B 138 43.70 34.40 33.76
C MET B 138 44.58 35.24 34.70
N PRO B 139 45.01 36.45 34.25
CA PRO B 139 45.86 37.28 35.13
C PRO B 139 45.07 37.97 36.23
N TRP B 140 45.61 37.93 37.45
CA TRP B 140 44.96 38.54 38.62
C TRP B 140 45.48 39.92 38.97
N ILE B 141 44.56 40.88 39.08
CA ILE B 141 44.81 42.27 39.46
C ILE B 141 43.81 42.65 40.56
N PRO B 142 44.26 43.22 41.70
CA PRO B 142 43.31 43.51 42.80
C PRO B 142 42.12 44.38 42.42
N TYR B 143 40.92 43.99 42.90
CA TYR B 143 39.62 44.64 42.73
C TYR B 143 39.19 44.91 41.27
N ARG B 144 39.90 44.34 40.26
CA ARG B 144 39.53 44.53 38.85
C ARG B 144 39.86 43.31 37.94
N THR B 145 39.86 42.07 38.52
CA THR B 145 40.09 40.82 37.75
C THR B 145 38.78 40.50 37.04
N ASP B 146 38.81 40.28 35.69
CA ASP B 146 37.58 40.02 34.92
C ASP B 146 37.75 39.29 33.58
N THR B 147 38.98 39.16 33.06
CA THR B 147 39.15 38.54 31.74
C THR B 147 40.14 37.35 31.66
N LEU B 148 39.70 36.30 30.95
CA LEU B 148 40.47 35.10 30.67
C LEU B 148 40.89 35.17 29.20
N THR B 149 42.14 34.80 28.89
CA THR B 149 42.66 34.80 27.53
C THR B 149 42.95 33.34 27.10
N GLU B 150 42.73 33.03 25.81
CA GLU B 150 42.97 31.69 25.28
C GLU B 150 44.22 31.70 24.39
N TYR B 151 45.04 30.65 24.52
CA TYR B 151 46.28 30.49 23.76
C TYR B 151 46.32 29.10 23.14
N ALA B 152 46.65 29.04 21.84
CA ALA B 152 46.72 27.80 21.06
C ALA B 152 47.75 26.78 21.56
N SER B 153 48.95 27.25 21.94
CA SER B 153 50.04 26.40 22.44
C SER B 153 51.01 27.16 23.35
N TRP B 154 52.01 26.45 23.90
CA TRP B 154 53.06 27.01 24.76
C TRP B 154 53.84 28.05 23.96
N GLU B 155 54.09 27.76 22.65
CA GLU B 155 54.78 28.62 21.69
C GLU B 155 53.93 29.86 21.42
N ASP B 156 52.59 29.70 21.35
CA ASP B 156 51.64 30.78 21.12
C ASP B 156 51.56 31.76 22.30
N TYR B 157 51.75 31.26 23.53
CA TYR B 157 51.72 32.12 24.72
C TYR B 157 52.97 32.96 24.87
N VAL B 158 54.16 32.34 24.74
CA VAL B 158 55.47 33.00 24.86
C VAL B 158 55.64 34.09 23.76
N ALA B 159 55.04 33.88 22.59
CA ALA B 159 55.09 34.83 21.47
C ALA B 159 53.98 35.89 21.55
N ALA B 160 53.16 35.86 22.63
CA ALA B 160 52.02 36.76 22.90
C ALA B 160 50.96 36.74 21.78
N ARG B 161 50.78 35.56 21.17
CA ARG B 161 49.84 35.28 20.08
C ARG B 161 48.61 34.58 20.67
N HIS B 162 47.61 35.37 21.08
CA HIS B 162 46.38 34.85 21.68
C HIS B 162 45.34 34.48 20.64
N THR B 163 44.43 33.56 20.98
CA THR B 163 43.34 33.12 20.09
C THR B 163 42.08 33.95 20.36
N THR B 164 41.60 33.99 21.62
CA THR B 164 40.42 34.77 21.99
C THR B 164 40.46 35.31 23.43
N THR B 165 39.64 36.34 23.69
CA THR B 165 39.51 37.02 24.98
C THR B 165 38.09 36.83 25.52
N TYR B 166 37.97 36.37 26.77
CA TYR B 166 36.68 36.15 27.42
C TYR B 166 36.41 37.17 28.53
N ARG B 167 35.36 37.99 28.35
CA ARG B 167 34.94 39.00 29.33
C ARG B 167 33.87 38.37 30.25
N LEU B 168 34.28 37.97 31.47
CA LEU B 168 33.41 37.35 32.47
C LEU B 168 32.33 38.32 32.97
N PRO B 169 31.10 37.84 33.30
CA PRO B 169 30.05 38.78 33.77
C PRO B 169 30.25 39.27 35.20
N ASN B 170 31.04 38.53 36.00
CA ASN B 170 31.36 38.82 37.40
C ASN B 170 32.87 38.97 37.59
N ARG B 171 33.29 39.73 38.62
CA ARG B 171 34.71 39.90 38.93
C ARG B 171 35.23 38.72 39.76
N VAL B 172 36.48 38.32 39.50
CA VAL B 172 37.10 37.19 40.18
C VAL B 172 37.65 37.57 41.57
N ASP B 173 37.47 36.66 42.54
CA ASP B 173 37.91 36.80 43.93
C ASP B 173 38.87 35.64 44.23
N GLY B 174 40.10 35.77 43.73
CA GLY B 174 41.14 34.76 43.90
C GLY B 174 41.89 34.43 42.63
N THR B 175 42.92 33.57 42.74
CA THR B 175 43.76 33.18 41.62
C THR B 175 43.39 31.79 41.08
N GLY B 176 43.75 30.74 41.82
CA GLY B 176 43.58 29.32 41.48
C GLY B 176 42.19 28.81 41.14
N PHE B 177 41.65 29.25 39.99
CA PHE B 177 40.35 28.87 39.42
C PHE B 177 40.56 27.57 38.58
N VAL B 178 39.49 27.06 37.89
CA VAL B 178 39.63 25.86 37.06
C VAL B 178 38.67 25.87 35.83
N VAL B 179 39.13 25.23 34.72
CA VAL B 179 38.41 25.09 33.44
C VAL B 179 38.02 23.62 33.28
N TYR B 180 36.70 23.34 33.22
CA TYR B 180 36.16 22.00 33.05
C TYR B 180 35.11 21.97 31.94
N ASP B 181 35.40 21.20 30.86
CA ASP B 181 34.57 20.97 29.66
C ASP B 181 34.12 22.28 28.98
N GLY B 182 35.06 23.21 28.84
CA GLY B 182 34.82 24.51 28.24
C GLY B 182 34.12 25.50 29.15
N ALA B 183 33.94 25.15 30.44
CA ALA B 183 33.30 26.00 31.44
C ALA B 183 34.28 26.42 32.52
N VAL B 184 34.29 27.73 32.83
CA VAL B 184 35.16 28.33 33.83
C VAL B 184 34.46 28.37 35.19
N PHE B 185 35.14 27.85 36.21
CA PHE B 185 34.63 27.85 37.58
C PHE B 185 35.44 28.87 38.38
N TYR B 186 34.78 29.96 38.80
CA TYR B 186 35.41 31.06 39.51
C TYR B 186 34.54 31.61 40.63
N ASN B 187 35.17 32.13 41.70
CA ASN B 187 34.47 32.74 42.82
C ASN B 187 34.07 34.17 42.46
N LYS B 188 32.84 34.57 42.80
CA LYS B 188 32.33 35.91 42.54
C LYS B 188 32.90 36.87 43.60
N GLU B 189 33.32 38.09 43.20
CA GLU B 189 33.91 39.10 44.09
C GLU B 189 32.89 39.65 45.08
N ARG B 190 33.29 39.69 46.38
CA ARG B 190 32.50 40.14 47.54
C ARG B 190 31.32 39.20 47.86
N THR B 191 31.47 37.90 47.49
CA THR B 191 30.49 36.82 47.72
C THR B 191 31.15 35.45 47.86
N ARG B 192 30.44 34.50 48.50
CA ARG B 192 30.88 33.13 48.75
C ARG B 192 30.47 32.16 47.63
N ASN B 193 29.79 32.66 46.58
CA ASN B 193 29.29 31.87 45.45
C ASN B 193 30.30 31.67 44.31
N ILE B 194 30.21 30.50 43.62
CA ILE B 194 31.03 30.11 42.47
C ILE B 194 30.14 30.18 41.22
N VAL B 195 30.67 30.74 40.12
CA VAL B 195 29.94 30.87 38.85
C VAL B 195 30.53 29.90 37.81
N LYS B 196 29.65 29.28 37.01
CA LYS B 196 30.02 28.38 35.93
C LYS B 196 29.71 29.09 34.60
N TYR B 197 30.73 29.73 34.01
CA TYR B 197 30.58 30.43 32.73
C TYR B 197 31.13 29.54 31.63
N ASP B 198 30.22 29.00 30.80
CA ASP B 198 30.59 28.12 29.70
C ASP B 198 31.03 28.94 28.50
N LEU B 199 32.34 28.91 28.20
CA LEU B 199 32.99 29.61 27.09
C LEU B 199 32.53 29.00 25.77
N ARG B 200 32.19 27.70 25.81
CA ARG B 200 31.68 26.88 24.71
C ARG B 200 30.40 27.55 24.15
N THR B 201 29.44 27.87 25.05
CA THR B 201 28.16 28.52 24.71
C THR B 201 28.21 30.06 24.84
N ARG B 202 29.29 30.61 25.47
CA ARG B 202 29.53 32.04 25.73
C ARG B 202 28.40 32.68 26.56
N ILE B 203 27.77 31.88 27.45
CA ILE B 203 26.67 32.27 28.35
C ILE B 203 26.77 31.57 29.73
N LYS B 204 26.35 32.28 30.80
CA LYS B 204 26.35 31.79 32.18
C LYS B 204 25.39 30.62 32.34
N SER B 205 25.89 29.48 32.86
CA SER B 205 25.07 28.28 33.05
C SER B 205 25.21 27.68 34.45
N GLY B 206 24.81 28.45 35.47
CA GLY B 206 24.83 28.03 36.86
C GLY B 206 25.60 28.91 37.83
N GLU B 207 25.19 28.87 39.11
CA GLU B 207 25.77 29.60 40.25
C GLU B 207 25.33 28.94 41.55
N THR B 208 26.30 28.60 42.42
CA THR B 208 26.04 27.94 43.70
C THR B 208 26.71 28.70 44.85
N VAL B 209 25.93 29.05 45.88
CA VAL B 209 26.45 29.76 47.06
C VAL B 209 27.04 28.74 48.03
N ILE B 210 28.34 28.89 48.35
CA ILE B 210 29.05 27.97 49.26
C ILE B 210 28.89 28.49 50.70
N ASN B 211 27.98 27.86 51.46
CA ASN B 211 27.68 28.22 52.85
C ASN B 211 28.85 28.03 53.81
N THR B 212 28.89 28.86 54.89
CA THR B 212 29.86 28.93 55.99
C THR B 212 31.29 29.30 55.54
N ALA B 213 31.57 29.28 54.22
CA ALA B 213 32.88 29.61 53.65
C ALA B 213 33.17 31.11 53.76
N ASN B 214 34.35 31.45 54.32
CA ASN B 214 34.80 32.84 54.48
C ASN B 214 35.19 33.38 53.11
N TYR B 215 34.67 34.55 52.74
CA TYR B 215 34.92 35.15 51.43
C TYR B 215 35.57 36.54 51.47
N HIS B 216 36.27 36.91 50.37
CA HIS B 216 36.93 38.20 50.12
C HIS B 216 37.92 38.61 51.22
N ASP B 217 39.18 38.20 51.07
CA ASP B 217 40.32 38.48 51.95
C ASP B 217 40.11 38.06 53.44
N THR B 218 38.96 37.44 53.78
CA THR B 218 38.64 36.99 55.14
C THR B 218 39.53 35.82 55.55
N SER B 219 39.60 34.79 54.69
CA SER B 219 40.45 33.62 54.93
C SER B 219 41.22 33.18 53.65
N PRO B 220 42.14 34.03 53.10
CA PRO B 220 42.89 33.61 51.92
C PRO B 220 44.18 32.88 52.31
N TYR B 221 45.13 32.70 51.37
CA TYR B 221 46.40 32.04 51.66
C TYR B 221 47.38 32.97 52.39
N ARG B 222 48.60 32.47 52.73
CA ARG B 222 49.64 33.21 53.48
C ARG B 222 49.91 34.62 52.94
N TRP B 223 49.92 34.77 51.61
CA TRP B 223 50.15 36.06 50.94
C TRP B 223 48.86 36.89 50.80
N GLY B 224 47.72 36.25 51.00
CA GLY B 224 46.41 36.89 50.89
C GLY B 224 45.98 37.02 49.46
N GLY B 225 45.45 38.20 49.11
CA GLY B 225 45.00 38.53 47.77
C GLY B 225 43.77 37.79 47.30
N LYS B 226 42.66 37.87 48.09
CA LYS B 226 41.33 37.30 47.82
C LYS B 226 41.29 35.78 47.51
N THR B 227 42.36 35.03 47.81
CA THR B 227 42.39 33.58 47.54
C THR B 227 41.69 32.76 48.64
N ASP B 228 40.47 33.19 49.04
CA ASP B 228 39.64 32.53 50.06
C ASP B 228 39.15 31.17 49.56
N ILE B 229 38.91 31.08 48.23
CA ILE B 229 38.45 29.87 47.54
C ILE B 229 39.41 29.57 46.39
N ASP B 230 39.95 28.33 46.36
CA ASP B 230 40.87 27.86 45.31
C ASP B 230 40.34 26.55 44.72
N LEU B 231 39.80 26.60 43.49
CA LEU B 231 39.26 25.44 42.79
C LEU B 231 40.38 24.58 42.18
N ALA B 232 40.21 23.24 42.24
CA ALA B 232 41.17 22.26 41.72
C ALA B 232 40.46 21.04 41.13
N VAL B 233 41.03 20.47 40.06
CA VAL B 233 40.50 19.30 39.37
C VAL B 233 41.53 18.15 39.41
N ASP B 234 41.07 16.95 39.84
CA ASP B 234 41.88 15.74 39.94
C ASP B 234 41.26 14.58 39.16
N GLU B 235 41.73 13.34 39.43
CA GLU B 235 41.24 12.11 38.80
C GLU B 235 39.80 11.81 39.20
N ASN B 236 39.39 12.20 40.44
CA ASN B 236 38.03 12.01 40.96
C ASN B 236 37.03 12.94 40.28
N GLY B 237 37.37 14.23 40.20
CA GLY B 237 36.51 15.24 39.57
C GLY B 237 36.78 16.64 40.06
N LEU B 238 35.71 17.44 40.20
CA LEU B 238 35.77 18.84 40.62
C LEU B 238 35.77 18.98 42.15
N TRP B 239 36.67 19.84 42.67
CA TRP B 239 36.82 20.12 44.09
C TRP B 239 36.90 21.62 44.37
N VAL B 240 36.27 22.05 45.48
CA VAL B 240 36.23 23.45 45.94
C VAL B 240 36.93 23.50 47.31
N ILE B 241 38.14 24.09 47.37
CA ILE B 241 38.94 24.22 48.60
C ILE B 241 38.75 25.62 49.19
N TYR B 242 38.34 25.68 50.47
CA TYR B 242 38.07 26.93 51.20
C TYR B 242 38.30 26.75 52.71
N ALA B 243 37.79 27.68 53.55
CA ALA B 243 37.90 27.64 55.01
C ALA B 243 36.64 28.20 55.66
N THR B 244 36.13 27.50 56.69
CA THR B 244 34.91 27.87 57.41
C THR B 244 35.18 28.14 58.89
N GLU B 245 34.16 28.67 59.59
CA GLU B 245 34.21 28.92 61.02
C GLU B 245 34.03 27.59 61.76
N GLY B 246 33.30 26.66 61.15
CA GLY B 246 33.03 25.32 61.69
C GLY B 246 34.27 24.49 61.91
N ASN B 247 35.28 24.65 61.03
CA ASN B 247 36.58 23.97 61.11
C ASN B 247 37.60 24.88 61.83
N ASN B 248 37.22 26.16 62.07
CA ASN B 248 38.00 27.21 62.74
C ASN B 248 39.34 27.51 62.03
N GLY B 249 39.25 28.22 60.91
CA GLY B 249 40.40 28.64 60.10
C GLY B 249 40.99 27.57 59.19
N ARG B 250 40.78 26.28 59.55
CA ARG B 250 41.29 25.13 58.79
C ARG B 250 40.60 24.94 57.43
N LEU B 251 41.26 24.21 56.52
CA LEU B 251 40.79 23.94 55.16
C LEU B 251 39.58 23.01 55.15
N VAL B 252 38.57 23.35 54.33
CA VAL B 252 37.33 22.60 54.14
C VAL B 252 37.21 22.25 52.66
N VAL B 253 37.63 21.04 52.29
CA VAL B 253 37.59 20.54 50.91
C VAL B 253 36.26 19.85 50.68
N SER B 254 35.54 20.25 49.61
CA SER B 254 34.24 19.68 49.27
C SER B 254 34.12 19.32 47.79
N GLN B 255 33.55 18.14 47.49
CA GLN B 255 33.35 17.66 46.12
C GLN B 255 32.09 18.32 45.55
N LEU B 256 32.19 18.89 44.34
CA LEU B 256 31.09 19.55 43.66
C LEU B 256 30.89 18.92 42.28
N ASN B 257 29.61 18.75 41.87
CA ASN B 257 29.26 18.21 40.57
C ASN B 257 29.44 19.32 39.53
N PRO B 258 30.20 19.07 38.44
CA PRO B 258 30.44 20.15 37.47
C PRO B 258 29.24 20.60 36.65
N TYR B 259 28.26 19.71 36.43
CA TYR B 259 27.08 20.01 35.62
C TYR B 259 25.83 20.33 36.43
N THR B 260 25.58 19.58 37.53
CA THR B 260 24.40 19.81 38.39
C THR B 260 24.60 20.98 39.34
N LEU B 261 25.89 21.34 39.62
CA LEU B 261 26.32 22.41 40.54
C LEU B 261 25.85 22.14 41.98
N ARG B 262 25.80 20.85 42.35
CA ARG B 262 25.39 20.35 43.66
C ARG B 262 26.57 19.63 44.33
N PHE B 263 26.60 19.64 45.67
CA PHE B 263 27.67 19.04 46.44
C PHE B 263 27.55 17.55 46.67
N GLU B 264 28.69 16.84 46.60
CA GLU B 264 28.79 15.40 46.80
C GLU B 264 29.64 15.08 48.05
N GLY B 265 29.43 15.87 49.10
CA GLY B 265 30.12 15.71 50.38
C GLY B 265 30.91 16.92 50.81
N THR B 266 31.27 16.95 52.11
CA THR B 266 32.05 18.01 52.76
C THR B 266 33.03 17.35 53.75
N TRP B 267 34.33 17.61 53.57
CA TRP B 267 35.40 17.06 54.40
C TRP B 267 36.05 18.12 55.28
N GLU B 268 36.71 17.68 56.37
CA GLU B 268 37.41 18.55 57.31
C GLU B 268 38.87 18.12 57.44
N THR B 269 39.81 19.09 57.30
CA THR B 269 41.25 18.85 57.41
C THR B 269 41.83 19.59 58.61
N GLY B 270 42.98 19.14 59.07
CA GLY B 270 43.69 19.72 60.20
C GLY B 270 44.90 20.53 59.79
N TYR B 271 44.70 21.55 58.93
CA TYR B 271 45.76 22.45 58.45
C TYR B 271 45.21 23.85 58.22
N ASP B 272 45.89 24.86 58.76
CA ASP B 272 45.49 26.27 58.66
C ASP B 272 45.67 26.83 57.26
N LYS B 273 44.66 27.60 56.78
CA LYS B 273 44.67 28.24 55.45
C LYS B 273 45.48 29.53 55.47
N ARG B 274 45.50 30.24 56.62
CA ARG B 274 46.24 31.48 56.81
C ARG B 274 47.77 31.26 56.80
N SER B 275 48.21 29.99 56.98
CA SER B 275 49.62 29.56 56.95
C SER B 275 49.96 28.88 55.62
N ALA B 276 48.92 28.36 54.93
CA ALA B 276 49.01 27.65 53.65
C ALA B 276 49.38 28.58 52.49
N SER B 277 50.05 28.04 51.46
CA SER B 277 50.44 28.81 50.29
C SER B 277 49.46 28.63 49.12
N ASN B 278 49.10 27.38 48.75
CA ASN B 278 48.14 27.02 47.69
C ASN B 278 47.83 25.53 47.72
N ALA B 279 46.53 25.19 47.84
CA ALA B 279 46.06 23.81 47.90
C ALA B 279 45.51 23.31 46.56
N PHE B 280 45.90 22.08 46.17
CA PHE B 280 45.48 21.39 44.94
C PHE B 280 45.20 19.91 45.23
N MET B 281 44.30 19.29 44.45
CA MET B 281 43.90 17.88 44.62
C MET B 281 44.56 16.94 43.63
N VAL B 282 44.95 15.74 44.09
CA VAL B 282 45.54 14.67 43.28
C VAL B 282 44.97 13.33 43.77
N CYS B 283 44.24 12.61 42.88
CA CYS B 283 43.60 11.30 43.16
C CYS B 283 42.71 11.29 44.42
N GLY B 284 42.06 12.42 44.70
CA GLY B 284 41.20 12.57 45.87
C GLY B 284 41.95 12.91 47.14
N VAL B 285 43.28 13.14 47.04
CA VAL B 285 44.16 13.48 48.17
C VAL B 285 44.55 14.95 48.06
N LEU B 286 44.43 15.70 49.17
CA LEU B 286 44.79 17.11 49.25
C LEU B 286 46.29 17.25 49.49
N TYR B 287 46.87 18.33 48.96
CA TYR B 287 48.27 18.66 49.11
C TYR B 287 48.36 20.17 49.30
N VAL B 288 48.88 20.59 50.48
CA VAL B 288 48.97 22.02 50.83
C VAL B 288 50.42 22.53 50.85
N LEU B 289 50.70 23.52 49.99
CA LEU B 289 52.01 24.16 49.83
C LEU B 289 52.33 25.05 51.03
N ARG B 290 53.64 25.19 51.34
CA ARG B 290 54.13 25.99 52.46
C ARG B 290 55.35 26.83 52.05
N SER B 291 55.20 28.18 52.06
CA SER B 291 56.24 29.15 51.72
C SER B 291 55.98 30.51 52.39
N GLY B 292 62.41 27.14 52.93
CA GLY B 292 61.47 26.11 53.35
C GLY B 292 60.24 26.03 52.48
N ASN B 293 60.44 25.75 51.18
CA ASN B 293 59.35 25.64 50.21
C ASN B 293 59.10 24.17 49.87
N ARG B 294 58.16 23.53 50.60
CA ARG B 294 57.76 22.12 50.43
C ARG B 294 56.35 21.84 50.93
N VAL B 295 55.76 20.71 50.48
CA VAL B 295 54.42 20.27 50.89
C VAL B 295 54.55 19.33 52.08
N ASP B 296 53.92 19.70 53.20
CA ASP B 296 53.96 18.94 54.45
C ASP B 296 52.64 18.21 54.77
N TYR B 297 51.50 18.86 54.49
CA TYR B 297 50.17 18.30 54.76
C TYR B 297 49.53 17.58 53.58
N ALA B 298 48.80 16.49 53.89
CA ALA B 298 48.05 15.66 52.95
C ALA B 298 46.88 14.95 53.67
N PHE B 299 45.67 15.01 53.07
CA PHE B 299 44.45 14.38 53.61
C PHE B 299 43.73 13.56 52.53
N ASN B 300 43.46 12.27 52.83
CA ASN B 300 42.76 11.36 51.93
C ASN B 300 41.27 11.41 52.26
N THR B 301 40.46 12.04 51.36
CA THR B 301 39.01 12.19 51.51
C THR B 301 38.26 10.85 51.42
N ASN B 302 38.79 9.92 50.59
CA ASN B 302 38.24 8.58 50.38
C ASN B 302 38.36 7.72 51.63
N ALA B 303 39.44 7.91 52.42
CA ALA B 303 39.70 7.17 53.66
C ALA B 303 39.36 7.97 54.93
N ASN B 304 39.10 9.30 54.79
CA ASN B 304 38.78 10.26 55.86
C ASN B 304 39.91 10.37 56.92
N ARG B 305 41.15 10.03 56.52
CA ARG B 305 42.34 10.07 57.38
C ARG B 305 43.49 10.83 56.70
N GLU B 306 44.21 11.66 57.47
CA GLU B 306 45.35 12.45 56.98
C GLU B 306 46.68 11.71 57.10
N GLU B 307 47.73 12.27 56.47
CA GLU B 307 49.11 11.76 56.49
C GLU B 307 50.10 12.91 56.29
N PRO B 308 50.87 13.30 57.34
CA PRO B 308 51.82 14.42 57.16
C PRO B 308 53.10 13.98 56.44
N VAL B 309 53.00 13.83 55.11
CA VAL B 309 54.10 13.42 54.24
C VAL B 309 54.90 14.63 53.75
N SER B 310 55.98 14.96 54.49
CA SER B 310 56.87 16.07 54.19
C SER B 310 57.75 15.72 52.98
N LEU B 311 57.23 16.02 51.78
CA LEU B 311 57.94 15.72 50.54
C LEU B 311 58.37 16.97 49.78
N ALA B 312 59.59 16.89 49.20
CA ALA B 312 60.26 17.96 48.44
C ALA B 312 59.46 18.57 47.30
N PHE B 313 59.58 19.89 47.16
CA PHE B 313 58.93 20.72 46.14
C PHE B 313 59.97 21.76 45.63
N PRO B 314 60.07 22.05 44.29
CA PRO B 314 61.05 23.03 43.83
C PRO B 314 60.79 24.44 44.34
N ASN B 315 61.76 24.98 45.12
CA ASN B 315 61.74 26.31 45.74
C ASN B 315 61.88 27.38 44.64
N PRO B 316 60.81 28.14 44.34
CA PRO B 316 60.92 29.13 43.27
C PRO B 316 61.35 30.51 43.78
N TYR B 317 60.39 31.36 44.19
CA TYR B 317 60.59 32.72 44.71
C TYR B 317 59.70 32.89 45.94
N GLN B 318 59.87 33.99 46.73
CA GLN B 318 59.09 34.23 47.94
C GLN B 318 57.60 34.55 47.67
N PHE B 319 57.24 34.82 46.40
CA PHE B 319 55.87 35.15 45.99
C PHE B 319 55.25 34.06 45.09
N VAL B 320 54.38 33.22 45.68
CA VAL B 320 53.67 32.15 44.98
C VAL B 320 52.19 32.53 44.81
N SER B 321 51.77 32.75 43.56
CA SER B 321 50.42 33.17 43.20
C SER B 321 49.38 32.03 43.21
N SER B 322 49.60 30.96 42.41
CA SER B 322 48.68 29.81 42.30
C SER B 322 49.41 28.49 41.95
N VAL B 323 48.93 27.36 42.52
CA VAL B 323 49.46 26.02 42.28
C VAL B 323 48.28 25.06 42.06
N ASP B 324 48.02 24.72 40.79
CA ASP B 324 46.92 23.80 40.46
C ASP B 324 47.41 22.59 39.67
N TYR B 325 46.78 21.42 39.91
CA TYR B 325 47.12 20.16 39.26
C TYR B 325 46.15 19.83 38.13
N ASN B 326 46.69 19.34 36.99
CA ASN B 326 45.95 18.91 35.81
C ASN B 326 46.03 17.37 35.73
N PRO B 327 44.90 16.64 35.82
CA PRO B 327 44.97 15.17 35.82
C PRO B 327 45.18 14.52 34.45
N ARG B 328 45.05 15.28 33.35
CA ARG B 328 45.23 14.74 32.00
C ARG B 328 46.71 14.44 31.71
N ASP B 329 47.57 15.45 31.87
CA ASP B 329 49.01 15.37 31.63
C ASP B 329 49.81 14.93 32.86
N ASN B 330 49.18 15.00 34.05
CA ASN B 330 49.78 14.67 35.36
C ASN B 330 50.94 15.63 35.68
N GLN B 331 50.70 16.94 35.43
CA GLN B 331 51.66 18.03 35.63
C GLN B 331 51.03 19.10 36.52
N LEU B 332 51.89 19.98 37.07
CA LEU B 332 51.47 21.08 37.94
C LEU B 332 51.62 22.43 37.24
N TYR B 333 50.50 23.15 37.08
CA TYR B 333 50.46 24.47 36.47
C TYR B 333 50.62 25.52 37.57
N VAL B 334 51.83 26.11 37.62
CA VAL B 334 52.24 27.07 38.65
C VAL B 334 52.53 28.47 38.11
N TRP B 335 51.82 29.47 38.64
CA TRP B 335 52.03 30.89 38.35
C TRP B 335 52.55 31.45 39.67
N ASN B 336 53.75 32.06 39.66
CA ASN B 336 54.37 32.61 40.86
C ASN B 336 55.41 33.68 40.55
N ASN B 337 55.23 34.89 41.12
CA ASN B 337 56.12 36.04 40.95
C ASN B 337 56.50 36.25 39.47
N TYR B 338 55.49 36.59 38.63
CA TYR B 338 55.57 36.80 37.17
C TYR B 338 55.81 35.51 36.37
N PHE B 339 56.78 34.70 36.79
CA PHE B 339 57.17 33.46 36.14
C PHE B 339 56.10 32.37 36.18
N VAL B 340 55.76 31.85 35.00
CA VAL B 340 54.78 30.78 34.80
C VAL B 340 55.54 29.47 34.48
N VAL B 341 55.19 28.37 35.17
CA VAL B 341 55.92 27.09 35.08
C VAL B 341 55.07 25.81 35.16
N ARG B 342 55.49 24.78 34.40
CA ARG B 342 54.94 23.42 34.41
C ARG B 342 55.92 22.59 35.25
N TYR B 343 55.45 21.47 35.84
CA TYR B 343 56.30 20.59 36.65
C TYR B 343 55.89 19.12 36.53
N SER B 344 56.80 18.25 36.06
CA SER B 344 56.52 16.81 35.97
C SER B 344 56.57 16.17 37.37
N LEU B 345 55.94 15.00 37.54
CA LEU B 345 55.85 14.38 38.88
C LEU B 345 56.39 12.95 38.97
N GLU B 346 56.77 12.53 40.20
CA GLU B 346 57.26 11.18 40.52
C GLU B 346 56.09 10.32 40.98
N PHE B 347 55.97 9.09 40.43
CA PHE B 347 54.90 8.15 40.74
C PHE B 347 55.39 6.80 41.25
C1 NAG C . 34.40 26.64 -9.32
C2 NAG C . 34.19 27.14 -7.88
C3 NAG C . 34.87 28.49 -7.67
C4 NAG C . 36.33 28.45 -8.13
C5 NAG C . 36.40 27.99 -9.58
C6 NAG C . 37.81 27.82 -10.09
C7 NAG C . 32.24 26.51 -6.53
C8 NAG C . 31.17 25.54 -6.92
N2 NAG C . 32.78 27.21 -7.52
O3 NAG C . 34.77 28.88 -6.31
O4 NAG C . 36.90 29.75 -7.98
O5 NAG C . 35.77 26.68 -9.70
O6 NAG C . 38.25 28.98 -10.79
O7 NAG C . 32.58 26.66 -5.36
C1 NAG C . 37.97 29.92 -7.03
C2 NAG C . 38.61 31.29 -7.26
C3 NAG C . 39.64 31.58 -6.17
C4 NAG C . 39.10 31.31 -4.78
C5 NAG C . 38.53 29.90 -4.70
C6 NAG C . 37.90 29.54 -3.37
C7 NAG C . 38.73 32.01 -9.62
C8 NAG C . 39.47 33.22 -10.05
N2 NAG C . 39.24 31.35 -8.57
O3 NAG C . 40.09 32.92 -6.30
O4 NAG C . 40.16 31.48 -3.83
O5 NAG C . 37.50 29.75 -5.70
O6 NAG C . 36.66 30.24 -3.17
O7 NAG C . 37.71 31.62 -10.19
C1 BMA C . 39.99 32.45 -2.81
C2 BMA C . 40.59 31.92 -1.51
C3 BMA C . 40.43 32.96 -0.39
C4 BMA C . 40.91 34.34 -0.81
C5 BMA C . 40.33 34.75 -2.17
C6 BMA C . 40.91 36.03 -2.74
O2 BMA C . 41.96 31.57 -1.71
O3 BMA C . 41.10 32.53 0.80
O4 BMA C . 40.54 35.30 0.19
O5 BMA C . 40.57 33.71 -3.15
O6 BMA C . 42.34 36.02 -2.70
C1 MAN C . 40.30 32.20 1.92
C2 MAN C . 41.08 32.50 3.20
C3 MAN C . 42.08 31.39 3.57
C4 MAN C . 41.46 30.00 3.45
C5 MAN C . 40.83 29.82 2.07
C6 MAN C . 40.14 28.49 1.87
O2 MAN C . 40.18 32.80 4.27
O3 MAN C . 42.58 31.60 4.89
O4 MAN C . 42.46 29.01 3.65
O5 MAN C . 39.82 30.83 1.87
O6 MAN C . 40.14 28.10 0.51
C1 MAN C . 40.29 34.10 4.82
C2 MAN C . 39.70 34.10 6.24
C3 MAN C . 38.17 34.06 6.21
C4 MAN C . 37.59 35.15 5.30
C5 MAN C . 38.22 35.06 3.90
C6 MAN C . 37.81 36.20 2.99
O2 MAN C . 40.19 35.21 6.97
O3 MAN C . 37.65 34.19 7.53
O4 MAN C . 36.18 34.98 5.20
O5 MAN C . 39.68 35.12 3.99
O6 MAN C . 38.49 37.41 3.30
C1 MAN C . 41.04 34.90 8.07
C2 MAN C . 40.94 36.03 9.11
C3 MAN C . 41.70 37.28 8.67
C4 MAN C . 43.12 36.96 8.19
C5 MAN C . 43.09 35.85 7.13
C6 MAN C . 44.46 35.39 6.69
O2 MAN C . 41.36 35.55 10.38
O3 MAN C . 41.75 38.22 9.75
O4 MAN C . 43.72 38.13 7.64
O5 MAN C . 42.40 34.68 7.66
O6 MAN C . 44.37 34.42 5.65
C1 MAN C . 42.96 36.51 -3.86
C2 MAN C . 44.31 35.82 -4.01
C3 MAN C . 45.34 36.31 -3.00
C4 MAN C . 45.39 37.85 -2.94
C5 MAN C . 43.99 38.45 -2.78
C6 MAN C . 43.97 39.96 -2.88
O2 MAN C . 44.76 35.94 -5.36
O3 MAN C . 46.62 35.77 -3.31
O4 MAN C . 46.21 38.25 -1.84
O5 MAN C . 43.11 37.95 -3.81
O6 MAN C . 42.66 40.49 -2.68
C1 MAN C . 47.31 35.02 -2.31
C2 MAN C . 48.79 34.98 -2.65
C3 MAN C . 49.13 33.98 -3.77
C4 MAN C . 48.47 32.62 -3.52
C5 MAN C . 46.96 32.77 -3.25
C6 MAN C . 46.28 31.48 -2.88
O2 MAN C . 49.56 34.74 -1.47
O3 MAN C . 50.54 33.84 -3.90
O4 MAN C . 48.67 31.78 -4.66
O5 MAN C . 46.76 33.69 -2.14
O6 MAN C . 44.87 31.68 -2.67
C1 NAG D . -26.78 -1.81 18.53
C2 NAG D . -26.99 -0.68 19.56
C3 NAG D . -26.34 -1.05 20.90
C4 NAG D . -26.77 -2.44 21.38
C5 NAG D . -26.55 -3.48 20.27
C6 NAG D . -27.09 -4.85 20.60
C7 NAG D . -27.20 1.60 18.65
C8 NAG D . -26.51 2.93 18.61
N2 NAG D . -26.46 0.57 19.07
O3 NAG D . -26.65 -0.07 21.86
O4 NAG D . -26.00 -2.78 22.53
O5 NAG D . -27.21 -3.06 19.05
O6 NAG D . -28.51 -4.94 20.44
O7 NAG D . -28.37 1.47 18.31
C1 NAG D . -26.65 -2.93 23.79
C2 NAG D . -25.95 -4.06 24.56
C3 NAG D . -26.52 -4.17 25.98
C4 NAG D . -26.52 -2.81 26.69
C5 NAG D . -27.27 -1.79 25.83
C6 NAG D . -27.26 -0.40 26.42
C7 NAG D . -25.08 -6.22 23.78
C8 NAG D . -25.36 -7.58 24.35
N2 NAG D . -26.06 -5.33 23.88
O3 NAG D . -25.78 -5.13 26.73
O4 NAG D . -27.17 -2.95 27.95
O5 NAG D . -26.66 -1.71 24.53
O6 NAG D . -28.06 -0.32 27.60
O7 NAG D . -24.00 -5.95 23.24
C1 NAG E . -1.12 -23.30 -3.52
C2 NAG E . 0.23 -23.44 -2.83
C3 NAG E . 1.36 -23.05 -3.79
C4 NAG E . 1.24 -23.69 -5.17
C5 NAG E . -0.18 -23.49 -5.71
C6 NAG E . -0.44 -24.23 -7.01
C7 NAG E . 0.01 -23.03 -0.41
C8 NAG E . 1.17 -23.40 0.46
N2 NAG E . 0.31 -22.61 -1.63
O3 NAG E . 2.62 -23.37 -3.19
O4 NAG E . 2.16 -23.05 -6.04
O5 NAG E . -1.16 -23.98 -4.77
O6 NAG E . -1.78 -24.05 -7.45
O7 NAG E . -1.15 -23.07 0.01
C1 NAG E . 3.30 -23.77 -6.50
C2 NAG E . 3.74 -23.15 -7.84
C3 NAG E . 5.07 -23.75 -8.30
C4 NAG E . 6.11 -23.73 -7.19
C5 NAG E . 5.55 -24.41 -5.94
C6 NAG E . 6.49 -24.37 -4.75
C7 NAG E . 2.34 -22.37 -9.71
C8 NAG E . 2.61 -22.65 -11.17
N2 NAG E . 2.72 -23.32 -8.85
O3 NAG E . 5.53 -23.04 -9.44
O4 NAG E . 7.27 -24.42 -7.64
O5 NAG E . 4.34 -23.73 -5.54
O6 NAG E . 5.93 -25.06 -3.64
O7 NAG E . 1.79 -21.34 -9.34
C1 NAG F . -7.62 16.92 25.39
C2 NAG F . -8.79 17.77 24.86
C3 NAG F . -9.08 18.94 25.80
C4 NAG F . -9.21 18.48 27.25
C5 NAG F . -7.98 17.67 27.65
C6 NAG F . -8.08 17.07 29.04
C7 NAG F . -9.35 18.08 22.49
C8 NAG F . -9.63 19.29 21.65
N2 NAG F . -8.53 18.24 23.52
O3 NAG F . -10.25 19.60 25.36
O4 NAG F . -9.33 19.64 28.09
O5 NAG F . -7.81 16.57 26.74
O6 NAG F . -6.96 16.25 29.34
O7 NAG F . -9.84 16.98 22.21
C1 NAG F . -10.57 19.88 28.74
C2 NAG F . -10.28 20.50 30.11
C3 NAG F . -11.58 20.96 30.78
C4 NAG F . -12.45 21.78 29.83
C5 NAG F . -12.68 21.00 28.53
C6 NAG F . -13.48 21.75 27.50
C7 NAG F . -8.46 19.82 31.63
C8 NAG F . -8.58 19.97 33.11
N2 NAG F . -9.60 19.56 30.98
O3 NAG F . -11.28 21.71 31.95
O4 NAG F . -13.70 22.03 30.48
O5 NAG F . -11.41 20.69 27.94
O6 NAG F . -13.76 20.93 26.36
O7 NAG F . -7.39 19.93 31.05
C1 NAG G . -8.38 39.86 -23.94
C2 NAG G . -8.11 38.93 -25.14
C3 NAG G . -7.33 39.69 -26.22
C4 NAG G . -7.98 41.02 -26.58
C5 NAG G . -8.22 41.83 -25.30
C6 NAG G . -8.97 43.13 -25.53
C7 NAG G . -7.98 36.55 -24.53
C8 NAG G . -7.48 35.42 -25.38
N2 NAG G . -7.40 37.73 -24.73
O3 NAG G . -7.17 38.87 -27.37
O4 NAG G . -7.10 41.73 -27.45
O5 NAG G . -9.00 41.07 -24.36
O6 NAG G . -10.32 42.90 -25.95
O7 NAG G . -8.84 36.38 -23.67
C1 NAG G . -7.56 42.15 -28.74
C2 NAG G . -6.56 43.18 -29.27
C3 NAG G . -6.89 43.59 -30.71
C4 NAG G . -7.11 42.37 -31.61
C5 NAG G . -8.15 41.43 -30.97
C6 NAG G . -8.37 40.16 -31.75
C7 NAG G . -5.31 44.91 -28.05
C8 NAG G . -5.10 46.33 -28.50
N2 NAG G . -6.47 44.35 -28.41
O3 NAG G . -5.86 44.42 -31.23
O4 NAG G . -7.58 42.80 -32.89
O5 NAG G . -7.71 41.06 -29.65
O6 NAG G . -7.19 39.35 -31.79
O7 NAG G . -4.48 44.31 -27.37
C1 NAG H . -24.83 34.39 -26.79
C2 NAG H . -23.97 34.37 -25.51
C3 NAG H . -24.06 35.72 -24.80
C4 NAG H . -23.74 36.88 -25.74
C5 NAG H . -24.57 36.77 -27.03
C6 NAG H . -24.17 37.77 -28.09
C7 NAG H . -23.47 32.52 -23.97
C8 NAG H . -23.56 32.56 -22.47
N2 NAG H . -24.34 33.27 -24.63
O3 NAG H . -23.20 35.73 -23.67
O4 NAG H . -24.04 38.10 -25.08
O5 NAG H . -24.44 35.47 -27.62
O6 NAG H . -22.91 37.44 -28.68
O7 NAG H . -22.63 31.82 -24.54
C1 NAG H . -22.97 38.99 -24.77
C2 NAG H . -23.49 40.44 -24.90
C3 NAG H . -22.41 41.43 -24.47
C4 NAG H . -21.82 41.08 -23.11
C5 NAG H . -21.37 39.61 -23.09
C6 NAG H . -20.89 39.15 -21.74
C7 NAG H . -25.15 41.16 -26.56
C8 NAG H . -25.24 42.58 -27.04
N2 NAG H . -23.93 40.73 -26.25
O3 NAG H . -22.94 42.74 -24.47
O4 NAG H . -20.70 41.93 -22.87
O5 NAG H . -22.47 38.75 -23.46
O6 NAG H . -21.97 38.87 -20.84
O7 NAG H . -26.14 40.44 -26.46
C1 NAG I . -51.45 -45.55 -12.49
C2 NAG I . -52.94 -45.58 -12.18
C3 NAG I . -53.18 -45.97 -10.72
C4 NAG I . -52.43 -47.26 -10.36
C5 NAG I . -50.95 -47.12 -10.73
C6 NAG I . -50.14 -48.39 -10.51
C7 NAG I . -54.43 -44.16 -13.52
C8 NAG I . -55.87 -43.98 -13.18
N2 NAG I . -53.60 -44.32 -12.48
O3 NAG I . -54.56 -46.10 -10.45
O4 NAG I . -52.54 -47.48 -8.96
O5 NAG I . -50.82 -46.77 -12.13
O6 NAG I . -50.46 -49.41 -11.44
O7 NAG I . -54.02 -44.14 -14.68
C1 NAG J . -19.31 -1.02 -28.94
C2 NAG J . -19.18 -0.16 -30.20
C3 NAG J . -18.94 -1.03 -31.43
C4 NAG J . -17.83 -2.06 -31.19
C5 NAG J . -18.13 -2.86 -29.92
C6 NAG J . -17.04 -3.85 -29.56
C7 NAG J . -20.49 1.93 -29.96
C8 NAG J . -21.73 2.22 -29.18
N2 NAG J . -20.35 0.67 -30.40
O3 NAG J . -18.64 -0.22 -32.55
O4 NAG J . -17.79 -2.95 -32.32
O5 NAG J . -18.26 -1.96 -28.80
O6 NAG J . -17.18 -5.06 -30.30
O7 NAG J . -19.65 2.80 -30.18
C1 NAG K . 8.20 -18.23 2.01
C2 NAG K . 8.97 -19.45 1.49
C3 NAG K . 9.35 -20.39 2.63
C4 NAG K . 9.97 -19.65 3.81
C5 NAG K . 9.08 -18.48 4.23
C6 NAG K . 9.67 -17.64 5.34
C7 NAG K . 7.05 -20.40 0.21
C8 NAG K . 6.42 -19.74 -0.98
N2 NAG K . 8.35 -20.15 0.39
O3 NAG K . 10.24 -21.38 2.14
O4 NAG K . 10.09 -20.56 4.91
O5 NAG K . 8.87 -17.60 3.09
O6 NAG K . 9.61 -18.31 6.59
O7 NAG K . 6.41 -21.14 0.96
C1 NAG L . 30.69 40.74 21.19
C2 NAG L . 31.38 41.49 20.04
C3 NAG L . 32.05 42.76 20.56
C4 NAG L . 31.11 43.60 21.43
C5 NAG L . 30.54 42.73 22.54
C6 NAG L . 29.53 43.45 23.41
C7 NAG L . 32.31 40.41 18.04
C8 NAG L . 33.37 41.08 17.22
N2 NAG L . 32.34 40.65 19.36
O3 NAG L . 32.54 43.53 19.46
O4 NAG L . 31.84 44.69 21.99
O5 NAG L . 29.87 41.58 21.99
O6 NAG L . 28.30 43.68 22.73
O7 NAG L . 31.48 39.67 17.53
C1 NAG M . -27.59 -40.32 21.06
C2 NAG M . -29.07 -40.23 21.42
C3 NAG M . -29.27 -39.69 22.84
C4 NAG M . -28.37 -40.40 23.84
C5 NAG M . -26.92 -40.35 23.38
C6 NAG M . -25.97 -41.10 24.29
C7 NAG M . -30.48 -39.83 19.41
C8 NAG M . -31.70 -39.04 19.06
N2 NAG M . -29.78 -39.40 20.47
O3 NAG M . -30.63 -39.80 23.20
O4 NAG M . -28.49 -39.74 25.10
O5 NAG M . -26.81 -40.97 22.07
O6 NAG M . -25.66 -40.33 25.46
O7 NAG M . -30.13 -40.82 18.76
CA CA N . 45.27 25.39 44.23
#